data_5EWL
#
_entry.id   5EWL
#
_cell.length_a   268.880
_cell.length_b   59.940
_cell.length_c   144.450
_cell.angle_alpha   90.00
_cell.angle_beta   116.51
_cell.angle_gamma   90.00
#
_symmetry.space_group_name_H-M   'C 1 2 1'
#
loop_
_entity.id
_entity.type
_entity.pdbx_description
1 polymer 'NMDA glutamate receptor subunit'
2 polymer 'Glutamate receptor ionotropic, NMDA 2B'
3 branched alpha-D-mannopyranose-(1-3)-[alpha-D-mannopyranose-(1-6)]beta-D-mannopyranose-(1-4)-2-acetamido-2-deoxy-beta-D-glucopyranose-(1-4)-2-acetamido-2-deoxy-beta-D-glucopyranose
4 non-polymer 'SODIUM ION'
5 non-polymer 2-acetamido-2-deoxy-beta-D-glucopyranose
6 non-polymer ~{N}-[(1~{S},3~{S})-3-[3-[(4-methylphenyl)methyl]-1,2,4-oxadiazol-5-yl]cyclopentyl]-1~{H}-pyrazolo[3,4-d]pyrimidin-4-amine
7 water water
#
loop_
_entity_poly.entity_id
_entity_poly.type
_entity_poly.pdbx_seq_one_letter_code
_entity_poly.pdbx_strand_id
1 'polypeptide(L)'
;DPKIVNIGAVLSTKKHEQIFREAVNQANKRHFTRKIQLQATSVTHRPNAIQMALSVCEDLISSQVYAILVSHPPAPTDHL
TPTPISYTAGFYRIPVIGLTTRMSIYSDKSIHLSFLRTVPPYSHQALVWFEMMRLFNWNHVILIVSDDHEGRAAQKKLET
LLEGKESKSKKRNYENLDQLSYDNKRGPKADKVLQFEPGTKNLTALLLEAKELEARVIILSASEDDATAVYKSAAMLDMT
GAGYVWLVGEREISGSALRYAPDGIIGLQLINGKNESAHISDAVAVVAQAIHELFEMENITDPPRGCVGNTNIWKTGPLF
KRVLMSSKYPDGVTGRIEFNEDGDRKFAQYSIMNLQNRKLVQVGIFNGSYIIQNDRKIIWPGGETELVPR
;
A,C
2 'polypeptide(L)'
;SPPSIGIAVILVGTSDEVAIKDAHEKDDFHHLSVVPRVELVAMNETDPKSIITRICDLMSDRKIQGVVFADDTDQEAIAQ
ILDFISAQTLTPILGIHGGSSMIMADKDESSMFFQFGPSIEQQASVMLNIMEEYDWYIFSIVTTYFPGYQDFVNKIRSTI
ENSFVGWELEEVLLLDMSLDDGDSKIQNQLKKLQSPIILLYCTKEEATYIFEVANSVGLTGYGYTWIVPSLVAGDTDTVP
AEFPTGLISVSYDEWDYGLPARVRDGIAIITTAASDMLSEHSFIPEPKSSCYNTHEKRIYQSNMLNRYLINVTFEGRDLS
FSEDGYQMHPKLVIILLNKERKWERVGKWKDKSLQMKYYVWPRM
;
B,D
#
loop_
_chem_comp.id
_chem_comp.type
_chem_comp.name
_chem_comp.formula
5SL non-polymer ~{N}-[(1~{S},3~{S})-3-[3-[(4-methylphenyl)methyl]-1,2,4-oxadiazol-5-yl]cyclopentyl]-1~{H}-pyrazolo[3,4-d]pyrimidin-4-amine 'C20 H21 N7 O'
BMA D-saccharide, beta linking beta-D-mannopyranose 'C6 H12 O6'
MAN D-saccharide, alpha linking alpha-D-mannopyranose 'C6 H12 O6'
NA non-polymer 'SODIUM ION' 'Na 1'
NAG D-saccharide, beta linking 2-acetamido-2-deoxy-beta-D-glucopyranose 'C8 H15 N O6'
#
# COMPACT_ATOMS: atom_id res chain seq x y z
N ASP A 1 35.30 37.57 34.52
CA ASP A 1 33.97 37.28 33.98
C ASP A 1 33.89 37.51 32.43
N PRO A 2 34.31 36.52 31.58
CA PRO A 2 34.21 36.71 30.13
C PRO A 2 32.81 36.36 29.63
N LYS A 3 32.57 36.63 28.33
CA LYS A 3 31.35 36.36 27.61
C LYS A 3 31.40 34.90 27.11
N ILE A 4 30.39 34.10 27.46
CA ILE A 4 30.38 32.72 27.00
C ILE A 4 29.69 32.61 25.65
N VAL A 5 30.50 32.26 24.63
CA VAL A 5 30.14 32.03 23.21
C VAL A 5 30.09 30.53 23.00
N ASN A 6 28.88 29.99 22.76
CA ASN A 6 28.69 28.53 22.59
C ASN A 6 28.95 28.07 21.19
N ILE A 7 29.57 26.89 21.08
CA ILE A 7 29.80 26.18 19.83
C ILE A 7 29.06 24.86 19.97
N GLY A 8 28.22 24.56 18.98
CA GLY A 8 27.41 23.35 18.96
C GLY A 8 27.98 22.26 18.09
N ALA A 9 27.57 21.01 18.34
CA ALA A 9 27.99 19.87 17.55
C ALA A 9 26.97 18.71 17.55
N VAL A 10 26.82 18.03 16.39
CA VAL A 10 26.02 16.84 16.21
C VAL A 10 27.03 15.79 15.79
N LEU A 11 27.42 14.93 16.75
CA LEU A 11 28.52 13.96 16.59
C LEU A 11 28.07 12.52 16.67
N SER A 12 28.94 11.59 16.27
CA SER A 12 28.58 10.16 16.23
C SER A 12 28.38 9.51 17.56
N THR A 13 29.25 9.73 18.54
CA THR A 13 29.23 9.05 19.84
C THR A 13 29.49 9.99 21.05
N LYS A 14 29.39 9.43 22.30
CA LYS A 14 29.72 10.16 23.51
C LYS A 14 31.28 10.37 23.56
N LYS A 15 32.14 9.40 23.01
CA LYS A 15 33.62 9.56 22.95
C LYS A 15 33.90 10.79 22.12
N HIS A 16 33.15 10.94 21.01
CA HIS A 16 33.32 12.09 20.14
C HIS A 16 32.82 13.33 20.82
N GLU A 17 31.81 13.19 21.69
CA GLU A 17 31.30 14.36 22.39
C GLU A 17 32.36 14.84 23.36
N GLN A 18 33.09 13.87 24.02
CA GLN A 18 34.15 14.18 24.97
C GLN A 18 35.38 14.80 24.26
N ILE A 19 35.77 14.25 23.09
CA ILE A 19 36.83 14.81 22.21
C ILE A 19 36.51 16.28 21.84
N PHE A 20 35.21 16.61 21.56
CA PHE A 20 34.77 17.98 21.22
C PHE A 20 34.92 18.89 22.41
N ARG A 21 34.44 18.44 23.56
CA ARG A 21 34.48 19.15 24.82
C ARG A 21 35.97 19.44 25.18
N GLU A 22 36.87 18.50 24.86
CA GLU A 22 38.31 18.67 25.11
C GLU A 22 38.95 19.68 24.14
N ALA A 23 38.58 19.61 22.85
CA ALA A 23 39.07 20.47 21.79
C ALA A 23 38.72 21.90 22.13
N VAL A 24 37.48 22.16 22.58
CA VAL A 24 37.03 23.49 22.94
C VAL A 24 37.80 23.94 24.18
N ASN A 25 37.98 23.05 25.16
CA ASN A 25 38.73 23.40 26.38
C ASN A 25 40.13 23.89 26.03
N GLN A 26 40.87 23.07 25.27
CA GLN A 26 42.22 23.38 24.78
C GLN A 26 42.28 24.71 24.07
N ALA A 27 41.28 25.01 23.19
CA ALA A 27 41.16 26.28 22.47
C ALA A 27 41.19 27.48 23.48
N ASN A 28 40.33 27.39 24.55
CA ASN A 28 40.23 28.35 25.61
C ASN A 28 41.55 28.44 26.33
N LYS A 29 42.22 27.31 26.46
CA LYS A 29 43.56 27.29 27.08
C LYS A 29 44.57 28.08 26.24
N ARG A 30 44.60 27.84 24.90
CA ARG A 30 45.55 28.42 23.95
C ARG A 30 45.24 29.90 23.53
N HIS A 31 43.99 30.38 23.69
CA HIS A 31 43.60 31.74 23.30
C HIS A 31 43.48 32.67 24.48
N PHE A 32 43.48 33.98 24.18
CA PHE A 32 43.24 35.00 25.20
C PHE A 32 41.73 35.04 25.33
N THR A 33 41.25 34.56 26.48
CA THR A 33 39.83 34.40 26.75
C THR A 33 39.36 35.26 27.94
N ARG A 34 39.91 36.47 28.09
CA ARG A 34 39.48 37.40 29.15
C ARG A 34 38.11 37.96 28.78
N LYS A 35 37.92 38.25 27.48
CA LYS A 35 36.74 38.87 26.89
C LYS A 35 35.73 37.82 26.42
N ILE A 36 36.18 36.83 25.63
CA ILE A 36 35.25 35.83 25.12
C ILE A 36 35.81 34.42 25.38
N GLN A 37 34.96 33.54 25.90
CA GLN A 37 35.32 32.16 26.21
C GLN A 37 34.33 31.21 25.57
N LEU A 38 34.83 30.14 24.96
CA LEU A 38 33.99 29.14 24.31
C LEU A 38 33.39 28.12 25.26
N GLN A 39 32.23 27.60 24.88
CA GLN A 39 31.52 26.56 25.61
C GLN A 39 30.99 25.57 24.63
N ALA A 40 31.37 24.31 24.81
CA ALA A 40 30.91 23.26 23.93
C ALA A 40 29.52 22.79 24.35
N THR A 41 28.61 22.65 23.39
CA THR A 41 27.23 22.17 23.51
C THR A 41 27.12 21.09 22.45
N SER A 42 26.64 19.90 22.79
CA SER A 42 26.57 18.84 21.76
C SER A 42 25.52 17.81 22.00
N VAL A 43 25.17 17.07 20.91
CA VAL A 43 24.25 15.93 20.86
C VAL A 43 24.81 14.91 19.87
N THR A 44 24.28 13.70 19.91
CA THR A 44 24.61 12.65 18.95
C THR A 44 23.48 12.60 17.94
N HIS A 45 23.68 11.95 16.77
CA HIS A 45 22.61 11.88 15.77
C HIS A 45 21.32 11.22 16.25
N ARG A 46 20.17 11.75 15.81
CA ARG A 46 18.84 11.22 16.18
C ARG A 46 18.43 10.07 15.24
N PRO A 47 17.44 9.23 15.63
CA PRO A 47 17.09 8.08 14.76
C PRO A 47 16.56 8.48 13.39
N ASN A 48 15.85 9.61 13.31
CA ASN A 48 15.27 10.11 12.09
C ASN A 48 15.46 11.64 11.96
N ALA A 49 15.17 12.17 10.73
CA ALA A 49 15.34 13.58 10.37
C ALA A 49 14.49 14.56 11.16
N ILE A 50 13.19 14.23 11.42
CA ILE A 50 12.31 15.12 12.20
C ILE A 50 12.90 15.32 13.61
N GLN A 51 13.21 14.21 14.29
CA GLN A 51 13.80 14.21 15.62
C GLN A 51 15.15 14.98 15.62
N MET A 52 16.00 14.78 14.57
CA MET A 52 17.26 15.49 14.45
C MET A 52 17.05 17.00 14.36
N ALA A 53 16.10 17.46 13.51
CA ALA A 53 15.80 18.88 13.36
C ALA A 53 15.35 19.47 14.70
N LEU A 54 14.50 18.71 15.41
CA LEU A 54 13.95 19.12 16.69
C LEU A 54 15.05 19.22 17.72
N SER A 55 16.01 18.30 17.66
CA SER A 55 17.15 18.24 18.55
C SER A 55 17.99 19.51 18.39
N VAL A 56 18.25 19.95 17.14
CA VAL A 56 19.03 21.15 16.86
C VAL A 56 18.42 22.35 17.62
N CYS A 57 17.10 22.52 17.52
CA CYS A 57 16.34 23.60 18.15
C CYS A 57 16.40 23.51 19.66
N GLU A 58 16.06 22.33 20.21
CA GLU A 58 15.95 22.06 21.64
C GLU A 58 17.26 22.01 22.35
N ASP A 59 18.28 21.47 21.71
CA ASP A 59 19.54 21.24 22.37
C ASP A 59 20.66 22.18 21.97
N LEU A 60 20.67 22.69 20.73
CA LEU A 60 21.75 23.58 20.32
C LEU A 60 21.34 25.04 20.14
N ILE A 61 20.29 25.36 19.35
CA ILE A 61 19.88 26.76 19.10
C ILE A 61 19.34 27.35 20.39
N SER A 62 18.85 26.48 21.29
CA SER A 62 18.38 26.87 22.61
C SER A 62 19.54 27.44 23.44
N SER A 63 20.78 27.05 23.11
CA SER A 63 21.97 27.49 23.80
C SER A 63 22.65 28.62 23.07
N GLN A 64 22.01 29.20 22.02
CA GLN A 64 22.58 30.29 21.20
C GLN A 64 24.00 29.98 20.65
N VAL A 65 24.12 28.85 19.93
CA VAL A 65 25.37 28.40 19.33
C VAL A 65 25.73 29.34 18.19
N TYR A 66 27.02 29.58 17.99
CA TYR A 66 27.54 30.45 16.92
C TYR A 66 27.78 29.69 15.62
N ALA A 67 28.00 28.37 15.73
CA ALA A 67 28.27 27.43 14.64
C ALA A 67 27.90 26.03 15.13
N ILE A 68 27.64 25.14 14.18
CA ILE A 68 27.33 23.75 14.51
C ILE A 68 28.28 22.84 13.71
N LEU A 69 29.01 22.00 14.40
CA LEU A 69 29.88 21.02 13.78
C LEU A 69 29.01 19.78 13.53
N VAL A 70 29.13 19.15 12.36
CA VAL A 70 28.30 17.97 12.05
C VAL A 70 29.17 16.91 11.45
N SER A 71 29.16 15.72 12.06
CA SER A 71 29.86 14.57 11.52
C SER A 71 28.83 13.80 10.73
N HIS A 72 29.22 13.08 9.67
CA HIS A 72 28.32 12.24 8.88
C HIS A 72 27.84 11.07 9.78
N PRO A 73 26.50 10.90 9.93
CA PRO A 73 25.97 9.85 10.87
C PRO A 73 26.45 8.41 10.62
N PRO A 74 26.64 7.59 11.69
CA PRO A 74 27.09 6.19 11.50
C PRO A 74 26.15 5.28 10.70
N LEU A 80 19.77 8.93 7.23
CA LEU A 80 20.17 10.12 7.98
C LEU A 80 21.36 10.89 7.33
N THR A 81 21.24 12.23 7.22
CA THR A 81 22.22 13.12 6.58
C THR A 81 22.38 14.45 7.31
N PRO A 82 23.44 15.25 7.04
CA PRO A 82 23.54 16.57 7.71
C PRO A 82 22.44 17.56 7.31
N THR A 83 21.59 17.23 6.30
CA THR A 83 20.58 18.13 5.75
C THR A 83 19.61 18.70 6.83
N PRO A 84 18.93 17.92 7.73
CA PRO A 84 18.08 18.56 8.75
C PRO A 84 18.85 19.57 9.59
N ILE A 85 20.15 19.30 9.85
CA ILE A 85 20.99 20.23 10.60
C ILE A 85 21.24 21.51 9.75
N SER A 86 21.66 21.30 8.49
CA SER A 86 21.93 22.34 7.52
C SER A 86 20.71 23.25 7.31
N TYR A 87 19.49 22.69 7.15
CA TYR A 87 18.28 23.48 6.99
C TYR A 87 17.90 24.28 8.25
N THR A 88 17.84 23.63 9.43
CA THR A 88 17.50 24.32 10.68
C THR A 88 18.48 25.48 10.99
N ALA A 89 19.79 25.19 10.89
CA ALA A 89 20.81 26.19 11.14
C ALA A 89 20.81 27.26 10.04
N GLY A 90 20.58 26.85 8.79
CA GLY A 90 20.54 27.72 7.63
C GLY A 90 19.45 28.76 7.72
N PHE A 91 18.28 28.32 8.24
CA PHE A 91 17.11 29.16 8.50
C PHE A 91 17.50 30.42 9.28
N TYR A 92 18.43 30.30 10.27
CA TYR A 92 18.90 31.40 11.10
C TYR A 92 20.23 31.95 10.64
N ARG A 93 20.85 31.35 9.60
CA ARG A 93 22.15 31.73 9.02
C ARG A 93 23.30 31.42 9.97
N ILE A 94 23.09 30.37 10.79
CA ILE A 94 24.09 29.83 11.71
C ILE A 94 24.97 28.87 10.87
N PRO A 95 26.29 29.18 10.77
CA PRO A 95 27.20 28.32 10.00
C PRO A 95 27.29 26.88 10.51
N VAL A 96 27.34 25.94 9.56
CA VAL A 96 27.49 24.51 9.79
C VAL A 96 28.85 24.06 9.22
N ILE A 97 29.59 23.25 10.01
CA ILE A 97 30.88 22.74 9.62
C ILE A 97 30.76 21.21 9.52
N GLY A 98 30.71 20.71 8.28
CA GLY A 98 30.68 19.29 7.98
C GLY A 98 32.06 18.72 8.23
N LEU A 99 32.14 17.62 8.98
CA LEU A 99 33.44 17.03 9.32
C LEU A 99 33.76 15.87 8.44
N THR A 100 32.77 15.05 8.04
CA THR A 100 33.07 13.85 7.26
C THR A 100 32.20 13.65 6.03
N THR A 101 31.23 14.53 5.77
CA THR A 101 30.35 14.45 4.58
C THR A 101 31.07 14.81 3.29
N ARG A 102 31.10 13.85 2.37
CA ARG A 102 31.83 14.00 1.10
C ARG A 102 30.96 14.23 -0.11
N MET A 103 29.65 14.08 0.05
CA MET A 103 28.72 14.24 -1.06
C MET A 103 28.76 15.67 -1.60
N SER A 104 28.93 15.80 -2.93
CA SER A 104 29.07 17.10 -3.60
C SER A 104 27.85 18.04 -3.46
N ILE A 105 26.64 17.48 -3.18
CA ILE A 105 25.44 18.32 -3.04
C ILE A 105 25.57 19.35 -1.94
N TYR A 106 26.35 19.06 -0.86
CA TYR A 106 26.54 20.07 0.19
C TYR A 106 27.38 21.25 -0.30
N SER A 107 27.88 21.21 -1.56
CA SER A 107 28.60 22.36 -2.10
C SER A 107 27.62 23.36 -2.73
N ASP A 108 26.27 23.02 -2.72
CA ASP A 108 25.22 23.85 -3.30
C ASP A 108 24.77 25.00 -2.36
N LYS A 109 25.36 26.20 -2.58
CA LYS A 109 25.17 27.47 -1.86
C LYS A 109 23.70 27.90 -1.76
N SER A 110 22.85 27.44 -2.72
CA SER A 110 21.41 27.76 -2.79
C SER A 110 20.64 27.03 -1.68
N ILE A 111 20.91 25.73 -1.53
CA ILE A 111 20.24 24.83 -0.61
C ILE A 111 21.01 24.77 0.78
N HIS A 112 22.34 24.69 0.71
CA HIS A 112 23.23 24.64 1.85
C HIS A 112 23.92 26.01 1.92
N LEU A 113 23.16 27.00 2.43
CA LEU A 113 23.47 28.44 2.39
C LEU A 113 24.39 28.94 3.48
N SER A 114 24.80 28.06 4.41
CA SER A 114 25.79 28.42 5.43
C SER A 114 26.56 27.19 5.90
N PHE A 115 27.32 26.58 4.95
CA PHE A 115 27.95 25.30 5.19
C PHE A 115 29.40 25.29 4.71
N LEU A 116 30.28 24.78 5.56
CA LEU A 116 31.72 24.68 5.31
C LEU A 116 32.10 23.31 5.70
N ARG A 117 33.14 22.72 5.08
CA ARG A 117 33.52 21.36 5.44
C ARG A 117 34.99 21.18 5.45
N THR A 118 35.51 20.45 6.45
CA THR A 118 36.93 20.17 6.63
C THR A 118 37.41 19.01 5.73
N VAL A 119 36.47 18.37 4.99
CA VAL A 119 36.71 17.31 4.00
C VAL A 119 36.28 17.82 2.62
N PRO A 120 37.00 17.51 1.54
CA PRO A 120 36.54 17.98 0.21
C PRO A 120 35.40 17.12 -0.32
N PRO A 121 34.53 17.59 -1.26
CA PRO A 121 33.52 16.67 -1.81
C PRO A 121 34.21 15.64 -2.73
N TYR A 122 33.59 14.49 -3.01
CA TYR A 122 34.21 13.51 -3.91
C TYR A 122 34.62 14.11 -5.26
N SER A 123 33.90 15.14 -5.77
CA SER A 123 34.16 15.73 -7.06
C SER A 123 35.57 16.28 -7.18
N HIS A 124 36.17 16.64 -6.03
CA HIS A 124 37.49 17.25 -5.93
C HIS A 124 38.65 16.27 -6.24
N GLN A 125 38.37 14.94 -6.33
CA GLN A 125 39.36 13.93 -6.69
C GLN A 125 39.82 14.17 -8.13
N ALA A 126 39.03 14.94 -8.92
CA ALA A 126 39.35 15.33 -10.28
C ALA A 126 40.65 16.13 -10.30
N LEU A 127 40.99 16.85 -9.17
CA LEU A 127 42.25 17.62 -9.02
C LEU A 127 43.43 16.65 -8.98
N VAL A 128 43.23 15.46 -8.39
CA VAL A 128 44.26 14.45 -8.30
C VAL A 128 44.43 13.81 -9.64
N TRP A 129 43.32 13.42 -10.31
CA TRP A 129 43.35 12.75 -11.62
C TRP A 129 44.06 13.61 -12.64
N PHE A 130 43.85 14.93 -12.55
CA PHE A 130 44.43 15.92 -13.44
C PHE A 130 45.96 15.95 -13.30
N GLU A 131 46.46 15.96 -12.04
CA GLU A 131 47.88 15.95 -11.73
C GLU A 131 48.52 14.66 -12.18
N MET A 132 47.78 13.55 -12.04
CA MET A 132 48.13 12.20 -12.43
C MET A 132 48.28 12.16 -13.93
N MET A 133 47.32 12.76 -14.67
CA MET A 133 47.34 12.86 -16.13
C MET A 133 48.54 13.63 -16.61
N ARG A 134 48.91 14.71 -15.91
CA ARG A 134 50.09 15.53 -16.23
C ARG A 134 51.39 14.75 -16.02
N LEU A 135 51.46 14.01 -14.91
CA LEU A 135 52.60 13.19 -14.50
C LEU A 135 52.87 11.98 -15.44
N PHE A 136 51.83 11.22 -15.78
CA PHE A 136 51.96 10.01 -16.60
C PHE A 136 51.69 10.25 -18.08
N ASN A 137 51.47 11.52 -18.44
CA ASN A 137 51.22 12.01 -19.79
C ASN A 137 50.11 11.24 -20.48
N TRP A 138 48.95 11.28 -19.80
CA TRP A 138 47.66 10.74 -20.23
C TRP A 138 46.93 11.96 -20.77
N ASN A 139 47.24 12.29 -22.03
CA ASN A 139 46.71 13.45 -22.73
C ASN A 139 45.32 13.20 -23.33
N HIS A 140 44.90 11.92 -23.45
CA HIS A 140 43.57 11.55 -23.96
C HIS A 140 42.90 10.57 -23.01
N VAL A 141 41.76 10.97 -22.42
CA VAL A 141 41.05 10.14 -21.44
C VAL A 141 39.58 9.94 -21.80
N ILE A 142 39.00 8.84 -21.32
CA ILE A 142 37.58 8.52 -21.45
C ILE A 142 37.02 8.66 -20.03
N LEU A 143 35.99 9.46 -19.88
CA LEU A 143 35.39 9.65 -18.57
C LEU A 143 34.03 8.99 -18.52
N ILE A 144 33.85 8.03 -17.59
CA ILE A 144 32.59 7.33 -17.35
C ILE A 144 32.03 7.80 -16.00
N VAL A 145 30.83 8.33 -16.00
CA VAL A 145 30.19 8.86 -14.80
C VAL A 145 28.77 8.36 -14.68
N SER A 146 28.26 8.30 -13.46
CA SER A 146 26.87 7.93 -13.23
C SER A 146 26.03 9.18 -13.49
N ASP A 147 24.80 9.03 -14.01
CA ASP A 147 23.96 10.18 -14.29
C ASP A 147 23.13 10.53 -13.03
N ASP A 148 23.86 11.00 -12.03
CA ASP A 148 23.40 11.46 -10.74
C ASP A 148 24.20 12.71 -10.40
N HIS A 149 23.80 13.42 -9.35
CA HIS A 149 24.43 14.66 -8.94
C HIS A 149 25.90 14.48 -8.75
N GLU A 150 26.29 13.37 -8.10
CA GLU A 150 27.68 13.02 -7.79
C GLU A 150 28.54 12.86 -9.03
N GLY A 151 28.11 12.01 -9.95
CA GLY A 151 28.80 11.74 -11.20
C GLY A 151 28.97 12.99 -12.06
N ARG A 152 27.92 13.81 -12.15
CA ARG A 152 27.96 15.05 -12.93
C ARG A 152 28.87 16.06 -12.27
N ALA A 153 28.93 16.08 -10.91
CA ALA A 153 29.83 16.97 -10.16
C ALA A 153 31.30 16.72 -10.54
N ALA A 154 31.68 15.43 -10.68
CA ALA A 154 33.02 15.02 -11.04
C ALA A 154 33.32 15.43 -12.45
N GLN A 155 32.36 15.22 -13.36
CA GLN A 155 32.53 15.60 -14.75
C GLN A 155 32.74 17.12 -14.86
N LYS A 156 31.74 17.89 -14.37
CA LYS A 156 31.76 19.34 -14.36
C LYS A 156 33.14 19.82 -13.82
N LYS A 157 33.67 19.20 -12.72
CA LYS A 157 34.95 19.59 -12.14
C LYS A 157 36.17 19.20 -13.05
N LEU A 158 36.24 17.93 -13.50
CA LEU A 158 37.34 17.52 -14.38
C LEU A 158 37.39 18.39 -15.66
N GLU A 159 36.22 18.61 -16.27
CA GLU A 159 36.05 19.45 -17.44
C GLU A 159 36.56 20.89 -17.24
N THR A 160 36.32 21.45 -16.06
CA THR A 160 36.77 22.78 -15.64
C THR A 160 38.29 22.86 -15.71
N LEU A 161 38.98 21.87 -15.10
CA LEU A 161 40.45 21.76 -15.05
C LEU A 161 41.04 21.57 -16.45
N LEU A 162 40.33 20.84 -17.32
CA LEU A 162 40.77 20.59 -18.69
C LEU A 162 40.51 21.79 -19.66
N GLU A 163 39.63 22.74 -19.27
CA GLU A 163 39.27 23.97 -20.01
C GLU A 163 39.60 25.23 -19.17
N GLY A 187 46.64 20.91 -23.83
CA GLY A 187 47.16 20.03 -22.77
C GLY A 187 46.45 18.69 -22.73
N PRO A 188 46.05 18.20 -21.52
CA PRO A 188 45.31 16.92 -21.47
C PRO A 188 43.82 17.15 -21.71
N LYS A 189 43.19 16.31 -22.56
CA LYS A 189 41.79 16.41 -22.97
C LYS A 189 40.99 15.12 -22.76
N ALA A 190 39.66 15.24 -22.57
CA ALA A 190 38.78 14.07 -22.42
C ALA A 190 38.09 13.80 -23.75
N ASP A 191 38.60 12.80 -24.48
CA ASP A 191 38.10 12.37 -25.79
C ASP A 191 36.58 12.11 -25.81
N LYS A 192 36.05 11.52 -24.74
CA LYS A 192 34.61 11.24 -24.60
C LYS A 192 34.22 11.15 -23.15
N VAL A 193 32.97 11.55 -22.86
CA VAL A 193 32.33 11.45 -21.55
C VAL A 193 31.09 10.58 -21.74
N LEU A 194 30.97 9.53 -20.94
CA LEU A 194 29.84 8.63 -21.03
C LEU A 194 29.13 8.57 -19.68
N GLN A 195 27.83 8.82 -19.69
CA GLN A 195 27.01 8.83 -18.48
C GLN A 195 26.13 7.62 -18.58
N PHE A 196 25.79 7.01 -17.44
CA PHE A 196 24.92 5.85 -17.43
C PHE A 196 23.87 6.01 -16.32
N GLU A 197 22.75 5.29 -16.41
CA GLU A 197 21.72 5.41 -15.39
C GLU A 197 22.13 4.67 -14.13
N PRO A 198 22.16 5.34 -12.97
CA PRO A 198 22.46 4.62 -11.72
C PRO A 198 21.47 3.45 -11.51
N GLY A 199 22.02 2.26 -11.26
CA GLY A 199 21.23 1.04 -11.07
C GLY A 199 21.24 0.11 -12.26
N THR A 200 21.79 0.56 -13.41
CA THR A 200 21.93 -0.26 -14.62
C THR A 200 22.98 -1.35 -14.33
N LYS A 201 22.57 -2.62 -14.47
CA LYS A 201 23.48 -3.74 -14.21
C LYS A 201 24.24 -4.17 -15.48
N ASN A 202 23.62 -4.02 -16.67
CA ASN A 202 24.30 -4.35 -17.93
C ASN A 202 24.72 -3.08 -18.68
N LEU A 203 26.02 -2.79 -18.62
CA LEU A 203 26.61 -1.59 -19.23
C LEU A 203 27.56 -1.92 -20.40
N THR A 204 27.31 -3.06 -21.10
CA THR A 204 28.21 -3.43 -22.19
C THR A 204 27.96 -2.54 -23.43
N ALA A 205 26.81 -1.87 -23.51
CA ALA A 205 26.54 -0.94 -24.61
C ALA A 205 27.39 0.35 -24.38
N LEU A 206 27.43 0.81 -23.11
CA LEU A 206 28.22 1.96 -22.68
C LEU A 206 29.70 1.66 -22.86
N LEU A 207 30.14 0.50 -22.35
CA LEU A 207 31.52 0.07 -22.40
C LEU A 207 32.01 -0.31 -23.79
N LEU A 208 31.10 -0.73 -24.69
CA LEU A 208 31.53 -1.06 -26.06
C LEU A 208 31.82 0.21 -26.82
N GLU A 209 31.02 1.26 -26.53
CA GLU A 209 31.18 2.61 -27.07
C GLU A 209 32.57 3.16 -26.68
N ALA A 210 32.98 2.91 -25.42
CA ALA A 210 34.27 3.28 -24.85
C ALA A 210 35.44 2.47 -25.46
N LYS A 211 35.22 1.17 -25.72
CA LYS A 211 36.24 0.28 -26.29
C LYS A 211 36.66 0.68 -27.72
N GLU A 212 35.70 1.22 -28.51
CA GLU A 212 35.88 1.66 -29.89
C GLU A 212 36.87 2.84 -30.04
N LEU A 213 37.00 3.67 -28.99
CA LEU A 213 37.89 4.84 -28.99
C LEU A 213 39.37 4.50 -28.86
N GLU A 214 40.24 5.41 -29.35
CA GLU A 214 41.70 5.27 -29.32
C GLU A 214 42.23 5.35 -27.91
N ALA A 215 41.62 6.22 -27.07
CA ALA A 215 41.99 6.40 -25.66
C ALA A 215 41.78 5.12 -24.85
N ARG A 216 42.79 4.78 -24.04
CA ARG A 216 42.79 3.62 -23.18
C ARG A 216 42.84 4.00 -21.68
N VAL A 217 42.80 5.30 -21.37
CA VAL A 217 42.75 5.74 -19.97
C VAL A 217 41.28 5.99 -19.66
N ILE A 218 40.73 5.18 -18.77
CA ILE A 218 39.35 5.27 -18.35
C ILE A 218 39.31 5.81 -16.92
N ILE A 219 38.56 6.89 -16.70
CA ILE A 219 38.34 7.53 -15.41
C ILE A 219 36.88 7.23 -15.08
N LEU A 220 36.61 6.80 -13.83
CA LEU A 220 35.27 6.42 -13.40
C LEU A 220 34.78 7.13 -12.17
N SER A 221 33.54 7.62 -12.24
CA SER A 221 32.87 8.27 -11.11
C SER A 221 31.52 7.58 -10.93
N ALA A 222 31.37 6.78 -9.89
CA ALA A 222 30.17 5.96 -9.63
C ALA A 222 30.15 5.48 -8.19
N SER A 223 28.95 5.22 -7.65
CA SER A 223 28.82 4.68 -6.31
C SER A 223 29.40 3.26 -6.30
N GLU A 224 29.69 2.74 -5.11
CA GLU A 224 30.25 1.41 -4.87
C GLU A 224 29.50 0.30 -5.66
N ASP A 225 28.15 0.26 -5.57
CA ASP A 225 27.33 -0.74 -6.28
C ASP A 225 27.31 -0.53 -7.80
N ASP A 226 27.40 0.73 -8.28
CA ASP A 226 27.46 1.04 -9.72
C ASP A 226 28.86 0.76 -10.28
N ALA A 227 29.90 0.95 -9.46
CA ALA A 227 31.29 0.70 -9.83
C ALA A 227 31.45 -0.80 -10.09
N THR A 228 30.80 -1.64 -9.26
CA THR A 228 30.80 -3.11 -9.40
C THR A 228 30.24 -3.49 -10.79
N ALA A 229 29.09 -2.90 -11.14
CA ALA A 229 28.41 -3.12 -12.42
C ALA A 229 29.34 -2.89 -13.60
N VAL A 230 30.09 -1.76 -13.58
CA VAL A 230 31.06 -1.35 -14.62
C VAL A 230 32.20 -2.37 -14.66
N TYR A 231 32.78 -2.66 -13.47
CA TYR A 231 33.89 -3.59 -13.30
C TYR A 231 33.67 -4.96 -13.93
N LYS A 232 32.49 -5.57 -13.66
CA LYS A 232 32.08 -6.87 -14.20
C LYS A 232 31.97 -6.84 -15.72
N SER A 233 31.24 -5.86 -16.28
CA SER A 233 31.06 -5.73 -17.72
C SER A 233 32.39 -5.40 -18.43
N ALA A 234 33.26 -4.59 -17.81
CA ALA A 234 34.53 -4.26 -18.46
C ALA A 234 35.42 -5.48 -18.58
N ALA A 235 35.34 -6.38 -17.59
CA ALA A 235 36.08 -7.62 -17.54
C ALA A 235 35.54 -8.54 -18.63
N MET A 236 34.21 -8.61 -18.76
CA MET A 236 33.57 -9.43 -19.80
C MET A 236 33.91 -8.97 -21.20
N LEU A 237 34.18 -7.68 -21.38
CA LEU A 237 34.58 -7.07 -22.66
C LEU A 237 36.11 -7.03 -22.81
N ASP A 238 36.85 -7.73 -21.92
CA ASP A 238 38.31 -7.82 -21.93
C ASP A 238 39.00 -6.43 -21.98
N MET A 239 38.46 -5.47 -21.21
CA MET A 239 38.91 -4.07 -21.12
C MET A 239 39.63 -3.75 -19.80
N THR A 240 39.85 -4.79 -18.96
CA THR A 240 40.50 -4.68 -17.64
C THR A 240 41.96 -5.20 -17.70
N GLY A 241 42.39 -5.59 -18.90
CA GLY A 241 43.73 -6.13 -19.13
C GLY A 241 44.75 -5.13 -19.64
N ALA A 242 45.91 -5.66 -20.15
CA ALA A 242 46.98 -4.84 -20.68
C ALA A 242 46.49 -3.92 -21.79
N GLY A 243 47.00 -2.68 -21.77
CA GLY A 243 46.64 -1.63 -22.72
C GLY A 243 45.84 -0.50 -22.09
N TYR A 244 44.89 -0.87 -21.22
CA TYR A 244 44.00 0.02 -20.49
C TYR A 244 44.56 0.47 -19.14
N VAL A 245 44.19 1.70 -18.74
CA VAL A 245 44.47 2.34 -17.44
C VAL A 245 43.12 2.69 -16.82
N TRP A 246 42.91 2.28 -15.56
CA TRP A 246 41.69 2.58 -14.79
C TRP A 246 42.03 3.54 -13.66
N LEU A 247 41.52 4.74 -13.75
CA LEU A 247 41.74 5.79 -12.76
C LEU A 247 40.39 6.05 -12.11
N VAL A 248 40.37 6.07 -10.79
CA VAL A 248 39.13 6.06 -10.04
C VAL A 248 39.23 6.79 -8.66
N GLY A 249 38.10 6.96 -7.98
CA GLY A 249 38.07 7.60 -6.67
C GLY A 249 38.09 6.67 -5.46
N GLU A 250 37.52 7.12 -4.33
CA GLU A 250 37.49 6.34 -3.11
C GLU A 250 36.32 5.38 -3.17
N ARG A 251 35.09 5.86 -3.41
CA ARG A 251 33.92 4.98 -3.48
C ARG A 251 34.10 3.74 -4.36
N GLU A 252 34.77 3.90 -5.51
CA GLU A 252 34.97 2.85 -6.53
C GLU A 252 36.00 1.77 -6.14
N ILE A 253 36.68 1.95 -5.00
CA ILE A 253 37.63 0.98 -4.45
C ILE A 253 37.27 0.66 -3.01
N SER A 254 35.97 0.79 -2.66
CA SER A 254 35.41 0.56 -1.33
C SER A 254 34.31 -0.47 -1.37
N GLY A 255 34.28 -1.36 -0.38
CA GLY A 255 33.28 -2.41 -0.23
C GLY A 255 33.19 -3.38 -1.41
N SER A 256 31.96 -3.58 -1.94
CA SER A 256 31.70 -4.49 -3.08
C SER A 256 32.44 -4.07 -4.35
N ALA A 257 32.77 -2.75 -4.50
CA ALA A 257 33.45 -2.23 -5.67
C ALA A 257 34.85 -2.81 -5.72
N LEU A 258 35.44 -3.04 -4.55
CA LEU A 258 36.76 -3.61 -4.41
C LEU A 258 36.80 -5.12 -4.73
N ARG A 259 35.69 -5.86 -4.49
CA ARG A 259 35.64 -7.32 -4.77
C ARG A 259 35.66 -7.66 -6.25
N TYR A 260 35.18 -6.77 -7.13
CA TYR A 260 35.16 -7.05 -8.58
C TYR A 260 36.09 -6.15 -9.42
N ALA A 261 36.83 -5.24 -8.73
CA ALA A 261 37.76 -4.28 -9.31
C ALA A 261 38.89 -4.98 -10.03
N PRO A 262 39.27 -4.46 -11.25
CA PRO A 262 40.37 -5.07 -11.99
C PRO A 262 41.72 -4.87 -11.29
N ASP A 263 42.56 -5.92 -11.29
CA ASP A 263 43.90 -5.81 -10.74
C ASP A 263 44.63 -4.79 -11.63
N GLY A 264 45.32 -3.86 -10.97
CA GLY A 264 46.05 -2.79 -11.64
C GLY A 264 45.37 -1.44 -11.58
N ILE A 265 44.13 -1.38 -11.11
CA ILE A 265 43.38 -0.13 -10.94
C ILE A 265 44.14 0.90 -10.10
N ILE A 266 43.84 2.18 -10.28
CA ILE A 266 44.40 3.28 -9.48
C ILE A 266 43.21 3.96 -8.81
N GLY A 267 43.18 3.92 -7.49
CA GLY A 267 42.12 4.57 -6.71
C GLY A 267 42.67 5.62 -5.78
N LEU A 268 41.82 6.24 -4.98
CA LEU A 268 42.23 7.28 -4.02
C LEU A 268 41.67 7.02 -2.64
N GLN A 269 42.31 7.57 -1.63
CA GLN A 269 41.82 7.50 -0.24
C GLN A 269 42.12 8.79 0.46
N LEU A 270 41.10 9.56 0.79
CA LEU A 270 41.29 10.83 1.49
C LEU A 270 41.88 10.51 2.86
N ILE A 271 43.13 10.94 3.10
CA ILE A 271 43.86 10.69 4.36
C ILE A 271 43.08 11.35 5.48
N ASN A 272 42.78 10.57 6.54
CA ASN A 272 41.99 10.97 7.74
C ASN A 272 40.51 11.29 7.50
N GLY A 273 40.06 11.09 6.25
CA GLY A 273 38.70 11.41 5.82
C GLY A 273 37.58 10.80 6.62
N LYS A 274 37.88 9.74 7.38
CA LYS A 274 36.87 9.09 8.19
C LYS A 274 37.17 9.28 9.69
N ASN A 275 38.26 10.05 10.00
CA ASN A 275 38.70 10.29 11.37
C ASN A 275 37.96 11.44 11.96
N GLU A 276 36.78 11.18 12.51
CA GLU A 276 35.92 12.19 13.12
C GLU A 276 36.68 12.94 14.23
N SER A 277 37.55 12.22 15.00
CA SER A 277 38.35 12.80 16.06
C SER A 277 39.32 13.86 15.50
N ALA A 278 40.04 13.55 14.41
CA ALA A 278 40.96 14.51 13.77
C ALA A 278 40.21 15.74 13.25
N HIS A 279 39.02 15.53 12.66
CA HIS A 279 38.22 16.61 12.12
C HIS A 279 37.53 17.44 13.19
N ILE A 280 37.26 16.84 14.38
CA ILE A 280 36.71 17.60 15.51
C ILE A 280 37.79 18.61 15.94
N SER A 281 39.05 18.15 16.08
CA SER A 281 40.19 18.98 16.46
C SER A 281 40.33 20.18 15.57
N ASP A 282 40.46 19.91 14.28
CA ASP A 282 40.65 20.90 13.24
C ASP A 282 39.49 21.86 13.12
N ALA A 283 38.23 21.38 13.09
CA ALA A 283 37.07 22.27 13.00
C ALA A 283 36.99 23.23 14.16
N VAL A 284 37.22 22.73 15.39
CA VAL A 284 37.24 23.53 16.61
C VAL A 284 38.36 24.57 16.52
N ALA A 285 39.59 24.19 16.11
CA ALA A 285 40.73 25.11 16.00
C ALA A 285 40.37 26.32 15.12
N VAL A 286 39.78 26.02 13.95
CA VAL A 286 39.32 26.95 12.91
C VAL A 286 38.19 27.85 13.47
N VAL A 287 37.14 27.24 14.06
CA VAL A 287 36.03 27.96 14.62
C VAL A 287 36.49 28.88 15.75
N ALA A 288 37.37 28.38 16.63
CA ALA A 288 37.86 29.15 17.77
C ALA A 288 38.59 30.43 17.34
N GLN A 289 39.43 30.30 16.28
CA GLN A 289 40.20 31.40 15.69
C GLN A 289 39.23 32.43 15.13
N ALA A 290 38.27 31.98 14.27
CA ALA A 290 37.23 32.77 13.65
C ALA A 290 36.38 33.50 14.68
N ILE A 291 36.00 32.82 15.80
CA ILE A 291 35.21 33.50 16.82
C ILE A 291 35.96 34.72 17.34
N HIS A 292 37.24 34.50 17.74
CA HIS A 292 38.13 35.53 18.28
C HIS A 292 38.39 36.63 17.27
N GLU A 293 38.54 36.26 15.98
CA GLU A 293 38.68 37.22 14.87
C GLU A 293 37.40 38.06 14.75
N LEU A 294 36.20 37.40 14.80
CA LEU A 294 34.88 38.03 14.75
C LEU A 294 34.71 39.08 15.80
N PHE A 295 35.05 38.77 17.06
CA PHE A 295 34.90 39.72 18.18
C PHE A 295 35.90 40.87 18.16
N GLU A 296 36.81 40.92 17.14
CA GLU A 296 37.70 42.07 16.92
C GLU A 296 36.84 43.18 16.28
N MET A 297 35.78 42.81 15.54
CA MET A 297 34.82 43.71 14.92
C MET A 297 33.81 44.24 15.94
N GLU A 298 33.08 45.28 15.56
CA GLU A 298 32.08 45.93 16.40
C GLU A 298 30.64 45.51 16.03
N ASN A 299 29.75 45.73 17.01
CA ASN A 299 28.31 45.47 16.94
C ASN A 299 27.96 43.97 16.58
N ILE A 300 28.68 43.02 17.20
CA ILE A 300 28.47 41.56 17.00
C ILE A 300 27.24 41.18 17.82
N THR A 301 26.17 40.77 17.16
CA THR A 301 24.93 40.34 17.79
C THR A 301 24.99 38.85 18.12
N ASP A 302 24.21 38.43 19.14
CA ASP A 302 24.12 37.03 19.54
C ASP A 302 23.15 36.30 18.62
N PRO A 303 23.30 34.96 18.43
CA PRO A 303 22.31 34.24 17.63
C PRO A 303 20.98 34.18 18.40
N PRO A 304 19.85 33.79 17.76
CA PRO A 304 18.58 33.67 18.52
C PRO A 304 18.63 32.59 19.59
N ARG A 305 17.94 32.82 20.73
CA ARG A 305 17.89 31.81 21.81
C ARG A 305 16.70 30.93 21.52
N GLY A 306 17.00 29.76 20.95
CA GLY A 306 15.99 28.78 20.55
C GLY A 306 15.24 29.05 19.24
N CYS A 307 14.43 28.05 18.79
CA CYS A 307 13.68 28.17 17.55
C CYS A 307 12.34 28.82 17.75
N VAL A 308 11.58 28.36 18.76
CA VAL A 308 10.19 28.79 19.02
C VAL A 308 10.02 30.32 19.07
N GLY A 309 9.19 30.83 18.18
CA GLY A 309 8.91 32.25 18.11
C GLY A 309 9.98 33.11 17.47
N ASN A 310 10.97 32.47 16.84
CA ASN A 310 12.03 33.19 16.15
C ASN A 310 12.04 32.86 14.69
N THR A 311 11.72 33.87 13.86
CA THR A 311 11.71 33.72 12.40
C THR A 311 12.68 34.70 11.72
N ASN A 312 13.48 35.41 12.53
CA ASN A 312 14.47 36.32 11.99
C ASN A 312 15.81 35.70 11.98
N ILE A 313 16.56 35.94 10.89
CA ILE A 313 17.92 35.44 10.75
C ILE A 313 18.83 36.11 11.77
N TRP A 314 19.96 35.47 12.06
CA TRP A 314 20.99 36.03 12.92
C TRP A 314 21.73 37.10 12.05
N LYS A 315 21.55 38.40 12.41
CA LYS A 315 22.17 39.51 11.68
C LYS A 315 23.71 39.36 11.55
N THR A 316 24.40 38.75 12.54
CA THR A 316 25.87 38.58 12.49
C THR A 316 26.26 37.34 11.69
N GLY A 317 25.29 36.44 11.44
CA GLY A 317 25.46 35.21 10.66
C GLY A 317 26.27 35.41 9.40
N PRO A 318 25.80 36.24 8.42
CA PRO A 318 26.59 36.48 7.20
C PRO A 318 28.04 36.98 7.37
N LEU A 319 28.32 37.82 8.38
CA LEU A 319 29.70 38.31 8.60
C LEU A 319 30.55 37.17 9.12
N PHE A 320 30.02 36.44 10.12
CA PHE A 320 30.67 35.28 10.69
C PHE A 320 30.98 34.24 9.60
N LYS A 321 30.06 34.08 8.60
CA LYS A 321 30.29 33.18 7.46
C LYS A 321 31.52 33.71 6.68
N ARG A 322 31.54 35.02 6.28
CA ARG A 322 32.69 35.62 5.58
C ARG A 322 34.04 35.33 6.34
N VAL A 323 34.08 35.60 7.67
CA VAL A 323 35.21 35.37 8.56
C VAL A 323 35.68 33.91 8.45
N LEU A 324 34.74 32.94 8.58
CA LEU A 324 35.03 31.49 8.50
C LEU A 324 35.59 31.08 7.14
N MET A 325 34.91 31.46 6.06
CA MET A 325 35.23 31.20 4.67
C MET A 325 36.64 31.60 4.32
N SER A 326 37.11 32.71 4.92
CA SER A 326 38.43 33.29 4.70
C SER A 326 39.43 32.92 5.82
N SER A 327 39.13 31.86 6.59
CA SER A 327 39.99 31.38 7.67
C SER A 327 41.01 30.39 7.15
N LYS A 328 42.26 30.54 7.62
CA LYS A 328 43.41 29.66 7.32
C LYS A 328 43.99 29.18 8.65
N TYR A 329 44.17 27.88 8.79
CA TYR A 329 44.79 27.24 9.96
C TYR A 329 45.73 26.22 9.36
N PRO A 330 47.06 26.46 9.36
CA PRO A 330 47.97 25.54 8.63
C PRO A 330 48.48 24.33 9.40
N ASP A 331 48.48 24.42 10.73
CA ASP A 331 48.96 23.37 11.64
C ASP A 331 47.83 22.40 12.10
N GLY A 332 46.90 22.12 11.18
CA GLY A 332 45.80 21.21 11.48
C GLY A 332 46.27 19.78 11.44
N VAL A 333 45.60 18.90 12.20
CA VAL A 333 45.87 17.45 12.29
C VAL A 333 45.76 16.81 10.90
N THR A 334 44.77 17.25 10.10
CA THR A 334 44.47 16.76 8.75
C THR A 334 45.13 17.66 7.67
N GLY A 335 46.04 18.56 8.10
CA GLY A 335 46.77 19.42 7.19
C GLY A 335 46.46 20.90 7.23
N ARG A 336 46.69 21.55 6.08
CA ARG A 336 46.48 22.99 5.86
C ARG A 336 44.98 23.22 5.63
N ILE A 337 44.29 23.83 6.59
CA ILE A 337 42.86 24.10 6.45
C ILE A 337 42.63 25.45 5.80
N GLU A 338 42.00 25.44 4.63
CA GLU A 338 41.56 26.60 3.87
C GLU A 338 40.29 26.20 3.16
N PHE A 339 39.42 27.17 2.83
CA PHE A 339 38.16 26.88 2.16
C PHE A 339 38.03 27.55 0.83
N ASN A 340 37.43 26.86 -0.12
CA ASN A 340 37.25 27.41 -1.43
C ASN A 340 35.98 28.26 -1.49
N GLU A 341 35.71 28.77 -2.69
CA GLU A 341 34.57 29.61 -3.05
C GLU A 341 33.23 28.95 -2.63
N ASP A 342 33.21 27.62 -2.39
CA ASP A 342 32.03 26.86 -1.95
C ASP A 342 32.14 26.42 -0.46
N GLY A 343 33.13 26.97 0.26
CA GLY A 343 33.41 26.65 1.66
C GLY A 343 33.87 25.22 1.83
N ASP A 344 34.30 24.55 0.73
CA ASP A 344 34.85 23.19 0.74
C ASP A 344 36.34 23.23 1.02
N ARG A 345 36.85 22.21 1.66
CA ARG A 345 38.24 22.09 2.04
C ARG A 345 39.18 22.11 0.84
N LYS A 346 40.20 22.98 0.94
CA LYS A 346 41.31 23.10 0.01
C LYS A 346 42.49 22.41 0.67
N PHE A 347 43.42 21.90 -0.15
CA PHE A 347 44.67 21.25 0.25
C PHE A 347 44.46 19.95 1.04
N ALA A 348 43.52 19.13 0.56
CA ALA A 348 43.28 17.83 1.17
C ALA A 348 44.35 16.86 0.63
N GLN A 349 44.68 15.86 1.45
CA GLN A 349 45.67 14.86 1.11
C GLN A 349 45.04 13.50 0.91
N TYR A 350 45.51 12.82 -0.15
CA TYR A 350 45.01 11.54 -0.60
C TYR A 350 46.12 10.52 -0.75
N SER A 351 45.80 9.23 -0.56
CA SER A 351 46.67 8.09 -0.79
C SER A 351 46.38 7.62 -2.20
N ILE A 352 47.42 7.51 -3.05
CA ILE A 352 47.25 6.98 -4.38
C ILE A 352 47.40 5.43 -4.26
N MET A 353 46.26 4.75 -4.27
CA MET A 353 46.16 3.33 -4.10
C MET A 353 46.20 2.59 -5.44
N ASN A 354 46.90 1.46 -5.47
CA ASN A 354 46.99 0.62 -6.67
C ASN A 354 46.66 -0.83 -6.27
N LEU A 355 45.66 -1.45 -6.95
CA LEU A 355 45.31 -2.84 -6.62
C LEU A 355 46.33 -3.80 -7.24
N GLN A 356 47.23 -4.35 -6.40
CA GLN A 356 48.29 -5.27 -6.90
C GLN A 356 48.06 -6.66 -6.31
N ASN A 357 47.82 -7.66 -7.18
CA ASN A 357 47.52 -9.05 -6.78
C ASN A 357 46.41 -9.08 -5.69
N ARG A 358 45.29 -8.46 -6.02
CA ARG A 358 44.09 -8.36 -5.18
C ARG A 358 44.33 -7.70 -3.77
N LYS A 359 45.45 -6.92 -3.63
CA LYS A 359 45.80 -6.18 -2.42
C LYS A 359 45.92 -4.71 -2.75
N LEU A 360 45.29 -3.88 -1.94
CA LEU A 360 45.33 -2.43 -2.12
C LEU A 360 46.64 -1.88 -1.53
N VAL A 361 47.60 -1.60 -2.43
CA VAL A 361 48.97 -1.10 -2.15
C VAL A 361 49.04 0.38 -2.43
N GLN A 362 49.44 1.22 -1.43
CA GLN A 362 49.67 2.65 -1.60
C GLN A 362 50.98 2.83 -2.41
N VAL A 363 50.90 3.61 -3.48
CA VAL A 363 52.02 3.85 -4.41
C VAL A 363 52.46 5.36 -4.36
N GLY A 364 51.72 6.18 -3.65
CA GLY A 364 52.05 7.59 -3.54
C GLY A 364 51.01 8.38 -2.76
N ILE A 365 51.24 9.70 -2.67
CA ILE A 365 50.37 10.63 -1.96
C ILE A 365 50.20 11.92 -2.73
N PHE A 366 49.00 12.49 -2.69
CA PHE A 366 48.77 13.81 -3.24
C PHE A 366 48.74 14.67 -1.99
N ASN A 367 49.83 15.42 -1.77
CA ASN A 367 50.08 16.16 -0.53
C ASN A 367 49.25 17.43 -0.33
N GLY A 368 48.38 17.73 -1.27
CA GLY A 368 47.55 18.92 -1.19
C GLY A 368 47.75 19.81 -2.39
N SER A 369 48.87 19.60 -3.09
CA SER A 369 49.22 20.38 -4.27
C SER A 369 50.10 19.60 -5.28
N TYR A 370 50.90 18.63 -4.80
CA TYR A 370 51.87 17.86 -5.59
C TYR A 370 51.68 16.35 -5.41
N ILE A 371 52.07 15.56 -6.43
CA ILE A 371 52.06 14.09 -6.37
C ILE A 371 53.45 13.60 -5.94
N ILE A 372 53.51 12.84 -4.84
CA ILE A 372 54.77 12.31 -4.33
C ILE A 372 54.70 10.81 -4.46
N GLN A 373 55.42 10.25 -5.43
CA GLN A 373 55.48 8.80 -5.63
C GLN A 373 56.33 8.14 -4.57
N ASN A 374 55.95 6.97 -4.07
CA ASN A 374 56.76 6.23 -3.09
C ASN A 374 57.55 5.14 -3.80
N ASP A 375 58.47 4.48 -3.08
CA ASP A 375 59.33 3.42 -3.65
C ASP A 375 58.61 2.13 -4.11
N ARG A 376 57.24 2.03 -3.96
CA ARG A 376 56.41 0.86 -4.40
C ARG A 376 56.04 1.07 -5.86
N LYS A 377 56.40 0.14 -6.76
CA LYS A 377 56.14 0.26 -8.18
C LYS A 377 54.69 0.01 -8.53
N ILE A 378 54.14 0.82 -9.47
CA ILE A 378 52.78 0.64 -9.96
C ILE A 378 52.75 -0.54 -10.95
N ILE A 379 51.82 -1.49 -10.72
CA ILE A 379 51.55 -2.57 -11.64
C ILE A 379 50.28 -2.10 -12.36
N TRP A 380 50.36 -1.91 -13.67
CA TRP A 380 49.23 -1.43 -14.46
C TRP A 380 48.37 -2.63 -14.85
N PRO A 381 47.07 -2.49 -15.22
CA PRO A 381 46.30 -3.66 -15.70
C PRO A 381 47.17 -4.47 -16.68
N GLY A 382 47.61 -5.68 -16.26
CA GLY A 382 48.61 -6.52 -16.93
C GLY A 382 49.96 -6.44 -16.20
N GLY A 383 50.89 -5.62 -16.72
CA GLY A 383 52.25 -5.37 -16.19
C GLY A 383 52.73 -3.91 -16.06
N GLU A 384 53.38 -3.31 -17.14
CA GLU A 384 53.86 -1.88 -17.13
C GLU A 384 53.70 -1.03 -18.45
N THR A 385 52.43 -0.83 -18.94
CA THR A 385 51.97 -0.05 -20.12
C THR A 385 52.59 -0.47 -21.46
N PRO B 2 -20.26 6.14 3.65
CA PRO B 2 -18.84 6.17 3.29
C PRO B 2 -17.88 6.32 4.49
N PRO B 3 -16.64 5.78 4.39
CA PRO B 3 -15.66 6.00 5.46
C PRO B 3 -15.21 7.47 5.57
N SER B 4 -14.60 7.85 6.69
CA SER B 4 -14.17 9.23 6.86
C SER B 4 -12.65 9.39 6.83
N ILE B 5 -12.19 10.58 6.36
CA ILE B 5 -10.78 10.93 6.31
C ILE B 5 -10.55 12.19 7.10
N GLY B 6 -9.53 12.18 7.94
CA GLY B 6 -9.18 13.34 8.75
C GLY B 6 -8.32 14.31 7.98
N ILE B 7 -8.80 15.56 7.82
CA ILE B 7 -8.10 16.67 7.14
C ILE B 7 -7.89 17.84 8.12
N ALA B 8 -6.63 18.25 8.33
CA ALA B 8 -6.32 19.36 9.23
C ALA B 8 -6.07 20.62 8.40
N VAL B 9 -6.77 21.73 8.72
CA VAL B 9 -6.62 23.00 8.04
C VAL B 9 -5.88 23.95 9.01
N ILE B 10 -4.56 24.08 8.81
CA ILE B 10 -3.73 24.96 9.63
C ILE B 10 -3.77 26.36 9.05
N LEU B 11 -4.16 27.33 9.90
CA LEU B 11 -4.26 28.74 9.52
C LEU B 11 -3.39 29.63 10.38
N VAL B 12 -2.23 29.99 9.84
CA VAL B 12 -1.29 30.92 10.49
C VAL B 12 -1.81 32.33 10.23
N GLY B 13 -1.98 33.09 11.30
CA GLY B 13 -2.43 34.47 11.19
C GLY B 13 -3.92 34.66 11.27
N THR B 14 -4.37 35.93 11.10
CA THR B 14 -5.79 36.33 11.21
C THR B 14 -6.59 35.78 10.04
N SER B 15 -7.71 35.08 10.36
CA SER B 15 -8.58 34.47 9.35
C SER B 15 -10.02 34.42 9.82
N ASP B 16 -10.97 34.53 8.85
CA ASP B 16 -12.39 34.44 9.17
C ASP B 16 -12.76 32.97 9.10
N GLU B 17 -12.68 32.27 10.25
CA GLU B 17 -13.00 30.86 10.37
C GLU B 17 -14.47 30.56 9.98
N VAL B 18 -15.39 31.52 10.21
CA VAL B 18 -16.81 31.42 9.84
C VAL B 18 -16.97 31.46 8.31
N ALA B 19 -16.28 32.39 7.62
CA ALA B 19 -16.31 32.52 6.16
C ALA B 19 -15.71 31.29 5.50
N ILE B 20 -14.62 30.75 6.12
CA ILE B 20 -13.89 29.55 5.72
C ILE B 20 -14.84 28.36 5.87
N LYS B 21 -15.66 28.36 6.95
CA LYS B 21 -16.70 27.35 7.15
C LYS B 21 -17.90 27.72 6.25
N ASP B 22 -17.70 27.55 4.91
CA ASP B 22 -18.67 27.75 3.81
C ASP B 22 -18.00 27.58 2.43
N LEU B 32 -18.79 10.98 -3.33
CA LEU B 32 -17.51 10.27 -3.32
C LEU B 32 -17.46 9.01 -2.43
N SER B 33 -16.40 8.17 -2.66
CA SER B 33 -16.12 6.89 -1.97
C SER B 33 -15.74 7.08 -0.48
N VAL B 34 -15.25 8.31 -0.12
CA VAL B 34 -14.83 8.68 1.23
C VAL B 34 -15.33 10.10 1.59
N VAL B 35 -15.40 10.43 2.89
CA VAL B 35 -15.92 11.73 3.32
C VAL B 35 -14.91 12.49 4.25
N PRO B 36 -14.75 13.84 4.10
CA PRO B 36 -13.80 14.54 4.97
C PRO B 36 -14.35 14.85 6.35
N ARG B 37 -13.45 14.80 7.36
CA ARG B 37 -13.72 15.20 8.74
C ARG B 37 -12.65 16.27 9.04
N VAL B 38 -12.95 17.49 8.57
CA VAL B 38 -12.12 18.69 8.68
C VAL B 38 -11.98 19.22 10.13
N GLU B 39 -10.81 19.82 10.47
CA GLU B 39 -10.57 20.43 11.78
C GLU B 39 -9.75 21.68 11.54
N LEU B 40 -10.32 22.86 11.82
CA LEU B 40 -9.58 24.11 11.66
C LEU B 40 -8.67 24.30 12.85
N VAL B 41 -7.39 24.52 12.56
CA VAL B 41 -6.33 24.67 13.55
C VAL B 41 -5.70 26.06 13.39
N ALA B 42 -5.59 26.81 14.48
CA ALA B 42 -4.94 28.10 14.40
C ALA B 42 -3.51 27.96 14.92
N MET B 43 -2.54 28.37 14.10
CA MET B 43 -1.16 28.30 14.47
C MET B 43 -0.60 29.69 14.69
N ASN B 44 0.04 29.89 15.84
CA ASN B 44 0.61 31.16 16.27
C ASN B 44 1.99 31.47 15.66
N GLU B 45 2.91 30.48 15.70
CA GLU B 45 4.30 30.66 15.27
C GLU B 45 4.67 29.97 13.95
N THR B 46 5.68 30.49 13.22
CA THR B 46 6.09 29.91 11.92
C THR B 46 7.56 29.48 11.82
N ASP B 47 8.25 29.31 12.97
CA ASP B 47 9.63 28.83 13.02
C ASP B 47 9.67 27.27 12.76
N PRO B 48 10.85 26.63 12.45
CA PRO B 48 10.85 25.19 12.17
C PRO B 48 10.24 24.34 13.28
N LYS B 49 10.65 24.59 14.57
CA LYS B 49 10.14 23.81 15.71
C LYS B 49 8.63 23.87 15.85
N SER B 50 8.06 25.07 15.80
CA SER B 50 6.62 25.25 15.93
C SER B 50 5.81 24.51 14.87
N ILE B 51 6.15 24.71 13.59
CA ILE B 51 5.47 24.03 12.50
C ILE B 51 5.65 22.48 12.60
N ILE B 52 6.89 22.00 12.82
CA ILE B 52 7.12 20.55 12.90
C ILE B 52 6.28 19.98 14.03
N THR B 53 6.38 20.59 15.24
CA THR B 53 5.65 20.21 16.47
C THR B 53 4.13 20.25 16.28
N ARG B 54 3.58 21.32 15.72
CA ARG B 54 2.16 21.43 15.50
C ARG B 54 1.62 20.30 14.66
N ILE B 55 2.20 20.07 13.46
CA ILE B 55 1.74 19.02 12.54
C ILE B 55 1.87 17.64 13.19
N CYS B 56 2.97 17.39 13.89
CA CYS B 56 3.23 16.12 14.55
C CYS B 56 2.26 15.78 15.67
N ASP B 57 1.77 16.81 16.41
CA ASP B 57 0.80 16.63 17.48
C ASP B 57 -0.57 16.36 16.90
N LEU B 58 -0.91 17.03 15.78
CA LEU B 58 -2.16 16.81 15.06
C LEU B 58 -2.25 15.38 14.52
N MET B 59 -1.10 14.81 14.10
CA MET B 59 -1.00 13.47 13.55
C MET B 59 -1.23 12.47 14.64
N SER B 60 -0.61 12.75 15.82
CA SER B 60 -0.63 11.95 17.05
C SER B 60 -2.03 11.76 17.62
N ASP B 61 -2.91 12.76 17.48
CA ASP B 61 -4.28 12.66 17.99
C ASP B 61 -5.28 12.21 16.94
N ARG B 62 -5.55 13.06 15.95
CA ARG B 62 -6.62 12.79 14.99
C ARG B 62 -6.33 11.74 13.93
N LYS B 63 -5.08 11.48 13.56
CA LYS B 63 -4.82 10.53 12.45
C LYS B 63 -5.32 11.24 11.15
N ILE B 64 -4.39 12.05 10.61
CA ILE B 64 -4.61 12.96 9.50
C ILE B 64 -4.17 12.37 8.15
N GLN B 65 -5.12 12.33 7.23
CA GLN B 65 -4.96 11.84 5.87
C GLN B 65 -4.20 12.85 4.98
N GLY B 66 -4.34 14.13 5.27
CA GLY B 66 -3.69 15.23 4.56
C GLY B 66 -3.86 16.56 5.28
N VAL B 67 -2.95 17.52 5.01
CA VAL B 67 -2.96 18.85 5.62
C VAL B 67 -3.23 19.95 4.55
N VAL B 68 -4.07 20.92 4.87
CA VAL B 68 -4.30 22.13 4.07
C VAL B 68 -3.64 23.30 4.87
N PHE B 69 -2.56 23.90 4.35
CA PHE B 69 -1.84 24.97 5.05
C PHE B 69 -1.95 26.35 4.40
N ALA B 70 -2.26 27.38 5.22
CA ALA B 70 -2.33 28.77 4.76
C ALA B 70 -1.70 29.70 5.77
N ASP B 71 -0.89 30.64 5.28
CA ASP B 71 -0.32 31.69 6.14
C ASP B 71 -0.42 33.07 5.46
N ASP B 72 -0.25 34.14 6.28
CA ASP B 72 -0.31 35.57 5.93
C ASP B 72 1.09 36.22 5.85
N THR B 73 2.16 35.40 5.95
CA THR B 73 3.57 35.79 6.06
C THR B 73 4.30 35.96 4.72
N ASP B 74 5.51 36.55 4.77
CA ASP B 74 6.42 36.73 3.64
C ASP B 74 7.59 35.79 3.93
N GLN B 75 7.25 34.61 4.50
CA GLN B 75 8.22 33.65 4.94
C GLN B 75 8.20 32.41 4.07
N GLU B 76 8.87 32.53 2.90
CA GLU B 76 8.97 31.51 1.86
C GLU B 76 9.60 30.18 2.34
N ALA B 77 10.28 30.17 3.51
CA ALA B 77 10.89 28.95 4.05
C ALA B 77 9.86 27.99 4.52
N ILE B 78 8.63 28.48 4.79
CA ILE B 78 7.50 27.63 5.18
C ILE B 78 7.30 26.57 4.10
N ALA B 79 7.54 26.90 2.80
CA ALA B 79 7.46 25.94 1.71
C ALA B 79 8.46 24.81 1.99
N GLN B 80 9.74 25.14 2.30
CA GLN B 80 10.77 24.13 2.62
C GLN B 80 10.41 23.30 3.86
N ILE B 81 10.12 23.95 5.02
CA ILE B 81 9.66 23.25 6.24
C ILE B 81 8.54 22.23 5.88
N LEU B 82 7.52 22.70 5.12
CA LEU B 82 6.37 21.88 4.77
C LEU B 82 6.73 20.76 3.82
N ASP B 83 7.68 21.01 2.91
CA ASP B 83 8.13 19.95 2.01
C ASP B 83 8.83 18.86 2.85
N PHE B 84 9.71 19.30 3.78
CA PHE B 84 10.43 18.41 4.70
C PHE B 84 9.41 17.58 5.50
N ILE B 85 8.44 18.24 6.18
CA ILE B 85 7.43 17.52 6.96
C ILE B 85 6.69 16.50 6.07
N SER B 86 6.25 16.95 4.88
CA SER B 86 5.53 16.16 3.89
C SER B 86 6.25 14.89 3.49
N ALA B 87 7.54 15.00 3.07
CA ALA B 87 8.35 13.84 2.64
C ALA B 87 8.68 12.87 3.77
N GLN B 88 9.07 13.38 4.96
CA GLN B 88 9.40 12.57 6.13
C GLN B 88 8.22 11.72 6.63
N THR B 89 7.03 12.34 6.76
CA THR B 89 5.84 11.66 7.26
C THR B 89 5.03 11.03 6.16
N LEU B 90 5.32 11.38 4.89
CA LEU B 90 4.58 10.90 3.71
C LEU B 90 3.09 11.19 3.84
N THR B 91 2.79 12.44 4.18
CA THR B 91 1.47 13.03 4.38
C THR B 91 1.28 14.16 3.37
N PRO B 92 0.18 14.15 2.59
CA PRO B 92 -0.05 15.25 1.64
C PRO B 92 -0.21 16.60 2.35
N ILE B 93 0.49 17.63 1.86
CA ILE B 93 0.38 18.97 2.43
C ILE B 93 0.14 19.90 1.28
N LEU B 94 -0.89 20.75 1.41
CA LEU B 94 -1.21 21.73 0.38
C LEU B 94 -0.95 23.14 0.88
N GLY B 95 0.01 23.84 0.24
CA GLY B 95 0.37 25.21 0.57
C GLY B 95 -0.53 26.09 -0.25
N ILE B 96 -1.67 26.49 0.33
CA ILE B 96 -2.76 27.18 -0.39
C ILE B 96 -2.64 28.71 -0.43
N HIS B 97 -1.74 29.31 0.39
CA HIS B 97 -1.61 30.75 0.50
C HIS B 97 -0.44 31.18 1.39
N GLY B 98 0.22 32.27 0.99
CA GLY B 98 1.32 32.88 1.71
C GLY B 98 2.64 32.23 1.40
N GLY B 99 3.52 32.25 2.40
CA GLY B 99 4.85 31.63 2.40
C GLY B 99 4.86 30.17 1.99
N SER B 100 3.76 29.44 2.35
CA SER B 100 3.57 28.04 2.01
C SER B 100 3.36 27.80 0.51
N SER B 101 2.83 28.77 -0.21
CA SER B 101 2.58 28.64 -1.64
C SER B 101 3.72 29.25 -2.49
N MET B 102 4.77 29.83 -1.84
CA MET B 102 5.86 30.48 -2.59
C MET B 102 6.83 29.50 -3.26
N ILE B 103 7.48 29.92 -4.34
CA ILE B 103 8.45 29.11 -5.09
C ILE B 103 9.58 28.67 -4.18
N MET B 104 10.01 27.45 -4.42
CA MET B 104 10.90 26.62 -3.60
C MET B 104 12.06 26.03 -4.37
N ALA B 105 12.93 25.35 -3.59
CA ALA B 105 13.99 24.51 -4.10
C ALA B 105 13.33 23.21 -4.68
N ASP B 106 14.13 22.30 -5.20
CA ASP B 106 13.55 21.07 -5.75
C ASP B 106 12.98 20.31 -4.57
N LYS B 107 11.70 19.99 -4.68
CA LYS B 107 10.98 19.23 -3.68
C LYS B 107 11.62 17.82 -3.56
N ASP B 108 11.44 17.16 -2.43
CA ASP B 108 12.05 15.86 -2.17
C ASP B 108 11.57 14.79 -3.17
N GLU B 109 12.38 13.71 -3.35
CA GLU B 109 11.97 12.62 -4.23
C GLU B 109 10.67 12.03 -3.65
N SER B 110 10.60 11.98 -2.31
CA SER B 110 9.46 11.42 -1.59
C SER B 110 8.44 12.44 -1.15
N SER B 111 8.45 13.64 -1.75
CA SER B 111 7.52 14.70 -1.35
C SER B 111 6.08 14.44 -1.76
N MET B 112 5.15 15.01 -0.99
CA MET B 112 3.70 14.98 -1.19
C MET B 112 3.17 16.40 -0.97
N PHE B 113 4.05 17.42 -1.15
CA PHE B 113 3.79 18.85 -1.03
C PHE B 113 3.38 19.47 -2.37
N PHE B 114 2.21 20.11 -2.38
CA PHE B 114 1.61 20.74 -3.55
C PHE B 114 1.22 22.15 -3.17
N GLN B 115 1.57 23.13 -4.04
CA GLN B 115 1.35 24.56 -3.79
C GLN B 115 0.42 25.23 -4.76
N PHE B 116 -0.40 26.14 -4.26
CA PHE B 116 -1.35 26.86 -5.09
C PHE B 116 -0.71 27.96 -5.96
N GLY B 117 0.51 28.34 -5.65
CA GLY B 117 1.21 29.39 -6.38
C GLY B 117 1.79 29.00 -7.74
N PRO B 118 2.18 30.01 -8.56
CA PRO B 118 2.80 29.67 -9.86
C PRO B 118 4.26 29.27 -9.70
N SER B 119 4.80 28.53 -10.68
CA SER B 119 6.19 28.06 -10.69
C SER B 119 7.18 29.17 -11.07
N ILE B 120 8.50 28.86 -11.03
CA ILE B 120 9.63 29.73 -11.40
C ILE B 120 9.47 30.04 -12.90
N GLU B 121 9.43 28.97 -13.72
CA GLU B 121 9.34 29.02 -15.17
C GLU B 121 8.03 29.71 -15.68
N GLN B 122 6.88 29.50 -14.99
CA GLN B 122 5.58 30.12 -15.35
C GLN B 122 5.69 31.62 -15.21
N GLN B 123 6.22 32.07 -14.04
CA GLN B 123 6.39 33.48 -13.70
C GLN B 123 7.34 34.14 -14.69
N ALA B 124 8.51 33.52 -14.94
CA ALA B 124 9.50 33.97 -15.91
C ALA B 124 8.86 34.25 -17.29
N SER B 125 7.89 33.44 -17.72
CA SER B 125 7.24 33.61 -19.01
C SER B 125 6.32 34.81 -18.96
N VAL B 126 5.53 34.92 -17.87
CA VAL B 126 4.62 36.04 -17.60
C VAL B 126 5.39 37.37 -17.69
N MET B 127 6.63 37.40 -17.13
CA MET B 127 7.52 38.56 -17.13
C MET B 127 7.90 38.98 -18.54
N LEU B 128 8.19 37.99 -19.42
CA LEU B 128 8.51 38.25 -20.84
C LEU B 128 7.28 38.67 -21.62
N ASN B 129 6.10 38.14 -21.25
CA ASN B 129 4.83 38.50 -21.88
C ASN B 129 4.54 39.99 -21.66
N ILE B 130 4.84 40.50 -20.42
CA ILE B 130 4.72 41.93 -20.05
C ILE B 130 5.65 42.73 -20.96
N MET B 131 6.91 42.27 -21.09
CA MET B 131 7.94 42.92 -21.90
C MET B 131 7.58 42.97 -23.38
N GLU B 132 7.04 41.88 -23.95
CA GLU B 132 6.65 41.83 -25.37
C GLU B 132 5.56 42.85 -25.66
N GLU B 133 4.61 43.02 -24.72
CA GLU B 133 3.45 43.95 -24.78
C GLU B 133 3.86 45.42 -24.94
N TYR B 134 4.82 45.88 -24.12
CA TYR B 134 5.26 47.27 -24.16
C TYR B 134 6.55 47.45 -24.96
N ASP B 135 6.96 46.39 -25.67
CA ASP B 135 8.16 46.32 -26.52
C ASP B 135 9.40 46.70 -25.72
N TRP B 136 9.61 45.99 -24.64
CA TRP B 136 10.71 46.14 -23.70
C TRP B 136 11.63 44.97 -23.96
N TYR B 137 12.34 45.01 -25.11
CA TYR B 137 13.20 43.93 -25.58
C TYR B 137 14.62 43.98 -25.04
N ILE B 138 15.09 45.14 -24.56
CA ILE B 138 16.44 45.26 -24.01
C ILE B 138 16.36 45.26 -22.50
N PHE B 139 17.03 44.26 -21.86
CA PHE B 139 16.97 44.04 -20.42
C PHE B 139 18.18 43.29 -19.81
N SER B 140 18.23 43.23 -18.48
CA SER B 140 19.23 42.49 -17.69
C SER B 140 18.53 41.66 -16.57
N ILE B 141 19.20 40.63 -16.06
CA ILE B 141 18.68 39.77 -15.02
C ILE B 141 19.61 39.92 -13.82
N VAL B 142 19.06 39.99 -12.61
CA VAL B 142 19.83 40.09 -11.38
C VAL B 142 19.21 39.09 -10.47
N THR B 143 19.97 38.06 -10.11
CA THR B 143 19.46 37.06 -9.16
C THR B 143 20.40 36.95 -7.97
N THR B 144 19.87 36.36 -6.90
CA THR B 144 20.66 35.96 -5.75
C THR B 144 20.82 34.45 -5.95
N TYR B 145 21.20 33.72 -4.89
CA TYR B 145 21.35 32.26 -4.99
C TYR B 145 20.07 31.55 -4.62
N PHE B 146 18.98 32.30 -4.39
CA PHE B 146 17.69 31.71 -4.04
C PHE B 146 17.34 30.51 -4.94
N PRO B 147 16.99 29.34 -4.36
CA PRO B 147 16.75 28.16 -5.20
C PRO B 147 15.89 28.38 -6.44
N GLY B 148 16.46 28.01 -7.58
CA GLY B 148 15.82 28.04 -8.89
C GLY B 148 16.30 29.17 -9.75
N TYR B 149 17.24 29.98 -9.23
CA TYR B 149 17.78 31.12 -9.95
C TYR B 149 18.30 30.73 -11.33
N GLN B 150 18.94 29.56 -11.44
CA GLN B 150 19.41 29.02 -12.72
C GLN B 150 18.24 28.62 -13.60
N ASP B 151 17.18 28.01 -13.01
CA ASP B 151 15.97 27.62 -13.75
C ASP B 151 15.26 28.87 -14.29
N PHE B 152 15.27 29.98 -13.52
CA PHE B 152 14.73 31.27 -13.93
C PHE B 152 15.49 31.80 -15.14
N VAL B 153 16.84 31.96 -15.03
CA VAL B 153 17.71 32.45 -16.12
C VAL B 153 17.58 31.55 -17.37
N ASN B 154 17.63 30.22 -17.17
CA ASN B 154 17.51 29.25 -18.24
C ASN B 154 16.15 29.35 -18.96
N LYS B 155 15.06 29.61 -18.20
CA LYS B 155 13.74 29.76 -18.84
C LYS B 155 13.76 30.95 -19.77
N ILE B 156 14.21 32.12 -19.28
CA ILE B 156 14.31 33.35 -20.05
C ILE B 156 15.13 33.07 -21.28
N ARG B 157 16.38 32.57 -21.10
CA ARG B 157 17.33 32.27 -22.17
C ARG B 157 16.77 31.34 -23.22
N SER B 158 16.09 30.25 -22.82
CA SER B 158 15.53 29.32 -23.80
C SER B 158 14.44 30.00 -24.63
N THR B 159 13.50 30.71 -23.94
CA THR B 159 12.38 31.47 -24.53
C THR B 159 12.87 32.50 -25.55
N ILE B 160 13.87 33.28 -25.14
CA ILE B 160 14.52 34.36 -25.86
C ILE B 160 15.17 33.88 -27.14
N GLU B 161 15.92 32.76 -27.06
CA GLU B 161 16.67 32.22 -28.19
C GLU B 161 15.82 31.50 -29.26
N ASN B 162 14.48 31.42 -29.09
CA ASN B 162 13.61 30.78 -30.10
C ASN B 162 12.55 31.75 -30.65
N SER B 163 12.46 32.93 -30.02
CA SER B 163 11.59 34.08 -30.31
C SER B 163 12.21 34.80 -31.50
N PHE B 164 11.45 34.93 -32.61
CA PHE B 164 11.98 35.64 -33.79
C PHE B 164 11.96 37.17 -33.55
N VAL B 165 12.02 37.52 -32.26
CA VAL B 165 12.02 38.86 -31.73
C VAL B 165 13.47 39.22 -31.37
N GLY B 166 13.75 40.52 -31.45
CA GLY B 166 15.02 41.16 -31.18
C GLY B 166 15.29 41.46 -29.72
N TRP B 167 15.17 40.42 -28.88
CA TRP B 167 15.47 40.47 -27.45
C TRP B 167 16.97 40.63 -27.28
N GLU B 168 17.38 41.36 -26.26
CA GLU B 168 18.78 41.58 -25.98
C GLU B 168 19.02 41.55 -24.46
N LEU B 169 19.50 40.39 -23.98
CA LEU B 169 19.83 40.16 -22.58
C LEU B 169 21.27 40.66 -22.35
N GLU B 170 21.38 41.94 -21.95
CA GLU B 170 22.63 42.68 -21.73
C GLU B 170 23.54 42.11 -20.63
N GLU B 171 23.01 41.82 -19.43
CA GLU B 171 23.79 41.28 -18.31
C GLU B 171 22.99 40.33 -17.44
N VAL B 172 23.69 39.43 -16.73
CA VAL B 172 23.08 38.49 -15.79
C VAL B 172 23.97 38.55 -14.54
N LEU B 173 23.47 39.16 -13.47
CA LEU B 173 24.26 39.23 -12.25
C LEU B 173 23.85 38.18 -11.21
N LEU B 174 24.87 37.65 -10.52
CA LEU B 174 24.70 36.69 -9.43
C LEU B 174 25.26 37.32 -8.21
N LEU B 175 24.36 37.64 -7.27
CA LEU B 175 24.71 38.28 -6.00
C LEU B 175 24.77 37.26 -4.84
N ASP B 176 25.88 37.21 -4.08
CA ASP B 176 25.99 36.32 -2.91
C ASP B 176 25.56 37.12 -1.70
N MET B 177 24.36 36.80 -1.24
CA MET B 177 23.75 37.42 -0.09
C MET B 177 24.12 36.78 1.23
N SER B 178 24.68 35.55 1.20
CA SER B 178 25.09 34.78 2.39
C SER B 178 26.27 35.41 3.16
N LEU B 179 26.95 36.41 2.55
CA LEU B 179 28.08 37.10 3.16
C LEU B 179 27.75 38.52 3.50
N ASP B 180 28.54 39.15 4.40
CA ASP B 180 28.30 40.56 4.75
C ASP B 180 28.76 41.42 3.58
N ASP B 181 28.05 42.52 3.30
CA ASP B 181 28.46 43.42 2.23
C ASP B 181 29.06 44.69 2.82
N GLY B 182 30.30 44.55 3.31
CA GLY B 182 31.06 45.66 3.88
C GLY B 182 32.02 46.25 2.87
N ASP B 183 32.51 45.36 1.99
CA ASP B 183 33.45 45.57 0.87
C ASP B 183 32.81 46.30 -0.32
N SER B 184 31.46 46.42 -0.31
CA SER B 184 30.62 47.03 -1.35
C SER B 184 30.73 46.25 -2.68
N LYS B 185 30.69 44.89 -2.61
CA LYS B 185 30.75 44.04 -3.79
C LYS B 185 29.44 44.16 -4.59
N ILE B 186 28.28 44.05 -3.90
CA ILE B 186 26.98 44.18 -4.54
C ILE B 186 26.88 45.51 -5.29
N GLN B 187 27.30 46.63 -4.63
CA GLN B 187 27.28 47.97 -5.23
C GLN B 187 28.07 48.02 -6.54
N ASN B 188 29.26 47.39 -6.55
CA ASN B 188 30.10 47.35 -7.73
C ASN B 188 29.49 46.49 -8.83
N GLN B 189 28.78 45.42 -8.45
CA GLN B 189 28.11 44.58 -9.43
C GLN B 189 26.95 45.33 -10.01
N LEU B 190 26.13 45.97 -9.17
CA LEU B 190 24.95 46.71 -9.63
C LEU B 190 25.31 47.88 -10.54
N LYS B 191 26.54 48.45 -10.40
CA LYS B 191 27.03 49.54 -11.24
C LYS B 191 27.27 49.05 -12.68
N LYS B 192 27.41 47.71 -12.87
CA LYS B 192 27.57 47.06 -14.18
C LYS B 192 26.29 47.19 -15.04
N LEU B 193 25.10 47.24 -14.39
CA LEU B 193 23.80 47.37 -15.05
C LEU B 193 23.64 48.68 -15.84
N GLN B 194 23.16 48.56 -17.10
CA GLN B 194 22.95 49.67 -18.03
C GLN B 194 21.55 49.64 -18.69
N SER B 195 20.83 48.49 -18.61
CA SER B 195 19.52 48.25 -19.22
C SER B 195 18.37 49.07 -18.64
N PRO B 196 17.35 49.47 -19.48
CA PRO B 196 16.17 50.16 -18.92
C PRO B 196 15.25 49.20 -18.11
N ILE B 197 15.30 47.87 -18.38
CA ILE B 197 14.48 46.86 -17.69
C ILE B 197 15.35 45.85 -16.94
N ILE B 198 15.05 45.64 -15.66
CA ILE B 198 15.80 44.68 -14.86
C ILE B 198 14.83 43.66 -14.24
N LEU B 199 15.08 42.37 -14.49
CA LEU B 199 14.30 41.28 -13.91
C LEU B 199 15.05 40.84 -12.67
N LEU B 200 14.41 40.97 -11.51
CA LEU B 200 15.07 40.63 -10.27
C LEU B 200 14.45 39.37 -9.65
N TYR B 201 15.26 38.31 -9.46
CA TYR B 201 14.87 37.03 -8.86
C TYR B 201 15.64 36.84 -7.54
N CYS B 202 14.90 36.92 -6.43
CA CYS B 202 15.44 36.83 -5.10
C CYS B 202 14.27 36.80 -4.13
N THR B 203 14.53 36.90 -2.79
CA THR B 203 13.48 36.93 -1.76
C THR B 203 13.10 38.38 -1.45
N LYS B 204 11.97 38.59 -0.77
CA LYS B 204 11.53 39.91 -0.37
C LYS B 204 12.58 40.55 0.54
N GLU B 205 13.20 39.76 1.42
CA GLU B 205 14.23 40.23 2.35
C GLU B 205 15.49 40.69 1.59
N GLU B 206 15.91 39.91 0.60
CA GLU B 206 17.08 40.16 -0.25
C GLU B 206 16.83 41.39 -1.13
N ALA B 207 15.61 41.46 -1.69
CA ALA B 207 15.20 42.54 -2.56
C ALA B 207 15.27 43.90 -1.84
N THR B 208 14.91 43.96 -0.51
CA THR B 208 14.97 45.23 0.24
C THR B 208 16.41 45.75 0.26
N TYR B 209 17.41 44.85 0.52
CA TYR B 209 18.82 45.23 0.50
C TYR B 209 19.25 45.70 -0.87
N ILE B 210 19.07 44.83 -1.90
CA ILE B 210 19.37 45.08 -3.32
C ILE B 210 18.83 46.46 -3.80
N PHE B 211 17.56 46.77 -3.46
CA PHE B 211 16.92 48.02 -3.84
C PHE B 211 17.57 49.24 -3.18
N GLU B 212 17.93 49.12 -1.89
CA GLU B 212 18.61 50.17 -1.13
C GLU B 212 19.93 50.47 -1.82
N VAL B 213 20.65 49.43 -2.25
CA VAL B 213 21.90 49.55 -3.01
C VAL B 213 21.66 50.18 -4.39
N ALA B 214 20.74 49.59 -5.19
CA ALA B 214 20.39 50.05 -6.52
C ALA B 214 20.00 51.52 -6.51
N ASN B 215 19.30 51.99 -5.45
CA ASN B 215 18.99 53.41 -5.34
C ASN B 215 20.27 54.24 -5.23
N SER B 216 21.26 53.84 -4.35
CA SER B 216 22.55 54.54 -4.18
C SER B 216 23.28 54.75 -5.48
N VAL B 217 23.18 53.77 -6.40
CA VAL B 217 23.82 53.73 -7.72
C VAL B 217 22.89 54.38 -8.80
N GLY B 218 21.74 54.88 -8.36
CA GLY B 218 20.74 55.60 -9.16
C GLY B 218 20.00 54.75 -10.17
N LEU B 219 19.60 53.54 -9.76
CA LEU B 219 18.95 52.58 -10.65
C LEU B 219 17.47 52.34 -10.39
N THR B 220 16.92 52.98 -9.35
CA THR B 220 15.51 52.81 -8.99
C THR B 220 14.58 53.89 -9.62
N GLY B 221 15.20 54.99 -10.12
CA GLY B 221 14.53 56.13 -10.72
C GLY B 221 13.81 55.90 -12.03
N TYR B 222 13.51 57.02 -12.72
CA TYR B 222 12.80 57.02 -14.01
C TYR B 222 13.75 56.46 -15.07
N GLY B 223 13.18 55.78 -16.06
CA GLY B 223 13.96 55.15 -17.13
C GLY B 223 14.53 53.78 -16.77
N TYR B 224 14.23 53.32 -15.54
CA TYR B 224 14.61 52.04 -14.97
C TYR B 224 13.35 51.40 -14.43
N THR B 225 13.03 50.21 -14.97
CA THR B 225 11.85 49.43 -14.57
C THR B 225 12.30 48.09 -14.05
N TRP B 226 11.78 47.69 -12.89
CA TRP B 226 12.11 46.43 -12.24
C TRP B 226 10.91 45.50 -12.25
N ILE B 227 11.05 44.36 -12.92
CA ILE B 227 10.02 43.33 -12.90
C ILE B 227 10.52 42.29 -11.89
N VAL B 228 9.62 41.87 -11.02
CA VAL B 228 9.93 40.97 -9.91
C VAL B 228 8.93 39.77 -9.79
N PRO B 229 9.31 38.60 -9.22
CA PRO B 229 8.32 37.52 -9.07
C PRO B 229 7.50 37.65 -7.77
N SER B 230 6.38 36.94 -7.71
CA SER B 230 5.41 36.81 -6.61
C SER B 230 5.96 36.93 -5.19
N LEU B 231 7.07 36.23 -4.91
CA LEU B 231 7.66 36.17 -3.59
C LEU B 231 8.25 37.48 -3.13
N VAL B 232 8.75 38.31 -4.06
CA VAL B 232 9.27 39.64 -3.69
C VAL B 232 8.12 40.58 -3.24
N ALA B 233 6.95 40.49 -3.90
CA ALA B 233 5.80 41.29 -3.51
C ALA B 233 5.26 40.74 -2.19
N GLY B 234 5.04 39.41 -2.14
CA GLY B 234 4.53 38.67 -0.99
C GLY B 234 3.25 39.27 -0.46
N ASP B 235 3.21 39.53 0.86
CA ASP B 235 2.09 40.19 1.53
C ASP B 235 2.07 41.60 0.97
N THR B 236 1.07 41.90 0.09
CA THR B 236 0.95 43.20 -0.58
C THR B 236 0.69 44.34 0.41
N ASP B 237 0.34 43.99 1.66
CA ASP B 237 0.08 44.93 2.74
C ASP B 237 1.35 45.29 3.50
N THR B 238 2.47 44.60 3.21
CA THR B 238 3.77 44.90 3.79
C THR B 238 4.64 45.37 2.67
N VAL B 239 4.78 46.71 2.56
CA VAL B 239 5.57 47.31 1.51
C VAL B 239 6.86 47.93 2.06
N PRO B 240 8.02 47.27 1.90
CA PRO B 240 9.26 47.89 2.40
C PRO B 240 9.51 49.27 1.79
N ALA B 241 9.95 50.21 2.61
CA ALA B 241 10.24 51.57 2.17
C ALA B 241 11.25 51.61 1.00
N GLU B 242 12.19 50.66 0.98
CA GLU B 242 13.25 50.58 0.00
C GLU B 242 12.76 50.09 -1.38
N PHE B 243 11.52 49.57 -1.47
CA PHE B 243 10.94 49.15 -2.76
C PHE B 243 10.74 50.38 -3.66
N PRO B 244 11.16 50.35 -4.95
CA PRO B 244 10.97 51.54 -5.79
C PRO B 244 9.54 51.71 -6.30
N THR B 245 9.03 52.95 -6.29
CA THR B 245 7.69 53.27 -6.84
C THR B 245 7.80 52.98 -8.36
N GLY B 246 6.85 52.22 -8.89
CA GLY B 246 6.85 51.81 -10.29
C GLY B 246 7.36 50.39 -10.45
N LEU B 247 7.46 49.65 -9.32
CA LEU B 247 7.91 48.26 -9.30
C LEU B 247 6.77 47.39 -9.80
N ILE B 248 7.07 46.51 -10.78
CA ILE B 248 6.08 45.60 -11.38
C ILE B 248 6.30 44.22 -10.80
N SER B 249 5.20 43.55 -10.42
CA SER B 249 5.27 42.21 -9.90
C SER B 249 4.10 41.38 -10.38
N VAL B 250 4.20 40.07 -10.24
CA VAL B 250 3.20 39.04 -10.52
C VAL B 250 2.66 38.70 -9.13
N SER B 251 1.36 38.41 -8.98
CA SER B 251 0.80 38.03 -7.70
C SER B 251 -0.27 36.98 -7.89
N TYR B 252 -0.35 36.00 -6.99
CA TYR B 252 -1.44 35.05 -7.12
C TYR B 252 -2.68 35.67 -6.50
N ASP B 253 -3.73 35.91 -7.36
CA ASP B 253 -5.05 36.52 -7.13
C ASP B 253 -5.63 36.33 -5.72
N GLU B 254 -5.09 37.11 -4.71
CA GLU B 254 -5.56 37.12 -3.31
C GLU B 254 -6.93 37.80 -3.36
N TRP B 255 -7.15 38.59 -4.43
CA TRP B 255 -8.32 39.39 -4.78
C TRP B 255 -9.59 38.54 -5.04
N ASP B 256 -9.60 37.65 -6.06
CA ASP B 256 -10.76 36.85 -6.45
C ASP B 256 -10.76 35.40 -5.97
N TYR B 257 -9.57 34.82 -5.72
CA TYR B 257 -9.45 33.46 -5.20
C TYR B 257 -9.11 33.61 -3.73
N GLY B 258 -10.12 33.99 -2.95
CA GLY B 258 -10.01 34.22 -1.52
C GLY B 258 -9.77 32.95 -0.75
N LEU B 259 -9.37 33.10 0.48
CA LEU B 259 -9.00 32.00 1.36
C LEU B 259 -10.10 30.91 1.51
N PRO B 260 -11.41 31.24 1.73
CA PRO B 260 -12.42 30.16 1.86
C PRO B 260 -12.55 29.24 0.64
N ALA B 261 -12.46 29.82 -0.58
CA ALA B 261 -12.48 29.05 -1.82
C ALA B 261 -11.29 28.10 -1.86
N ARG B 262 -10.07 28.62 -1.49
CA ARG B 262 -8.83 27.86 -1.45
C ARG B 262 -8.92 26.70 -0.48
N VAL B 263 -9.45 26.94 0.74
CA VAL B 263 -9.59 25.89 1.75
C VAL B 263 -10.51 24.79 1.20
N ARG B 264 -11.70 25.17 0.64
CA ARG B 264 -12.68 24.26 0.05
C ARG B 264 -12.00 23.41 -1.03
N ASP B 265 -11.23 24.06 -1.92
CA ASP B 265 -10.51 23.39 -3.01
C ASP B 265 -9.43 22.45 -2.46
N GLY B 266 -8.75 22.88 -1.40
CA GLY B 266 -7.77 22.06 -0.72
C GLY B 266 -8.42 20.81 -0.15
N ILE B 267 -9.59 20.96 0.53
CA ILE B 267 -10.33 19.83 1.11
C ILE B 267 -10.84 18.88 0.00
N ALA B 268 -11.27 19.47 -1.13
CA ALA B 268 -11.73 18.74 -2.31
C ALA B 268 -10.64 17.84 -2.90
N ILE B 269 -9.40 18.38 -3.02
CA ILE B 269 -8.24 17.68 -3.59
C ILE B 269 -7.93 16.41 -2.79
N ILE B 270 -7.76 16.55 -1.46
CA ILE B 270 -7.42 15.43 -0.57
C ILE B 270 -8.53 14.38 -0.59
N THR B 271 -9.79 14.80 -0.48
CA THR B 271 -10.95 13.91 -0.47
C THR B 271 -11.07 13.14 -1.81
N THR B 272 -10.99 13.85 -2.97
CA THR B 272 -11.07 13.21 -4.30
C THR B 272 -9.96 12.19 -4.48
N ALA B 273 -8.69 12.61 -4.21
CA ALA B 273 -7.50 11.78 -4.31
C ALA B 273 -7.71 10.50 -3.52
N ALA B 274 -8.16 10.61 -2.23
CA ALA B 274 -8.42 9.47 -1.35
C ALA B 274 -9.55 8.58 -1.91
N SER B 275 -10.70 9.18 -2.33
CA SER B 275 -11.81 8.44 -2.93
C SER B 275 -11.33 7.63 -4.15
N ASP B 276 -10.49 8.23 -5.01
CA ASP B 276 -9.97 7.61 -6.21
C ASP B 276 -9.09 6.39 -5.94
N MET B 277 -8.10 6.54 -5.04
CA MET B 277 -7.20 5.48 -4.63
C MET B 277 -7.97 4.31 -4.01
N LEU B 278 -9.01 4.62 -3.21
CA LEU B 278 -9.89 3.64 -2.54
C LEU B 278 -10.74 2.91 -3.56
N SER B 279 -11.40 3.65 -4.48
CA SER B 279 -12.28 3.06 -5.49
C SER B 279 -11.50 2.43 -6.67
N GLU B 280 -10.17 2.18 -6.46
CA GLU B 280 -9.29 1.58 -7.47
C GLU B 280 -8.38 0.54 -6.89
N HIS B 281 -7.90 0.76 -5.67
CA HIS B 281 -6.96 -0.15 -5.02
C HIS B 281 -7.53 -0.85 -3.80
N SER B 282 -8.81 -0.54 -3.45
CA SER B 282 -9.54 -1.09 -2.31
C SER B 282 -8.85 -0.76 -0.97
N PHE B 283 -8.11 0.37 -0.94
CA PHE B 283 -7.38 0.87 0.21
C PHE B 283 -6.87 2.29 0.01
N ILE B 284 -6.53 2.95 1.12
CA ILE B 284 -5.96 4.30 1.20
C ILE B 284 -4.73 4.21 2.12
N PRO B 285 -3.79 5.18 2.09
CA PRO B 285 -2.63 5.05 2.98
C PRO B 285 -3.04 5.36 4.41
N GLU B 286 -2.52 4.57 5.34
CA GLU B 286 -2.83 4.77 6.73
C GLU B 286 -2.13 5.97 7.34
N PRO B 287 -2.92 6.93 7.88
CA PRO B 287 -2.31 8.06 8.59
C PRO B 287 -1.54 7.57 9.80
N LYS B 288 -0.23 7.63 9.67
CA LYS B 288 0.81 7.32 10.65
C LYS B 288 0.62 8.30 11.82
N SER B 289 0.57 7.75 13.03
CA SER B 289 0.29 8.50 14.24
C SER B 289 1.52 9.03 14.94
N SER B 290 2.70 8.96 14.27
CA SER B 290 3.94 9.45 14.86
C SER B 290 4.93 10.00 13.85
N CYS B 291 5.72 10.99 14.30
CA CYS B 291 6.80 11.60 13.55
C CYS B 291 8.09 10.99 14.08
N TYR B 292 8.01 10.28 15.20
CA TYR B 292 9.15 9.73 15.92
C TYR B 292 9.38 8.24 15.62
N ASN B 293 8.65 7.69 14.62
CA ASN B 293 8.73 6.31 14.18
C ASN B 293 9.00 6.22 12.66
N THR B 294 9.04 7.37 11.95
CA THR B 294 9.24 7.49 10.48
C THR B 294 10.29 6.51 9.92
N HIS B 295 11.44 6.37 10.60
CA HIS B 295 12.56 5.50 10.23
C HIS B 295 12.20 4.01 10.16
N GLU B 296 11.42 3.56 11.18
CA GLU B 296 10.92 2.19 11.40
C GLU B 296 9.94 1.74 10.34
N LYS B 297 8.93 2.57 10.06
CA LYS B 297 7.87 2.15 9.18
C LYS B 297 7.93 2.71 7.75
N ARG B 298 9.09 3.06 7.20
CA ARG B 298 9.11 3.58 5.84
C ARG B 298 8.91 2.52 4.74
N ILE B 299 9.33 1.23 4.97
CA ILE B 299 9.13 0.14 3.99
C ILE B 299 7.64 -0.14 3.77
N TYR B 300 6.79 0.38 4.65
CA TYR B 300 5.34 0.19 4.64
C TYR B 300 4.60 1.34 4.04
N GLN B 301 5.28 2.48 3.87
CA GLN B 301 4.72 3.73 3.35
C GLN B 301 5.31 4.09 1.99
N SER B 302 4.58 4.94 1.22
CA SER B 302 4.98 5.44 -0.10
C SER B 302 4.21 6.73 -0.46
N ASN B 303 4.59 7.40 -1.57
CA ASN B 303 3.89 8.61 -2.00
C ASN B 303 2.86 8.29 -3.10
N MET B 304 2.24 7.10 -3.00
CA MET B 304 1.25 6.58 -3.95
C MET B 304 0.11 7.54 -4.22
N LEU B 305 -0.40 8.22 -3.19
CA LEU B 305 -1.50 9.18 -3.35
C LEU B 305 -1.24 10.32 -4.33
N ASN B 306 0.04 10.66 -4.60
CA ASN B 306 0.43 11.75 -5.49
C ASN B 306 -0.15 11.62 -6.87
N ARG B 307 -0.27 10.39 -7.40
CA ARG B 307 -0.83 10.20 -8.73
C ARG B 307 -2.30 10.59 -8.79
N TYR B 308 -2.97 10.53 -7.63
CA TYR B 308 -4.36 10.93 -7.50
C TYR B 308 -4.49 12.41 -7.14
N LEU B 309 -3.57 12.95 -6.33
CA LEU B 309 -3.53 14.34 -5.87
C LEU B 309 -3.23 15.39 -6.95
N ILE B 310 -2.50 14.97 -7.99
CA ILE B 310 -1.93 15.76 -9.08
C ILE B 310 -2.90 16.14 -10.15
N ASN B 311 -4.06 15.48 -10.18
CA ASN B 311 -4.99 15.68 -11.28
C ASN B 311 -6.44 15.46 -10.80
N VAL B 312 -6.85 16.31 -9.83
CA VAL B 312 -8.20 16.33 -9.24
C VAL B 312 -9.06 17.36 -9.99
N THR B 313 -10.26 16.98 -10.37
CA THR B 313 -11.18 17.92 -10.98
C THR B 313 -12.44 17.93 -10.07
N PHE B 314 -12.90 19.13 -9.70
CA PHE B 314 -14.02 19.33 -8.79
C PHE B 314 -14.85 20.56 -9.18
N GLU B 315 -16.19 20.36 -9.33
CA GLU B 315 -17.18 21.35 -9.79
C GLU B 315 -16.70 21.90 -11.15
N GLY B 316 -16.23 20.98 -12.01
CA GLY B 316 -15.70 21.31 -13.32
C GLY B 316 -14.40 22.08 -13.32
N ARG B 317 -14.02 22.68 -12.16
CA ARG B 317 -12.76 23.43 -12.02
C ARG B 317 -11.57 22.42 -12.01
N ASP B 318 -10.64 22.58 -12.97
CA ASP B 318 -9.44 21.72 -13.11
C ASP B 318 -8.35 22.18 -12.13
N LEU B 319 -8.31 21.54 -10.94
CA LEU B 319 -7.37 21.85 -9.86
C LEU B 319 -6.05 21.05 -9.98
N SER B 320 -5.69 20.61 -11.19
CA SER B 320 -4.48 19.80 -11.39
C SER B 320 -3.18 20.58 -11.09
N PHE B 321 -2.12 19.87 -10.66
CA PHE B 321 -0.81 20.40 -10.30
C PHE B 321 0.25 19.95 -11.31
N SER B 322 1.32 20.71 -11.45
CA SER B 322 2.44 20.44 -12.34
C SER B 322 3.32 19.27 -11.85
N GLU B 323 4.28 18.83 -12.67
CA GLU B 323 5.16 17.73 -12.29
C GLU B 323 6.01 18.12 -11.06
N ASP B 324 6.19 19.45 -10.84
CA ASP B 324 6.97 20.03 -9.73
C ASP B 324 6.13 20.48 -8.52
N GLY B 325 4.82 20.26 -8.57
CA GLY B 325 3.96 20.57 -7.45
C GLY B 325 3.41 21.96 -7.35
N TYR B 326 3.49 22.77 -8.43
CA TYR B 326 2.86 24.10 -8.42
C TYR B 326 1.57 23.97 -9.25
N GLN B 327 0.61 24.88 -9.08
CA GLN B 327 -0.65 24.86 -9.81
C GLN B 327 -0.38 24.91 -11.34
N MET B 328 -1.10 24.07 -12.10
CA MET B 328 -0.96 23.95 -13.55
C MET B 328 -1.44 25.20 -14.28
N HIS B 329 -2.66 25.67 -13.97
CA HIS B 329 -3.20 26.82 -14.64
C HIS B 329 -3.65 27.87 -13.64
N PRO B 330 -2.73 28.77 -13.20
CA PRO B 330 -3.15 29.81 -12.24
C PRO B 330 -3.50 31.14 -12.93
N LYS B 331 -4.55 31.82 -12.43
CA LYS B 331 -4.93 33.13 -12.95
C LYS B 331 -4.13 34.16 -12.14
N LEU B 332 -2.97 34.53 -12.68
CA LEU B 332 -2.08 35.50 -12.04
C LEU B 332 -2.56 36.92 -12.25
N VAL B 333 -2.07 37.82 -11.42
CA VAL B 333 -2.46 39.22 -11.39
C VAL B 333 -1.19 40.05 -11.43
N ILE B 334 -1.11 40.98 -12.40
CA ILE B 334 0.05 41.86 -12.56
C ILE B 334 -0.20 43.09 -11.71
N ILE B 335 0.75 43.40 -10.85
CA ILE B 335 0.58 44.51 -9.92
C ILE B 335 1.67 45.56 -10.03
N LEU B 336 1.30 46.81 -9.78
CA LEU B 336 2.22 47.95 -9.82
C LEU B 336 2.20 48.68 -8.48
N LEU B 337 3.39 48.98 -7.95
CA LEU B 337 3.53 49.70 -6.69
C LEU B 337 3.41 51.21 -6.97
N ASN B 338 2.23 51.81 -6.68
CA ASN B 338 1.95 53.22 -7.00
C ASN B 338 2.64 54.27 -6.06
N LYS B 339 2.38 55.58 -6.35
CA LYS B 339 2.90 56.74 -5.61
C LYS B 339 2.48 56.71 -4.14
N GLU B 340 1.23 56.29 -3.84
CA GLU B 340 0.72 56.16 -2.48
C GLU B 340 1.27 54.86 -1.82
N ARG B 341 2.39 54.35 -2.35
CA ARG B 341 3.13 53.17 -1.90
C ARG B 341 2.20 51.94 -1.59
N LYS B 342 1.22 51.72 -2.50
CA LYS B 342 0.21 50.66 -2.45
C LYS B 342 0.24 49.87 -3.74
N TRP B 343 -0.02 48.56 -3.65
CA TRP B 343 -0.02 47.70 -4.82
C TRP B 343 -1.35 47.82 -5.56
N GLU B 344 -1.27 48.09 -6.86
CA GLU B 344 -2.40 48.31 -7.75
C GLU B 344 -2.46 47.21 -8.80
N ARG B 345 -3.67 46.74 -9.17
CA ARG B 345 -3.83 45.75 -10.24
C ARG B 345 -3.67 46.47 -11.58
N VAL B 346 -2.79 45.98 -12.46
CA VAL B 346 -2.53 46.60 -13.75
C VAL B 346 -2.67 45.63 -14.94
N GLY B 347 -3.02 44.39 -14.64
CA GLY B 347 -3.21 43.32 -15.61
C GLY B 347 -3.53 41.95 -15.01
N LYS B 348 -3.84 40.99 -15.91
CA LYS B 348 -4.22 39.62 -15.58
C LYS B 348 -3.61 38.67 -16.59
N TRP B 349 -3.20 37.48 -16.11
CA TRP B 349 -2.64 36.39 -16.91
C TRP B 349 -3.49 35.18 -16.61
N LYS B 350 -4.36 34.81 -17.55
CA LYS B 350 -5.33 33.74 -17.33
C LYS B 350 -4.94 32.39 -17.93
N ASP B 351 -4.75 32.35 -19.26
CA ASP B 351 -4.47 31.11 -19.98
C ASP B 351 -3.60 31.42 -21.18
N LYS B 352 -2.26 31.40 -20.95
CA LYS B 352 -1.21 31.71 -21.93
C LYS B 352 -1.28 33.20 -22.45
N SER B 353 -2.42 33.92 -22.19
CA SER B 353 -2.70 35.30 -22.63
C SER B 353 -2.74 36.35 -21.52
N LEU B 354 -2.07 37.49 -21.80
CA LEU B 354 -1.93 38.66 -20.93
C LEU B 354 -2.90 39.76 -21.34
N GLN B 355 -3.60 40.28 -20.35
CA GLN B 355 -4.55 41.33 -20.60
C GLN B 355 -4.21 42.43 -19.65
N MET B 356 -3.59 43.48 -20.17
CA MET B 356 -3.13 44.62 -19.38
C MET B 356 -4.17 45.70 -19.35
N LYS B 357 -4.04 46.58 -18.36
CA LYS B 357 -4.94 47.71 -18.14
C LYS B 357 -4.56 48.87 -19.10
N TYR B 358 -3.26 49.25 -19.12
CA TYR B 358 -2.73 50.36 -19.90
C TYR B 358 -2.10 50.02 -21.22
N TYR B 359 -2.16 50.95 -22.18
CA TYR B 359 -1.41 50.74 -23.41
C TYR B 359 -0.03 51.37 -23.16
N VAL B 360 -0.03 52.57 -22.62
CA VAL B 360 1.15 53.34 -22.24
C VAL B 360 1.09 53.42 -20.73
N TRP B 361 2.20 53.20 -20.01
CA TRP B 361 2.22 53.31 -18.55
C TRP B 361 2.18 54.75 -18.02
N PRO B 362 1.31 55.10 -17.03
CA PRO B 362 1.31 56.49 -16.51
C PRO B 362 2.15 56.60 -15.23
N ASP C 1 -32.75 -35.55 39.23
CA ASP C 1 -31.50 -35.25 38.56
C ASP C 1 -31.55 -35.56 37.02
N PRO C 2 -32.02 -34.61 36.18
CA PRO C 2 -32.04 -34.86 34.73
C PRO C 2 -30.69 -34.52 34.10
N LYS C 3 -30.55 -34.83 32.80
CA LYS C 3 -29.37 -34.55 32.00
C LYS C 3 -29.47 -33.15 31.43
N ILE C 4 -28.46 -32.31 31.68
CA ILE C 4 -28.50 -30.95 31.15
C ILE C 4 -27.91 -30.89 29.74
N VAL C 5 -28.77 -30.59 28.78
CA VAL C 5 -28.50 -30.44 27.34
C VAL C 5 -28.52 -28.95 27.01
N ASN C 6 -27.35 -28.40 26.66
CA ASN C 6 -27.21 -26.98 26.37
C ASN C 6 -27.57 -26.60 24.96
N ILE C 7 -28.20 -25.43 24.82
CA ILE C 7 -28.53 -24.81 23.55
C ILE C 7 -27.80 -23.47 23.54
N GLY C 8 -27.04 -23.23 22.47
CA GLY C 8 -26.26 -22.02 22.31
C GLY C 8 -26.90 -21.00 21.39
N ALA C 9 -26.48 -19.73 21.53
CA ALA C 9 -26.96 -18.64 20.69
C ALA C 9 -25.97 -17.47 20.56
N VAL C 10 -25.92 -16.87 19.37
CA VAL C 10 -25.14 -15.67 19.05
C VAL C 10 -26.20 -14.67 18.64
N LEU C 11 -26.56 -13.76 19.55
CA LEU C 11 -27.66 -12.82 19.39
C LEU C 11 -27.24 -11.36 19.36
N SER C 12 -28.15 -10.46 18.97
CA SER C 12 -27.83 -9.05 18.82
C SER C 12 -27.58 -8.30 20.08
N THR C 13 -28.54 -8.32 21.01
CA THR C 13 -28.47 -7.52 22.23
C THR C 13 -28.51 -8.37 23.51
N LYS C 14 -28.15 -7.73 24.64
CA LYS C 14 -28.18 -8.32 25.98
C LYS C 14 -29.64 -8.67 26.38
N LYS C 15 -30.63 -7.99 25.75
CA LYS C 15 -32.06 -8.20 25.95
C LYS C 15 -32.53 -9.37 25.13
N HIS C 16 -31.85 -9.66 24.01
CA HIS C 16 -32.20 -10.81 23.16
C HIS C 16 -31.72 -12.05 23.85
N GLU C 17 -30.54 -11.97 24.50
CA GLU C 17 -29.99 -13.05 25.32
C GLU C 17 -31.02 -13.30 26.47
N GLN C 18 -31.61 -12.21 27.01
CA GLN C 18 -32.65 -12.26 28.04
C GLN C 18 -33.85 -13.06 27.50
N ILE C 19 -34.31 -12.72 26.27
CA ILE C 19 -35.43 -13.37 25.59
C ILE C 19 -35.13 -14.88 25.33
N PHE C 20 -33.88 -15.23 24.97
CA PHE C 20 -33.43 -16.61 24.75
C PHE C 20 -33.61 -17.44 26.06
N ARG C 21 -33.08 -16.91 27.19
CA ARG C 21 -33.16 -17.52 28.50
C ARG C 21 -34.59 -17.92 28.85
N GLU C 22 -35.58 -17.03 28.56
CA GLU C 22 -37.01 -17.26 28.82
C GLU C 22 -37.60 -18.33 27.89
N ALA C 23 -37.37 -18.18 26.55
CA ALA C 23 -37.82 -19.12 25.53
C ALA C 23 -37.37 -20.53 25.90
N VAL C 24 -36.09 -20.66 26.36
CA VAL C 24 -35.50 -21.90 26.83
C VAL C 24 -36.24 -22.42 28.06
N ASN C 25 -36.70 -21.52 28.97
CA ASN C 25 -37.45 -22.04 30.09
C ASN C 25 -38.90 -22.44 29.72
N GLN C 26 -39.55 -21.69 28.79
CA GLN C 26 -40.91 -22.00 28.34
C GLN C 26 -40.95 -23.43 27.75
N ALA C 27 -39.81 -23.85 27.16
CA ALA C 27 -39.57 -25.18 26.61
C ALA C 27 -39.61 -26.17 27.75
N ASN C 28 -38.82 -25.94 28.83
CA ASN C 28 -38.82 -26.81 30.00
C ASN C 28 -40.19 -26.84 30.66
N LYS C 29 -40.91 -25.70 30.65
CA LYS C 29 -42.25 -25.55 31.22
C LYS C 29 -43.23 -26.53 30.50
N ARG C 30 -43.29 -26.46 29.14
CA ARG C 30 -44.21 -27.22 28.29
C ARG C 30 -43.79 -28.69 28.00
N HIS C 31 -42.52 -29.06 28.22
CA HIS C 31 -41.99 -30.42 28.00
C HIS C 31 -41.72 -31.17 29.31
N PHE C 32 -41.21 -32.43 29.20
CA PHE C 32 -40.85 -33.21 30.38
C PHE C 32 -39.42 -32.91 30.84
N THR C 33 -39.32 -31.93 31.77
CA THR C 33 -38.10 -31.42 32.42
C THR C 33 -37.34 -32.56 33.11
N ARG C 34 -38.08 -33.59 33.59
CA ARG C 34 -37.56 -34.79 34.25
C ARG C 34 -36.91 -35.70 33.20
N LYS C 35 -35.72 -36.26 33.51
CA LYS C 35 -34.86 -37.13 32.68
C LYS C 35 -33.90 -36.36 31.74
N ILE C 36 -34.37 -35.28 31.09
CA ILE C 36 -33.58 -34.46 30.14
C ILE C 36 -34.09 -32.97 30.20
N GLN C 37 -33.16 -31.99 30.40
CA GLN C 37 -33.49 -30.57 30.62
C GLN C 37 -32.56 -29.60 29.88
N LEU C 38 -33.14 -28.56 29.26
CA LEU C 38 -32.38 -27.58 28.50
C LEU C 38 -31.75 -26.49 29.34
N GLN C 39 -30.63 -25.94 28.83
CA GLN C 39 -29.90 -24.86 29.46
C GLN C 39 -29.43 -23.92 28.37
N ALA C 40 -29.81 -22.66 28.48
CA ALA C 40 -29.42 -21.63 27.54
C ALA C 40 -28.00 -21.16 27.83
N THR C 41 -27.19 -21.03 26.77
CA THR C 41 -25.80 -20.54 26.76
C THR C 41 -25.81 -19.54 25.61
N SER C 42 -25.30 -18.32 25.82
CA SER C 42 -25.31 -17.33 24.72
C SER C 42 -24.26 -16.26 24.85
N VAL C 43 -24.02 -15.58 23.72
CA VAL C 43 -23.11 -14.45 23.53
C VAL C 43 -23.76 -13.50 22.51
N THR C 44 -23.25 -12.27 22.44
CA THR C 44 -23.65 -11.28 21.44
C THR C 44 -22.58 -11.28 20.36
N HIS C 45 -22.86 -10.71 19.18
CA HIS C 45 -21.88 -10.69 18.10
C HIS C 45 -20.58 -10.00 18.48
N ARG C 46 -19.45 -10.53 17.99
CA ARG C 46 -18.12 -9.97 18.26
C ARG C 46 -17.79 -8.86 17.24
N PRO C 47 -16.79 -7.97 17.53
CA PRO C 47 -16.50 -6.88 16.58
C PRO C 47 -16.06 -7.33 15.21
N ASN C 48 -15.36 -8.47 15.12
CA ASN C 48 -14.88 -9.03 13.88
C ASN C 48 -15.05 -10.57 13.83
N ALA C 49 -14.82 -11.18 12.64
CA ALA C 49 -14.98 -12.61 12.38
C ALA C 49 -14.06 -13.52 13.14
N ILE C 50 -12.76 -13.15 13.30
CA ILE C 50 -11.81 -14.00 14.05
C ILE C 50 -12.30 -14.12 15.51
N GLN C 51 -12.58 -12.98 16.14
CA GLN C 51 -13.09 -12.91 17.51
C GLN C 51 -14.40 -13.71 17.65
N MET C 52 -15.32 -13.59 16.66
CA MET C 52 -16.58 -14.32 16.67
C MET C 52 -16.35 -15.84 16.66
N ALA C 53 -15.45 -16.33 15.77
CA ALA C 53 -15.11 -17.76 15.69
C ALA C 53 -14.55 -18.25 17.02
N LEU C 54 -13.67 -17.45 17.61
CA LEU C 54 -13.02 -17.76 18.88
C LEU C 54 -14.04 -17.81 19.99
N SER C 55 -15.05 -16.92 19.94
CA SER C 55 -16.13 -16.82 20.90
C SER C 55 -16.95 -18.09 20.88
N VAL C 56 -17.27 -18.63 19.68
CA VAL C 56 -18.04 -19.86 19.54
C VAL C 56 -17.37 -21.00 20.32
N CYS C 57 -16.04 -21.16 20.14
CA CYS C 57 -15.23 -22.17 20.80
C CYS C 57 -15.19 -21.99 22.32
N GLU C 58 -14.84 -20.78 22.75
CA GLU C 58 -14.65 -20.42 24.14
C GLU C 58 -15.92 -20.34 24.94
N ASP C 59 -16.98 -19.85 24.33
CA ASP C 59 -18.21 -19.59 25.06
C ASP C 59 -19.33 -20.57 24.78
N LEU C 60 -19.40 -21.16 23.59
CA LEU C 60 -20.50 -22.08 23.31
C LEU C 60 -20.09 -23.55 23.21
N ILE C 61 -19.09 -23.91 22.37
CA ILE C 61 -18.69 -25.31 22.19
C ILE C 61 -18.06 -25.81 23.49
N SER C 62 -17.51 -24.88 24.29
CA SER C 62 -16.95 -25.16 25.62
C SER C 62 -18.03 -25.70 26.57
N SER C 63 -19.30 -25.34 26.29
CA SER C 63 -20.45 -25.75 27.07
C SER C 63 -21.15 -26.94 26.48
N GLN C 64 -20.59 -27.58 25.43
CA GLN C 64 -21.20 -28.72 24.73
C GLN C 64 -22.63 -28.47 24.23
N VAL C 65 -22.81 -27.39 23.44
CA VAL C 65 -24.11 -27.01 22.89
C VAL C 65 -24.54 -28.01 21.82
N TYR C 66 -25.83 -28.28 21.73
CA TYR C 66 -26.41 -29.23 20.76
C TYR C 66 -26.74 -28.56 19.42
N ALA C 67 -26.97 -27.25 19.45
CA ALA C 67 -27.31 -26.40 18.32
C ALA C 67 -26.97 -24.95 18.69
N ILE C 68 -26.76 -24.11 17.68
CA ILE C 68 -26.45 -22.71 17.88
C ILE C 68 -27.45 -21.87 17.09
N LEU C 69 -28.13 -20.97 17.77
CA LEU C 69 -29.06 -20.04 17.14
C LEU C 69 -28.24 -18.82 16.75
N VAL C 70 -28.43 -18.29 15.56
CA VAL C 70 -27.67 -17.13 15.10
C VAL C 70 -28.58 -16.10 14.50
N SER C 71 -28.55 -14.88 15.04
CA SER C 71 -29.29 -13.78 14.48
C SER C 71 -28.33 -13.04 13.57
N HIS C 72 -28.82 -12.38 12.50
CA HIS C 72 -27.98 -11.59 11.61
C HIS C 72 -27.47 -10.35 12.41
N PRO C 73 -26.12 -10.14 12.47
CA PRO C 73 -25.57 -9.04 13.31
C PRO C 73 -26.11 -7.64 13.04
N LEU C 80 -19.63 -8.35 9.14
CA LEU C 80 -19.94 -9.45 10.05
C LEU C 80 -21.16 -10.27 9.54
N THR C 81 -21.03 -11.62 9.50
CA THR C 81 -22.03 -12.57 8.99
C THR C 81 -22.11 -13.85 9.83
N PRO C 82 -23.18 -14.69 9.67
CA PRO C 82 -23.21 -15.95 10.42
C PRO C 82 -22.14 -16.97 10.02
N THR C 83 -21.37 -16.69 8.94
CA THR C 83 -20.38 -17.62 8.39
C THR C 83 -19.32 -18.10 9.42
N PRO C 84 -18.59 -17.25 10.20
CA PRO C 84 -17.66 -17.81 11.19
C PRO C 84 -18.34 -18.77 12.16
N ILE C 85 -19.62 -18.50 12.52
CA ILE C 85 -20.42 -19.38 13.37
C ILE C 85 -20.70 -20.71 12.64
N SER C 86 -21.21 -20.59 11.39
CA SER C 86 -21.53 -21.71 10.51
C SER C 86 -20.31 -22.61 10.29
N TYR C 87 -19.15 -22.05 10.00
CA TYR C 87 -17.93 -22.84 9.80
C TYR C 87 -17.44 -23.54 11.08
N THR C 88 -17.32 -22.82 12.23
CA THR C 88 -16.87 -23.41 13.49
C THR C 88 -17.81 -24.56 13.95
N ALA C 89 -19.12 -24.30 13.93
CA ALA C 89 -20.12 -25.29 14.30
C ALA C 89 -20.16 -26.44 13.27
N GLY C 90 -20.03 -26.10 11.99
CA GLY C 90 -20.04 -27.06 10.88
C GLY C 90 -18.89 -28.05 10.96
N PHE C 91 -17.71 -27.56 11.40
CA PHE C 91 -16.51 -28.36 11.61
C PHE C 91 -16.82 -29.59 12.51
N TYR C 92 -17.69 -29.41 13.54
CA TYR C 92 -18.10 -30.46 14.47
C TYR C 92 -19.46 -31.06 14.14
N ARG C 93 -20.14 -30.54 13.12
CA ARG C 93 -21.44 -30.98 12.64
C ARG C 93 -22.55 -30.63 13.63
N ILE C 94 -22.32 -29.52 14.37
CA ILE C 94 -23.28 -28.93 15.29
C ILE C 94 -24.23 -28.05 14.46
N PRO C 95 -25.54 -28.37 14.46
CA PRO C 95 -26.50 -27.57 13.68
C PRO C 95 -26.60 -26.10 14.10
N VAL C 96 -26.74 -25.23 13.09
CA VAL C 96 -26.88 -23.80 13.25
C VAL C 96 -28.28 -23.39 12.74
N ILE C 97 -28.97 -22.53 13.51
CA ILE C 97 -30.30 -22.05 13.17
C ILE C 97 -30.22 -20.54 12.95
N GLY C 98 -30.24 -20.13 11.68
CA GLY C 98 -30.29 -18.73 11.28
C GLY C 98 -31.65 -18.15 11.60
N LEU C 99 -31.68 -17.00 12.29
CA LEU C 99 -32.97 -16.41 12.66
C LEU C 99 -33.38 -15.30 11.73
N THR C 100 -32.42 -14.49 11.22
CA THR C 100 -32.81 -13.35 10.39
C THR C 100 -32.01 -13.19 9.11
N THR C 101 -31.02 -14.06 8.87
CA THR C 101 -30.16 -14.10 7.66
C THR C 101 -30.93 -14.59 6.44
N ARG C 102 -31.08 -13.72 5.42
CA ARG C 102 -31.90 -14.01 4.22
C ARG C 102 -31.12 -14.34 2.97
N MET C 103 -29.80 -14.18 3.02
CA MET C 103 -28.97 -14.44 1.87
C MET C 103 -29.05 -15.89 1.44
N SER C 104 -29.32 -16.10 0.15
CA SER C 104 -29.48 -17.41 -0.49
C SER C 104 -28.27 -18.34 -0.39
N ILE C 105 -27.06 -17.81 -0.17
CA ILE C 105 -25.86 -18.63 -0.04
C ILE C 105 -25.89 -19.58 1.15
N TYR C 106 -26.60 -19.21 2.24
CA TYR C 106 -26.70 -20.04 3.45
C TYR C 106 -27.52 -21.33 3.19
N SER C 107 -28.04 -21.49 1.95
CA SER C 107 -28.76 -22.69 1.53
C SER C 107 -27.79 -23.67 0.85
N ASP C 108 -26.51 -23.25 0.65
CA ASP C 108 -25.48 -24.10 0.02
C ASP C 108 -24.98 -25.18 1.00
N LYS C 109 -25.58 -26.39 0.88
CA LYS C 109 -25.36 -27.60 1.69
C LYS C 109 -23.90 -28.03 1.73
N SER C 110 -23.11 -27.65 0.70
CA SER C 110 -21.71 -27.99 0.53
C SER C 110 -20.81 -27.16 1.50
N ILE C 111 -21.01 -25.83 1.58
CA ILE C 111 -20.22 -24.95 2.44
C ILE C 111 -20.89 -24.71 3.84
N HIS C 112 -22.24 -24.63 3.88
CA HIS C 112 -23.03 -24.47 5.11
C HIS C 112 -23.75 -25.79 5.35
N LEU C 113 -22.98 -26.81 5.77
CA LEU C 113 -23.33 -28.24 5.86
C LEU C 113 -24.17 -28.69 7.04
N SER C 114 -24.63 -27.78 7.89
CA SER C 114 -25.49 -28.10 9.06
C SER C 114 -26.09 -26.79 9.43
N PHE C 115 -26.96 -26.26 8.54
CA PHE C 115 -27.57 -24.93 8.69
C PHE C 115 -29.03 -24.89 8.26
N LEU C 116 -29.90 -24.64 9.23
CA LEU C 116 -31.35 -24.45 9.06
C LEU C 116 -31.62 -22.99 9.38
N ARG C 117 -32.80 -22.47 9.00
CA ARG C 117 -33.20 -21.10 9.29
C ARG C 117 -34.71 -20.92 9.27
N THR C 118 -35.22 -20.06 10.17
CA THR C 118 -36.66 -19.80 10.36
C THR C 118 -37.20 -18.72 9.38
N VAL C 119 -36.28 -18.10 8.63
CA VAL C 119 -36.60 -17.12 7.61
C VAL C 119 -36.25 -17.72 6.25
N PRO C 120 -37.06 -17.49 5.19
CA PRO C 120 -36.68 -18.03 3.87
C PRO C 120 -35.56 -17.21 3.21
N PRO C 121 -34.77 -17.76 2.26
CA PRO C 121 -33.80 -16.88 1.57
C PRO C 121 -34.54 -15.92 0.63
N TYR C 122 -33.93 -14.80 0.24
CA TYR C 122 -34.61 -13.88 -0.69
C TYR C 122 -35.12 -14.54 -1.99
N SER C 123 -34.45 -15.60 -2.45
CA SER C 123 -34.80 -16.30 -3.69
C SER C 123 -36.21 -16.83 -3.67
N HIS C 124 -36.75 -17.10 -2.46
CA HIS C 124 -38.07 -17.67 -2.26
C HIS C 124 -39.23 -16.72 -2.57
N GLN C 125 -38.94 -15.41 -2.75
CA GLN C 125 -39.93 -14.40 -3.13
C GLN C 125 -40.49 -14.69 -4.53
N ALA C 126 -39.77 -15.53 -5.30
CA ALA C 126 -40.16 -16.01 -6.63
C ALA C 126 -41.48 -16.77 -6.53
N LEU C 127 -41.76 -17.42 -5.35
CA LEU C 127 -43.03 -18.13 -5.06
C LEU C 127 -44.18 -17.14 -5.04
N VAL C 128 -43.91 -15.93 -4.52
CA VAL C 128 -44.92 -14.89 -4.42
C VAL C 128 -45.16 -14.31 -5.78
N TRP C 129 -44.09 -13.98 -6.53
CA TRP C 129 -44.19 -13.40 -7.87
C TRP C 129 -44.96 -14.28 -8.82
N PHE C 130 -44.78 -15.59 -8.66
CA PHE C 130 -45.45 -16.60 -9.46
C PHE C 130 -46.96 -16.60 -9.24
N GLU C 131 -47.37 -16.52 -7.97
CA GLU C 131 -48.78 -16.47 -7.55
C GLU C 131 -49.42 -15.17 -8.03
N MET C 132 -48.64 -14.08 -7.98
CA MET C 132 -48.99 -12.75 -8.43
C MET C 132 -49.24 -12.79 -9.93
N MET C 133 -48.33 -13.44 -10.68
CA MET C 133 -48.44 -13.61 -12.13
C MET C 133 -49.71 -14.36 -12.50
N ARG C 134 -50.06 -15.41 -11.71
CA ARG C 134 -51.25 -16.21 -11.92
C ARG C 134 -52.53 -15.40 -11.68
N LEU C 135 -52.51 -14.59 -10.62
CA LEU C 135 -53.61 -13.72 -10.20
C LEU C 135 -53.90 -12.55 -11.17
N PHE C 136 -52.86 -11.83 -11.60
CA PHE C 136 -53.02 -10.67 -12.48
C PHE C 136 -52.86 -10.98 -13.96
N ASN C 137 -52.68 -12.29 -14.27
CA ASN C 137 -52.52 -12.85 -15.61
C ASN C 137 -51.43 -12.16 -16.40
N TRP C 138 -50.24 -12.20 -15.79
CA TRP C 138 -48.98 -11.71 -16.32
C TRP C 138 -48.30 -12.97 -16.85
N ASN C 139 -48.69 -13.35 -18.07
CA ASN C 139 -48.22 -14.55 -18.73
C ASN C 139 -46.87 -14.39 -19.42
N HIS C 140 -46.43 -13.13 -19.62
CA HIS C 140 -45.14 -12.81 -20.22
C HIS C 140 -44.39 -11.79 -19.36
N VAL C 141 -43.23 -12.20 -18.81
CA VAL C 141 -42.46 -11.33 -17.93
C VAL C 141 -41.01 -11.18 -18.40
N ILE C 142 -40.38 -10.06 -18.02
CA ILE C 142 -38.96 -9.79 -18.24
C ILE C 142 -38.33 -9.89 -16.85
N LEU C 143 -37.31 -10.73 -16.71
CA LEU C 143 -36.65 -10.89 -15.43
C LEU C 143 -35.26 -10.26 -15.49
N ILE C 144 -35.01 -9.26 -14.63
CA ILE C 144 -33.71 -8.58 -14.52
C ILE C 144 -33.10 -9.00 -13.19
N VAL C 145 -31.90 -9.55 -13.25
CA VAL C 145 -31.20 -10.03 -12.07
C VAL C 145 -29.76 -9.55 -12.06
N SER C 146 -29.17 -9.41 -10.88
CA SER C 146 -27.77 -9.06 -10.76
C SER C 146 -26.96 -10.36 -11.01
N ASP C 147 -25.77 -10.25 -11.63
CA ASP C 147 -24.97 -11.45 -11.88
C ASP C 147 -24.07 -11.75 -10.66
N ASP C 148 -24.76 -12.14 -9.58
CA ASP C 148 -24.22 -12.54 -8.30
C ASP C 148 -25.02 -13.73 -7.84
N HIS C 149 -24.56 -14.40 -6.77
CA HIS C 149 -25.20 -15.59 -6.24
C HIS C 149 -26.66 -15.34 -5.96
N GLU C 150 -26.99 -14.20 -5.36
CA GLU C 150 -28.35 -13.79 -4.99
C GLU C 150 -29.27 -13.70 -6.19
N GLY C 151 -28.88 -12.91 -7.18
CA GLY C 151 -29.65 -12.71 -8.40
C GLY C 151 -29.89 -13.99 -9.17
N ARG C 152 -28.87 -14.84 -9.27
CA ARG C 152 -28.99 -16.12 -9.97
C ARG C 152 -29.88 -17.07 -9.18
N ALA C 153 -29.86 -17.01 -7.84
CA ALA C 153 -30.71 -17.83 -6.96
C ALA C 153 -32.20 -17.59 -7.28
N ALA C 154 -32.58 -16.29 -7.35
CA ALA C 154 -33.90 -15.78 -7.71
C ALA C 154 -34.31 -16.36 -9.06
N GLN C 155 -33.44 -16.18 -10.09
CA GLN C 155 -33.68 -16.66 -11.45
C GLN C 155 -33.92 -18.16 -11.44
N LYS C 156 -32.98 -18.95 -10.85
CA LYS C 156 -33.08 -20.41 -10.77
C LYS C 156 -34.36 -20.88 -10.06
N LYS C 157 -34.81 -20.15 -9.02
CA LYS C 157 -36.05 -20.49 -8.32
C LYS C 157 -37.31 -20.12 -9.16
N LEU C 158 -37.37 -18.91 -9.74
CA LEU C 158 -38.51 -18.51 -10.56
C LEU C 158 -38.61 -19.47 -11.76
N GLU C 159 -37.49 -19.68 -12.49
CA GLU C 159 -37.41 -20.58 -13.65
C GLU C 159 -37.93 -21.98 -13.35
N THR C 160 -37.64 -22.50 -12.15
CA THR C 160 -38.09 -23.80 -11.63
C THR C 160 -39.63 -23.85 -11.66
N LEU C 161 -40.28 -22.82 -11.07
CA LEU C 161 -41.74 -22.69 -10.98
C LEU C 161 -42.38 -22.55 -12.36
N LEU C 162 -41.69 -21.87 -13.29
CA LEU C 162 -42.19 -21.67 -14.66
C LEU C 162 -41.98 -22.89 -15.57
N GLU C 163 -41.11 -23.87 -15.16
CA GLU C 163 -40.78 -25.12 -15.87
C GLU C 163 -41.08 -26.33 -14.98
N GLY C 187 -48.53 -22.01 -19.46
CA GLY C 187 -48.90 -21.10 -18.38
C GLY C 187 -48.12 -19.80 -18.45
N PRO C 188 -47.64 -19.25 -17.30
CA PRO C 188 -46.85 -18.00 -17.36
C PRO C 188 -45.38 -18.31 -17.66
N LYS C 189 -44.76 -17.51 -18.58
CA LYS C 189 -43.39 -17.68 -19.06
C LYS C 189 -42.57 -16.39 -18.97
N ALA C 190 -41.23 -16.53 -18.85
CA ALA C 190 -40.33 -15.39 -18.82
C ALA C 190 -39.71 -15.20 -20.21
N ASP C 191 -40.24 -14.21 -20.95
CA ASP C 191 -39.81 -13.85 -22.32
C ASP C 191 -38.31 -13.63 -22.43
N LYS C 192 -37.69 -13.01 -21.42
CA LYS C 192 -36.25 -12.76 -21.39
C LYS C 192 -35.78 -12.62 -19.96
N VAL C 193 -34.52 -13.06 -19.73
CA VAL C 193 -33.79 -12.92 -18.49
C VAL C 193 -32.55 -12.08 -18.81
N LEU C 194 -32.36 -10.99 -18.07
CA LEU C 194 -31.22 -10.09 -18.27
C LEU C 194 -30.41 -10.01 -17.00
N GLN C 195 -29.13 -10.26 -17.10
CA GLN C 195 -28.23 -10.23 -15.95
C GLN C 195 -27.35 -9.05 -16.15
N PHE C 196 -26.94 -8.39 -15.07
CA PHE C 196 -26.04 -7.25 -15.17
C PHE C 196 -24.92 -7.37 -14.13
N GLU C 197 -23.80 -6.68 -14.33
CA GLU C 197 -22.70 -6.78 -13.38
C GLU C 197 -23.03 -5.96 -12.11
N PRO C 198 -23.00 -6.59 -10.91
CA PRO C 198 -23.21 -5.80 -9.69
C PRO C 198 -22.17 -4.67 -9.60
N GLY C 199 -22.66 -3.45 -9.36
CA GLY C 199 -21.82 -2.27 -9.25
C GLY C 199 -21.86 -1.38 -10.47
N THR C 200 -22.49 -1.85 -11.58
CA THR C 200 -22.67 -1.07 -12.81
C THR C 200 -23.65 0.07 -12.50
N LYS C 201 -23.22 1.32 -12.71
CA LYS C 201 -24.09 2.47 -12.44
C LYS C 201 -24.88 2.89 -13.69
N ASN C 202 -24.29 2.69 -14.90
CA ASN C 202 -24.96 3.00 -16.16
C ASN C 202 -25.45 1.71 -16.83
N LEU C 203 -26.74 1.41 -16.58
CA LEU C 203 -27.46 0.23 -17.05
C LEU C 203 -28.40 0.56 -18.22
N THR C 204 -28.05 1.55 -19.05
CA THR C 204 -28.90 1.95 -20.17
C THR C 204 -28.92 0.85 -21.27
N ALA C 205 -27.80 0.14 -21.47
CA ALA C 205 -27.71 -0.92 -22.47
C ALA C 205 -28.66 -2.07 -22.12
N LEU C 206 -28.70 -2.41 -20.81
CA LEU C 206 -29.53 -3.47 -20.27
C LEU C 206 -31.00 -3.15 -20.42
N LEU C 207 -31.40 -1.94 -20.04
CA LEU C 207 -32.79 -1.51 -20.06
C LEU C 207 -33.30 -1.14 -21.44
N LEU C 208 -32.41 -0.72 -22.37
CA LEU C 208 -32.83 -0.44 -23.74
C LEU C 208 -33.22 -1.78 -24.37
N GLU C 209 -32.47 -2.89 -24.03
CA GLU C 209 -32.71 -4.28 -24.46
C GLU C 209 -34.08 -4.76 -23.97
N ALA C 210 -34.42 -4.46 -22.70
CA ALA C 210 -35.69 -4.77 -22.03
C ALA C 210 -36.85 -3.96 -22.61
N LYS C 211 -36.62 -2.68 -22.95
CA LYS C 211 -37.63 -1.77 -23.50
C LYS C 211 -38.18 -2.25 -24.85
N GLU C 212 -37.29 -2.84 -25.67
CA GLU C 212 -37.58 -3.33 -27.02
C GLU C 212 -38.61 -4.47 -27.06
N LEU C 213 -38.68 -5.28 -25.98
CA LEU C 213 -39.58 -6.43 -25.86
C LEU C 213 -41.05 -6.05 -25.67
N GLU C 214 -41.94 -6.97 -26.07
CA GLU C 214 -43.40 -6.82 -26.00
C GLU C 214 -43.87 -6.82 -24.55
N ALA C 215 -43.22 -7.65 -23.68
CA ALA C 215 -43.55 -7.74 -22.27
C ALA C 215 -43.28 -6.42 -21.54
N ARG C 216 -44.22 -6.01 -20.70
CA ARG C 216 -44.12 -4.80 -19.92
C ARG C 216 -44.11 -5.11 -18.40
N VAL C 217 -44.09 -6.40 -18.02
CA VAL C 217 -43.98 -6.79 -16.62
C VAL C 217 -42.49 -7.06 -16.39
N ILE C 218 -41.87 -6.23 -15.54
CA ILE C 218 -40.46 -6.35 -15.22
C ILE C 218 -40.36 -6.82 -13.77
N ILE C 219 -39.63 -7.92 -13.55
CA ILE C 219 -39.35 -8.52 -12.24
C ILE C 219 -37.86 -8.24 -12.00
N LEU C 220 -37.52 -7.74 -10.80
CA LEU C 220 -36.15 -7.39 -10.47
C LEU C 220 -35.59 -8.05 -9.24
N SER C 221 -34.38 -8.58 -9.36
CA SER C 221 -33.64 -9.16 -8.26
C SER C 221 -32.26 -8.50 -8.20
N ALA C 222 -32.03 -7.64 -7.20
CA ALA C 222 -30.81 -6.85 -7.04
C ALA C 222 -30.71 -6.26 -5.65
N SER C 223 -29.47 -5.97 -5.18
CA SER C 223 -29.21 -5.30 -3.91
C SER C 223 -29.79 -3.89 -3.95
N GLU C 224 -30.02 -3.30 -2.77
CA GLU C 224 -30.52 -1.94 -2.60
C GLU C 224 -29.77 -0.91 -3.50
N ASP C 225 -28.41 -0.94 -3.49
CA ASP C 225 -27.60 -0.02 -4.30
C ASP C 225 -27.68 -0.32 -5.79
N ASP C 226 -27.83 -1.61 -6.18
CA ASP C 226 -28.00 -2.01 -7.58
C ASP C 226 -29.43 -1.74 -8.10
N ALA C 227 -30.42 -1.85 -7.21
CA ALA C 227 -31.81 -1.57 -7.53
C ALA C 227 -31.96 -0.09 -7.87
N THR C 228 -31.25 0.78 -7.13
CA THR C 228 -31.22 2.24 -7.38
C THR C 228 -30.72 2.52 -8.80
N ALA C 229 -29.60 1.85 -9.18
CA ALA C 229 -28.98 1.98 -10.50
C ALA C 229 -29.98 1.69 -11.62
N VAL C 230 -30.76 0.59 -11.49
CA VAL C 230 -31.80 0.17 -12.45
C VAL C 230 -32.89 1.23 -12.50
N TYR C 231 -33.42 1.61 -11.30
CA TYR C 231 -34.49 2.58 -11.15
C TYR C 231 -34.24 3.91 -11.86
N LYS C 232 -33.03 4.49 -11.68
CA LYS C 232 -32.60 5.74 -12.30
C LYS C 232 -32.52 5.58 -13.82
N SER C 233 -31.82 4.53 -14.30
CA SER C 233 -31.66 4.26 -15.73
C SER C 233 -33.01 4.14 -16.41
N ALA C 234 -33.92 3.32 -15.84
CA ALA C 234 -35.29 3.09 -16.30
C ALA C 234 -36.06 4.43 -16.32
N ALA C 235 -35.90 5.25 -15.26
CA ALA C 235 -36.49 6.58 -15.15
C ALA C 235 -36.07 7.47 -16.33
N MET C 236 -34.76 7.38 -16.77
CA MET C 236 -34.17 8.13 -17.88
C MET C 236 -34.69 7.62 -19.22
N LEU C 237 -35.02 6.32 -19.28
CA LEU C 237 -35.54 5.66 -20.48
C LEU C 237 -37.08 5.65 -20.51
N ASP C 238 -37.72 6.39 -19.59
CA ASP C 238 -39.18 6.53 -19.50
C ASP C 238 -39.92 5.15 -19.43
N MET C 239 -39.39 4.22 -18.61
CA MET C 239 -39.89 2.85 -18.42
C MET C 239 -40.50 2.62 -17.03
N THR C 240 -40.75 3.71 -16.31
CA THR C 240 -41.33 3.70 -14.98
C THR C 240 -42.76 4.24 -14.99
N GLY C 241 -43.25 4.62 -16.17
CA GLY C 241 -44.59 5.17 -16.34
C GLY C 241 -45.67 4.18 -16.74
N ALA C 242 -46.79 4.71 -17.27
CA ALA C 242 -47.93 3.91 -17.71
C ALA C 242 -47.52 2.90 -18.76
N GLY C 243 -48.07 1.69 -18.66
CA GLY C 243 -47.78 0.57 -19.55
C GLY C 243 -46.99 -0.54 -18.89
N TYR C 244 -45.99 -0.16 -18.08
CA TYR C 244 -45.10 -1.04 -17.35
C TYR C 244 -45.61 -1.40 -15.93
N VAL C 245 -45.24 -2.64 -15.49
CA VAL C 245 -45.47 -3.21 -14.16
C VAL C 245 -44.08 -3.56 -13.60
N TRP C 246 -43.79 -3.12 -12.37
CA TRP C 246 -42.55 -3.41 -11.68
C TRP C 246 -42.85 -4.29 -10.48
N LEU C 247 -42.37 -5.53 -10.54
CA LEU C 247 -42.55 -6.53 -9.49
C LEU C 247 -41.17 -6.80 -8.91
N VAL C 248 -41.07 -6.74 -7.59
CA VAL C 248 -39.79 -6.73 -6.92
C VAL C 248 -39.82 -7.38 -5.49
N GLY C 249 -38.66 -7.50 -4.86
CA GLY C 249 -38.56 -8.07 -3.51
C GLY C 249 -38.49 -7.05 -2.38
N GLU C 250 -37.87 -7.44 -1.27
CA GLU C 250 -37.75 -6.57 -0.11
C GLU C 250 -36.56 -5.64 -0.29
N ARG C 251 -35.36 -6.18 -0.61
CA ARG C 251 -34.16 -5.35 -0.81
C ARG C 251 -34.37 -4.16 -1.75
N GLU C 252 -35.11 -4.36 -2.85
CA GLU C 252 -35.35 -3.40 -3.92
C GLU C 252 -36.33 -2.27 -3.54
N ILE C 253 -36.95 -2.34 -2.34
CA ILE C 253 -37.84 -1.31 -1.82
C ILE C 253 -37.37 -0.88 -0.42
N SER C 254 -36.06 -1.03 -0.16
CA SER C 254 -35.41 -0.75 1.12
C SER C 254 -34.29 0.24 0.95
N GLY C 255 -34.18 1.19 1.88
CA GLY C 255 -33.16 2.23 1.88
C GLY C 255 -33.15 3.13 0.66
N SER C 256 -31.96 3.28 0.05
CA SER C 256 -31.74 4.11 -1.16
C SER C 256 -32.57 3.63 -2.35
N ALA C 257 -32.91 2.30 -2.39
CA ALA C 257 -33.67 1.71 -3.48
C ALA C 257 -35.06 2.31 -3.49
N LEU C 258 -35.57 2.65 -2.30
CA LEU C 258 -36.89 3.24 -2.13
C LEU C 258 -36.94 4.72 -2.55
N ARG C 259 -35.84 5.47 -2.42
CA ARG C 259 -35.79 6.90 -2.79
C ARG C 259 -35.89 7.13 -4.31
N TYR C 260 -35.44 6.15 -5.15
CA TYR C 260 -35.45 6.31 -6.61
C TYR C 260 -36.43 5.36 -7.34
N ALA C 261 -37.14 4.54 -6.56
CA ALA C 261 -38.14 3.56 -7.00
C ALA C 261 -39.31 4.25 -7.66
N PRO C 262 -39.80 3.67 -8.75
CA PRO C 262 -40.96 4.26 -9.44
C PRO C 262 -42.26 4.16 -8.66
N ASP C 263 -43.07 5.23 -8.69
CA ASP C 263 -44.37 5.19 -8.04
C ASP C 263 -45.19 4.12 -8.74
N GLY C 264 -45.84 3.26 -7.95
CA GLY C 264 -46.66 2.17 -8.46
C GLY C 264 -46.00 0.82 -8.40
N ILE C 265 -44.72 0.77 -7.98
CA ILE C 265 -43.97 -0.49 -7.85
C ILE C 265 -44.68 -1.46 -6.91
N ILE C 266 -44.43 -2.77 -7.07
CA ILE C 266 -44.95 -3.81 -6.17
C ILE C 266 -43.74 -4.48 -5.55
N GLY C 267 -43.62 -4.38 -4.24
CA GLY C 267 -42.54 -4.99 -3.48
C GLY C 267 -43.07 -5.97 -2.46
N LEU C 268 -42.17 -6.56 -1.68
CA LEU C 268 -42.55 -7.52 -0.66
C LEU C 268 -41.90 -7.19 0.66
N GLN C 269 -42.47 -7.70 1.77
CA GLN C 269 -41.91 -7.59 3.09
C GLN C 269 -42.18 -8.83 3.86
N LEU C 270 -41.15 -9.59 4.19
CA LEU C 270 -41.34 -10.82 4.97
C LEU C 270 -41.84 -10.43 6.34
N ILE C 271 -43.08 -10.85 6.67
CA ILE C 271 -43.76 -10.54 7.95
C ILE C 271 -42.92 -11.14 9.08
N ASN C 272 -42.57 -10.29 10.08
CA ASN C 272 -41.74 -10.65 11.24
C ASN C 272 -40.28 -10.99 10.94
N GLY C 273 -39.88 -10.85 9.67
CA GLY C 273 -38.55 -11.15 9.17
C GLY C 273 -37.41 -10.47 9.88
N LYS C 274 -37.70 -9.36 10.58
CA LYS C 274 -36.69 -8.64 11.32
C LYS C 274 -36.93 -8.72 12.83
N ASN C 275 -38.01 -9.42 13.27
CA ASN C 275 -38.33 -9.63 14.69
C ASN C 275 -37.43 -10.75 15.19
N GLU C 276 -36.24 -10.39 15.74
CA GLU C 276 -35.29 -11.36 16.31
C GLU C 276 -35.96 -12.06 17.51
N SER C 277 -36.77 -11.31 18.29
CA SER C 277 -37.50 -11.83 19.44
C SER C 277 -38.46 -12.93 19.01
N ALA C 278 -39.28 -12.70 17.95
CA ALA C 278 -40.23 -13.70 17.45
C ALA C 278 -39.49 -14.97 16.96
N HIS C 279 -38.36 -14.78 16.27
CA HIS C 279 -37.59 -15.87 15.74
C HIS C 279 -36.82 -16.63 16.81
N ILE C 280 -36.47 -15.97 17.94
CA ILE C 280 -35.81 -16.64 19.06
C ILE C 280 -36.83 -17.64 19.63
N SER C 281 -38.08 -17.18 19.84
CA SER C 281 -39.16 -18.00 20.38
C SER C 281 -39.35 -19.26 19.57
N ASP C 282 -39.59 -19.07 18.28
CA ASP C 282 -39.85 -20.12 17.31
C ASP C 282 -38.67 -21.08 17.15
N ALA C 283 -37.44 -20.58 16.98
CA ALA C 283 -36.27 -21.46 16.86
C ALA C 283 -36.08 -22.34 18.09
N VAL C 284 -36.24 -21.76 19.29
CA VAL C 284 -36.13 -22.49 20.57
C VAL C 284 -37.21 -23.56 20.63
N ALA C 285 -38.49 -23.22 20.31
CA ALA C 285 -39.60 -24.17 20.33
C ALA C 285 -39.29 -25.42 19.49
N VAL C 286 -38.77 -25.19 18.28
CA VAL C 286 -38.38 -26.16 17.28
C VAL C 286 -37.20 -27.02 17.79
N VAL C 287 -36.12 -26.35 18.25
CA VAL C 287 -34.94 -27.04 18.78
C VAL C 287 -35.30 -27.88 20.02
N ALA C 288 -36.12 -27.33 20.93
CA ALA C 288 -36.54 -28.03 22.14
C ALA C 288 -37.25 -29.35 21.83
N GLN C 289 -38.15 -29.31 20.82
CA GLN C 289 -38.94 -30.44 20.33
C GLN C 289 -38.01 -31.50 19.82
N ALA C 290 -37.14 -31.10 18.88
CA ALA C 290 -36.13 -31.93 18.24
C ALA C 290 -35.21 -32.59 19.27
N ILE C 291 -34.79 -31.86 20.34
CA ILE C 291 -33.91 -32.44 21.37
C ILE C 291 -34.63 -33.60 22.06
N HIS C 292 -35.88 -33.38 22.43
CA HIS C 292 -36.69 -34.38 23.09
C HIS C 292 -37.02 -35.54 22.19
N GLU C 293 -37.24 -35.27 20.89
CA GLU C 293 -37.46 -36.30 19.86
C GLU C 293 -36.17 -37.14 19.72
N LEU C 294 -34.99 -36.46 19.65
CA LEU C 294 -33.66 -37.09 19.54
C LEU C 294 -33.41 -38.07 20.65
N PHE C 295 -33.68 -37.67 21.93
CA PHE C 295 -33.44 -38.54 23.09
C PHE C 295 -34.41 -39.71 23.20
N GLU C 296 -35.38 -39.84 22.24
CA GLU C 296 -36.28 -41.00 22.16
C GLU C 296 -35.47 -42.13 21.51
N MET C 297 -34.44 -41.78 20.71
CA MET C 297 -33.51 -42.74 20.08
C MET C 297 -32.45 -43.19 21.09
N GLU C 298 -31.73 -44.25 20.73
CA GLU C 298 -30.68 -44.80 21.60
C GLU C 298 -29.28 -44.39 21.16
N ASN C 299 -28.33 -44.47 22.12
CA ASN C 299 -26.89 -44.19 21.97
C ASN C 299 -26.60 -42.75 21.46
N ILE C 300 -27.29 -41.76 22.06
CA ILE C 300 -27.13 -40.34 21.74
C ILE C 300 -25.85 -39.82 22.40
N THR C 301 -24.83 -39.50 21.57
CA THR C 301 -23.54 -39.01 22.06
C THR C 301 -23.61 -37.51 22.30
N ASP C 302 -22.78 -37.01 23.23
CA ASP C 302 -22.70 -35.59 23.55
C ASP C 302 -21.80 -34.90 22.54
N PRO C 303 -21.98 -33.57 22.27
CA PRO C 303 -21.06 -32.89 21.37
C PRO C 303 -19.70 -32.76 22.06
N PRO C 304 -18.61 -32.41 21.33
CA PRO C 304 -17.32 -32.23 22.00
C PRO C 304 -17.32 -31.07 23.01
N ARG C 305 -16.56 -31.21 24.10
CA ARG C 305 -16.45 -30.16 25.11
C ARG C 305 -15.29 -29.26 24.68
N GLY C 306 -15.63 -28.14 24.06
CA GLY C 306 -14.67 -27.18 23.54
C GLY C 306 -14.02 -27.54 22.21
N CYS C 307 -13.26 -26.57 21.63
CA CYS C 307 -12.58 -26.77 20.36
C CYS C 307 -11.21 -27.38 20.55
N VAL C 308 -10.40 -26.83 21.47
CA VAL C 308 -9.02 -27.23 21.71
C VAL C 308 -8.84 -28.75 21.86
N GLY C 309 -8.03 -29.32 20.98
CA GLY C 309 -7.72 -30.74 20.96
C GLY C 309 -8.81 -31.65 20.43
N ASN C 310 -9.86 -31.07 19.82
CA ASN C 310 -10.96 -31.84 19.24
C ASN C 310 -11.05 -31.59 17.76
N THR C 311 -10.74 -32.64 16.97
CA THR C 311 -10.79 -32.56 15.50
C THR C 311 -11.78 -33.58 14.92
N ASN C 312 -12.52 -34.28 15.81
CA ASN C 312 -13.52 -35.25 15.36
C ASN C 312 -14.87 -34.66 15.43
N ILE C 313 -15.68 -34.98 14.42
CA ILE C 313 -17.06 -34.50 14.33
C ILE C 313 -17.89 -35.10 15.45
N TRP C 314 -19.02 -34.47 15.76
CA TRP C 314 -19.98 -34.99 16.71
C TRP C 314 -20.74 -36.12 15.97
N LYS C 315 -20.52 -37.38 16.40
CA LYS C 315 -21.16 -38.53 15.77
C LYS C 315 -22.71 -38.42 15.70
N THR C 316 -23.36 -37.76 16.71
CA THR C 316 -24.81 -37.62 16.73
C THR C 316 -25.29 -36.44 15.87
N GLY C 317 -24.37 -35.54 15.51
CA GLY C 317 -24.60 -34.38 14.66
C GLY C 317 -25.49 -34.67 13.48
N PRO C 318 -25.07 -35.56 12.53
CA PRO C 318 -25.92 -35.88 11.37
C PRO C 318 -27.35 -36.40 11.65
N LEU C 319 -27.55 -37.18 12.74
CA LEU C 319 -28.89 -37.69 13.07
C LEU C 319 -29.74 -36.53 13.58
N PHE C 320 -29.15 -35.71 14.49
CA PHE C 320 -29.80 -34.53 15.04
C PHE C 320 -30.19 -33.56 13.92
N LYS C 321 -29.35 -33.46 12.85
CA LYS C 321 -29.68 -32.66 11.66
C LYS C 321 -30.95 -33.24 11.02
N ARG C 322 -30.98 -34.58 10.71
CA ARG C 322 -32.17 -35.22 10.14
C ARG C 322 -33.45 -34.93 10.95
N VAL C 323 -33.38 -35.11 12.29
CA VAL C 323 -34.47 -34.84 13.24
C VAL C 323 -34.98 -33.38 13.08
N LEU C 324 -34.05 -32.39 13.09
CA LEU C 324 -34.37 -30.97 12.93
C LEU C 324 -35.03 -30.65 11.60
N MET C 325 -34.42 -31.10 10.50
CA MET C 325 -34.84 -30.92 9.12
C MET C 325 -36.29 -31.35 8.91
N SER C 326 -36.69 -32.42 9.61
CA SER C 326 -38.00 -33.03 9.52
C SER C 326 -38.93 -32.62 10.69
N SER C 327 -38.59 -31.50 11.36
CA SER C 327 -39.40 -30.97 12.46
C SER C 327 -40.44 -29.99 11.95
N LYS C 328 -41.65 -30.12 12.52
CA LYS C 328 -42.82 -29.27 12.24
C LYS C 328 -43.34 -28.72 13.57
N TYR C 329 -43.55 -27.39 13.64
CA TYR C 329 -44.08 -26.69 14.80
C TYR C 329 -45.09 -25.71 14.20
N PRO C 330 -46.41 -25.99 14.31
CA PRO C 330 -47.39 -25.13 13.62
C PRO C 330 -47.86 -23.87 14.35
N ASP C 331 -47.75 -23.88 15.69
CA ASP C 331 -48.18 -22.79 16.57
C ASP C 331 -47.05 -21.77 16.87
N GLY C 332 -46.21 -21.53 15.88
CA GLY C 332 -45.12 -20.57 16.03
C GLY C 332 -45.62 -19.16 15.92
N VAL C 333 -44.92 -18.23 16.58
CA VAL C 333 -45.19 -16.78 16.58
C VAL C 333 -45.22 -16.24 15.14
N THR C 334 -44.27 -16.72 14.30
CA THR C 334 -44.09 -16.31 12.90
C THR C 334 -44.84 -17.26 11.93
N GLY C 335 -45.68 -18.15 12.48
CA GLY C 335 -46.48 -19.08 11.70
C GLY C 335 -46.12 -20.54 11.81
N ARG C 336 -46.39 -21.29 10.73
CA ARG C 336 -46.16 -22.72 10.57
C ARG C 336 -44.68 -22.93 10.25
N ILE C 337 -43.92 -23.47 11.20
CA ILE C 337 -42.49 -23.73 10.97
C ILE C 337 -42.27 -25.13 10.42
N GLU C 338 -41.73 -25.19 9.20
CA GLU C 338 -41.34 -26.40 8.49
C GLU C 338 -40.12 -26.04 7.67
N PHE C 339 -39.28 -27.04 7.35
CA PHE C 339 -38.07 -26.78 6.57
C PHE C 339 -38.05 -27.54 5.28
N ASN C 340 -37.62 -26.90 4.21
CA ASN C 340 -37.55 -27.60 2.95
C ASN C 340 -36.26 -28.45 2.82
N GLU C 341 -36.01 -29.01 1.63
CA GLU C 341 -34.86 -29.83 1.25
C GLU C 341 -33.49 -29.19 1.60
N ASP C 342 -33.41 -27.84 1.78
CA ASP C 342 -32.15 -27.14 2.14
C ASP C 342 -32.19 -26.58 3.59
N GLY C 343 -33.21 -27.00 4.32
CA GLY C 343 -33.41 -26.58 5.70
C GLY C 343 -33.85 -25.14 5.82
N ASP C 344 -34.44 -24.60 4.72
CA ASP C 344 -34.96 -23.23 4.65
C ASP C 344 -36.43 -23.24 5.06
N ARG C 345 -36.87 -22.15 5.68
CA ARG C 345 -38.23 -22.02 6.12
C ARG C 345 -39.26 -22.10 4.99
N LYS C 346 -40.26 -22.98 5.22
CA LYS C 346 -41.45 -23.18 4.38
C LYS C 346 -42.61 -22.43 5.06
N PHE C 347 -43.59 -21.98 4.26
CA PHE C 347 -44.83 -21.30 4.69
C PHE C 347 -44.57 -19.95 5.37
N ALA C 348 -43.68 -19.17 4.77
CA ALA C 348 -43.38 -17.82 5.20
C ALA C 348 -44.47 -16.89 4.65
N GLN C 349 -44.74 -15.82 5.40
CA GLN C 349 -45.76 -14.84 5.06
C GLN C 349 -45.14 -13.49 4.73
N TYR C 350 -45.65 -12.87 3.68
CA TYR C 350 -45.16 -11.61 3.13
C TYR C 350 -46.28 -10.58 2.99
N SER C 351 -45.93 -9.28 3.11
CA SER C 351 -46.80 -8.14 2.90
C SER C 351 -46.60 -7.75 1.45
N ILE C 352 -47.68 -7.65 0.69
CA ILE C 352 -47.59 -7.18 -0.70
C ILE C 352 -47.70 -5.64 -0.65
N MET C 353 -46.55 -4.99 -0.86
CA MET C 353 -46.36 -3.53 -0.79
C MET C 353 -46.52 -2.82 -2.14
N ASN C 354 -47.07 -1.60 -2.11
CA ASN C 354 -47.28 -0.79 -3.29
C ASN C 354 -46.97 0.69 -3.04
N LEU C 355 -46.12 1.31 -3.93
CA LEU C 355 -45.76 2.72 -3.82
C LEU C 355 -46.94 3.57 -4.28
N GLN C 356 -47.63 4.07 -3.27
CA GLN C 356 -48.87 4.82 -3.29
C GLN C 356 -48.69 6.11 -2.49
N ASN C 357 -48.84 7.27 -3.15
CA ASN C 357 -48.83 8.61 -2.52
C ASN C 357 -47.68 8.81 -1.53
N ARG C 358 -46.44 8.51 -2.02
CA ARG C 358 -45.16 8.61 -1.31
C ARG C 358 -45.13 7.79 -0.02
N LYS C 359 -45.88 6.68 -0.01
CA LYS C 359 -45.96 5.74 1.10
C LYS C 359 -45.94 4.30 0.59
N LEU C 360 -45.17 3.43 1.24
CA LEU C 360 -45.22 2.04 0.89
C LEU C 360 -46.46 1.59 1.64
N VAL C 361 -47.52 1.24 0.88
CA VAL C 361 -48.83 0.90 1.45
C VAL C 361 -49.17 -0.55 1.12
N GLN C 362 -49.44 -1.35 2.17
CA GLN C 362 -49.78 -2.76 2.07
C GLN C 362 -51.11 -2.94 1.35
N VAL C 363 -51.12 -3.80 0.33
CA VAL C 363 -52.27 -4.05 -0.52
C VAL C 363 -52.76 -5.50 -0.38
N GLY C 364 -52.00 -6.31 0.32
CA GLY C 364 -52.33 -7.71 0.53
C GLY C 364 -51.27 -8.48 1.27
N ILE C 365 -51.49 -9.80 1.40
CA ILE C 365 -50.59 -10.72 2.10
C ILE C 365 -50.49 -12.05 1.35
N PHE C 366 -49.28 -12.63 1.34
CA PHE C 366 -49.09 -13.98 0.84
C PHE C 366 -49.01 -14.77 2.14
N ASN C 367 -50.08 -15.51 2.46
CA ASN C 367 -50.26 -16.18 3.75
C ASN C 367 -49.42 -17.44 3.96
N GLY C 368 -48.59 -17.82 3.00
CA GLY C 368 -47.76 -19.00 3.12
C GLY C 368 -48.03 -19.97 1.99
N SER C 369 -49.18 -19.78 1.30
CA SER C 369 -49.62 -20.60 0.17
C SER C 369 -50.53 -19.87 -0.84
N TYR C 370 -51.30 -18.88 -0.36
CA TYR C 370 -52.31 -18.11 -1.14
C TYR C 370 -52.12 -16.59 -1.04
N ILE C 371 -52.59 -15.83 -2.06
CA ILE C 371 -52.56 -14.36 -2.06
C ILE C 371 -53.92 -13.85 -1.58
N ILE C 372 -53.92 -13.06 -0.51
CA ILE C 372 -55.13 -12.47 0.05
C ILE C 372 -55.06 -10.98 -0.13
N GLN C 373 -55.84 -10.43 -1.06
CA GLN C 373 -55.88 -8.98 -1.29
C GLN C 373 -56.67 -8.29 -0.18
N ASN C 374 -56.23 -7.09 0.24
CA ASN C 374 -56.96 -6.33 1.27
C ASN C 374 -57.83 -5.28 0.59
N ASP C 375 -58.64 -4.53 1.36
CA ASP C 375 -59.55 -3.49 0.86
C ASP C 375 -58.88 -2.28 0.16
N ARG C 376 -57.53 -2.21 0.13
CA ARG C 376 -56.79 -1.14 -0.55
C ARG C 376 -56.49 -1.50 -2.01
N LYS C 377 -56.92 -0.60 -2.90
CA LYS C 377 -56.77 -0.73 -4.35
C LYS C 377 -55.35 -0.44 -4.79
N ILE C 378 -54.80 -1.25 -5.71
CA ILE C 378 -53.45 -1.05 -6.22
C ILE C 378 -53.43 0.09 -7.24
N ILE C 379 -52.47 1.00 -7.09
CA ILE C 379 -52.20 2.05 -8.05
C ILE C 379 -50.98 1.55 -8.83
N TRP C 380 -51.15 1.31 -10.13
CA TRP C 380 -50.09 0.81 -11.00
C TRP C 380 -49.26 1.96 -11.49
N PRO C 381 -48.00 1.73 -11.97
CA PRO C 381 -47.16 2.85 -12.44
C PRO C 381 -47.84 3.82 -13.42
N GLY C 382 -47.76 5.09 -13.07
CA GLY C 382 -48.40 6.16 -13.84
C GLY C 382 -49.65 6.70 -13.16
N GLY C 383 -50.27 5.88 -12.32
CA GLY C 383 -51.48 6.26 -11.59
C GLY C 383 -52.74 5.68 -12.19
N GLU C 384 -52.92 4.36 -12.06
CA GLU C 384 -54.08 3.65 -12.59
C GLU C 384 -54.55 2.50 -11.68
N THR C 385 -55.89 2.34 -11.50
CA THR C 385 -56.45 1.27 -10.68
C THR C 385 -57.50 0.46 -11.47
N PRO D 2 18.56 -6.43 2.00
CA PRO D 2 18.81 -5.40 3.02
C PRO D 2 17.71 -5.35 4.10
N PRO D 3 16.44 -4.85 3.95
CA PRO D 3 15.48 -4.96 5.08
C PRO D 3 15.02 -6.40 5.29
N SER D 4 14.44 -6.70 6.46
CA SER D 4 14.02 -8.06 6.76
C SER D 4 12.51 -8.23 6.79
N ILE D 5 12.03 -9.45 6.46
CA ILE D 5 10.63 -9.83 6.51
C ILE D 5 10.48 -11.03 7.37
N GLY D 6 9.48 -10.99 8.24
CA GLY D 6 9.20 -12.10 9.13
C GLY D 6 8.35 -13.17 8.46
N ILE D 7 8.87 -14.40 8.43
CA ILE D 7 8.16 -15.56 7.88
C ILE D 7 8.03 -16.65 8.97
N ALA D 8 6.79 -17.08 9.29
CA ALA D 8 6.55 -18.13 10.27
C ALA D 8 6.30 -19.44 9.57
N VAL D 9 7.05 -20.49 9.94
CA VAL D 9 6.88 -21.83 9.36
C VAL D 9 6.23 -22.73 10.42
N ILE D 10 4.92 -22.90 10.31
CA ILE D 10 4.15 -23.73 11.24
C ILE D 10 4.18 -25.19 10.77
N LEU D 11 4.65 -26.07 11.67
CA LEU D 11 4.77 -27.49 11.39
C LEU D 11 3.96 -28.33 12.39
N VAL D 12 2.79 -28.77 11.94
CA VAL D 12 1.93 -29.64 12.72
C VAL D 12 2.47 -31.06 12.55
N GLY D 13 2.70 -31.73 13.67
CA GLY D 13 3.17 -33.11 13.67
C GLY D 13 4.68 -33.26 13.67
N THR D 14 5.15 -34.52 13.55
CA THR D 14 6.56 -34.92 13.53
C THR D 14 7.28 -34.41 12.29
N SER D 15 8.39 -33.69 12.50
CA SER D 15 9.17 -33.12 11.40
C SER D 15 10.64 -33.00 11.77
N ASP D 16 11.55 -33.15 10.78
CA ASP D 16 12.98 -32.99 11.03
C ASP D 16 13.31 -31.51 10.82
N GLU D 17 13.28 -30.76 11.93
CA GLU D 17 13.56 -29.33 11.93
C GLU D 17 15.00 -29.03 11.43
N VAL D 18 15.96 -29.97 11.68
CA VAL D 18 17.35 -29.86 11.22
C VAL D 18 17.45 -30.00 9.70
N ALA D 19 16.71 -30.98 9.11
CA ALA D 19 16.65 -31.21 7.66
C ALA D 19 15.97 -30.03 6.93
N ILE D 20 14.92 -29.47 7.58
CA ILE D 20 14.12 -28.35 7.05
C ILE D 20 14.94 -27.06 6.88
N LYS D 21 15.71 -26.62 7.91
CA LYS D 21 16.52 -25.37 7.91
C LYS D 21 17.58 -25.26 6.80
N ASP D 22 17.77 -26.34 6.03
CA ASP D 22 18.69 -26.46 4.92
C ASP D 22 17.92 -26.37 3.60
N PHE D 29 19.64 -19.38 -0.49
CA PHE D 29 20.28 -18.08 -0.25
C PHE D 29 19.81 -17.02 -1.25
N HIS D 30 19.67 -15.75 -0.77
CA HIS D 30 19.11 -14.63 -1.55
C HIS D 30 20.14 -13.47 -1.86
N HIS D 31 19.71 -12.54 -2.74
CA HIS D 31 20.42 -11.39 -3.34
C HIS D 31 19.43 -10.21 -3.48
N LEU D 32 18.11 -10.53 -3.33
CA LEU D 32 16.87 -9.74 -3.45
C LEU D 32 16.82 -8.39 -2.69
N SER D 33 15.73 -7.61 -2.91
CA SER D 33 15.46 -6.29 -2.29
C SER D 33 15.16 -6.39 -0.77
N VAL D 34 14.73 -7.58 -0.31
CA VAL D 34 14.38 -7.89 1.08
C VAL D 34 14.94 -9.29 1.50
N VAL D 35 15.07 -9.53 2.81
CA VAL D 35 15.64 -10.78 3.30
C VAL D 35 14.70 -11.48 4.34
N PRO D 36 14.55 -12.82 4.29
CA PRO D 36 13.66 -13.48 5.27
C PRO D 36 14.30 -13.68 6.64
N ARG D 37 13.46 -13.56 7.69
CA ARG D 37 13.81 -13.84 9.08
C ARG D 37 12.80 -14.90 9.52
N VAL D 38 13.09 -16.15 9.14
CA VAL D 38 12.30 -17.37 9.37
C VAL D 38 12.25 -17.79 10.86
N GLU D 39 11.12 -18.37 11.30
CA GLU D 39 10.96 -18.89 12.66
C GLU D 39 10.16 -20.17 12.56
N LEU D 40 10.78 -21.32 12.88
CA LEU D 40 10.07 -22.60 12.85
C LEU D 40 9.24 -22.71 14.11
N VAL D 41 7.95 -23.00 13.92
CA VAL D 41 6.97 -23.09 14.98
C VAL D 41 6.36 -24.48 14.96
N ALA D 42 6.34 -25.15 16.11
CA ALA D 42 5.71 -26.46 16.19
C ALA D 42 4.30 -26.32 16.77
N MET D 43 3.31 -26.81 16.05
CA MET D 43 1.94 -26.74 16.50
C MET D 43 1.43 -28.11 16.86
N ASN D 44 0.87 -28.22 18.08
CA ASN D 44 0.34 -29.48 18.61
C ASN D 44 -1.05 -29.87 18.09
N GLU D 45 -2.01 -28.93 18.10
CA GLU D 45 -3.41 -29.20 17.75
C GLU D 45 -3.86 -28.61 16.40
N THR D 46 -4.90 -29.18 15.78
CA THR D 46 -5.39 -28.71 14.47
C THR D 46 -6.88 -28.34 14.43
N ASP D 47 -7.49 -28.08 15.58
CA ASP D 47 -8.88 -27.62 15.69
C ASP D 47 -8.97 -26.09 15.32
N PRO D 48 -10.18 -25.51 15.02
CA PRO D 48 -10.23 -24.08 14.66
C PRO D 48 -9.59 -23.14 15.68
N LYS D 49 -9.92 -23.29 16.99
CA LYS D 49 -9.37 -22.43 18.04
C LYS D 49 -7.87 -22.45 18.08
N SER D 50 -7.25 -23.65 18.10
CA SER D 50 -5.80 -23.79 18.16
C SER D 50 -5.08 -23.11 17.01
N ILE D 51 -5.48 -23.40 15.77
CA ILE D 51 -4.90 -22.79 14.58
C ILE D 51 -5.10 -21.26 14.58
N ILE D 52 -6.34 -20.77 14.84
CA ILE D 52 -6.61 -19.32 14.84
C ILE D 52 -5.72 -18.65 15.88
N THR D 53 -5.73 -19.17 17.13
CA THR D 53 -4.96 -18.69 18.27
C THR D 53 -3.46 -18.70 18.01
N ARG D 54 -2.89 -19.81 17.50
CA ARG D 54 -1.47 -19.89 17.21
C ARG D 54 -1.01 -18.83 16.24
N ILE D 55 -1.67 -18.71 15.07
CA ILE D 55 -1.29 -17.72 14.05
C ILE D 55 -1.42 -16.30 14.60
N CYS D 56 -2.49 -16.02 15.34
CA CYS D 56 -2.76 -14.71 15.91
C CYS D 56 -1.74 -14.26 16.96
N ASP D 57 -1.18 -15.20 17.73
CA ASP D 57 -0.16 -14.93 18.75
C ASP D 57 1.18 -14.69 18.07
N LEU D 58 1.47 -15.42 16.98
CA LEU D 58 2.69 -15.22 16.21
C LEU D 58 2.71 -13.85 15.57
N MET D 59 1.52 -13.33 15.27
CA MET D 59 1.30 -12.05 14.64
C MET D 59 1.45 -10.93 15.63
N SER D 60 0.97 -11.13 16.88
CA SER D 60 1.09 -10.17 17.96
C SER D 60 2.53 -10.08 18.50
N ASP D 61 3.38 -11.07 18.15
CA ASP D 61 4.76 -11.10 18.58
C ASP D 61 5.74 -10.61 17.52
N ARG D 62 6.12 -11.44 16.54
CA ARG D 62 7.14 -11.10 15.55
C ARG D 62 6.70 -10.13 14.44
N LYS D 63 5.39 -9.95 14.14
CA LYS D 63 4.97 -9.09 12.99
C LYS D 63 5.39 -9.87 11.72
N ILE D 64 4.45 -10.74 11.27
CA ILE D 64 4.56 -11.72 10.20
C ILE D 64 4.11 -11.20 8.82
N GLN D 65 5.05 -11.25 7.86
CA GLN D 65 4.84 -10.86 6.48
C GLN D 65 4.05 -11.96 5.70
N GLY D 66 4.23 -13.23 6.08
CA GLY D 66 3.57 -14.39 5.50
C GLY D 66 3.83 -15.67 6.28
N VAL D 67 2.92 -16.67 6.14
CA VAL D 67 3.00 -17.96 6.85
C VAL D 67 3.22 -19.12 5.87
N VAL D 68 4.10 -20.06 6.21
CA VAL D 68 4.32 -21.32 5.49
C VAL D 68 3.74 -22.44 6.41
N PHE D 69 2.66 -23.10 5.99
CA PHE D 69 2.01 -24.14 6.80
C PHE D 69 2.12 -25.58 6.25
N ALA D 70 2.47 -26.54 7.12
CA ALA D 70 2.57 -27.95 6.77
C ALA D 70 2.04 -28.83 7.88
N ASP D 71 1.30 -29.88 7.51
CA ASP D 71 0.73 -30.84 8.45
C ASP D 71 0.82 -32.27 7.90
N ASP D 72 0.80 -33.23 8.80
CA ASP D 72 0.91 -34.67 8.53
C ASP D 72 -0.44 -35.38 8.50
N THR D 73 -1.54 -34.64 8.66
CA THR D 73 -2.92 -35.14 8.78
C THR D 73 -3.69 -35.35 7.45
N ASP D 74 -4.93 -35.91 7.58
CA ASP D 74 -5.90 -36.15 6.52
C ASP D 74 -7.07 -35.23 6.85
N GLN D 75 -6.73 -34.03 7.36
CA GLN D 75 -7.70 -33.07 7.83
C GLN D 75 -7.75 -31.87 6.91
N GLU D 76 -8.47 -32.05 5.77
CA GLU D 76 -8.66 -31.06 4.70
C GLU D 76 -9.29 -29.74 5.18
N ALA D 77 -9.92 -29.72 6.38
CA ALA D 77 -10.52 -28.50 6.94
C ALA D 77 -9.43 -27.52 7.37
N ILE D 78 -8.23 -28.04 7.65
CA ILE D 78 -7.08 -27.20 7.96
C ILE D 78 -7.00 -26.14 6.81
N ALA D 79 -7.24 -26.59 5.55
CA ALA D 79 -7.21 -25.72 4.37
C ALA D 79 -8.25 -24.62 4.52
N GLN D 80 -9.47 -24.96 4.95
CA GLN D 80 -10.53 -23.97 5.16
C GLN D 80 -10.12 -22.96 6.26
N ILE D 81 -9.68 -23.44 7.45
CA ILE D 81 -9.22 -22.61 8.57
C ILE D 81 -8.15 -21.64 8.11
N LEU D 82 -7.22 -22.11 7.23
CA LEU D 82 -6.14 -21.25 6.71
C LEU D 82 -6.65 -20.21 5.74
N ASP D 83 -7.68 -20.55 4.93
CA ASP D 83 -8.23 -19.56 4.01
C ASP D 83 -8.90 -18.41 4.81
N PHE D 84 -9.71 -18.78 5.81
CA PHE D 84 -10.40 -17.86 6.70
C PHE D 84 -9.36 -16.95 7.38
N ILE D 85 -8.32 -17.53 8.05
CA ILE D 85 -7.29 -16.72 8.72
C ILE D 85 -6.63 -15.75 7.73
N SER D 86 -6.26 -16.29 6.54
CA SER D 86 -5.62 -15.55 5.44
C SER D 86 -6.41 -14.34 5.00
N ALA D 87 -7.71 -14.50 4.67
CA ALA D 87 -8.55 -13.41 4.22
C ALA D 87 -8.84 -12.35 5.30
N GLN D 88 -9.16 -12.79 6.54
CA GLN D 88 -9.45 -11.90 7.66
C GLN D 88 -8.28 -10.99 8.03
N THR D 89 -7.06 -11.56 8.14
CA THR D 89 -5.85 -10.82 8.51
C THR D 89 -5.14 -10.23 7.29
N LEU D 90 -5.48 -10.71 6.06
CA LEU D 90 -4.82 -10.28 4.82
C LEU D 90 -3.33 -10.53 4.90
N THR D 91 -2.97 -11.77 5.30
CA THR D 91 -1.63 -12.30 5.46
C THR D 91 -1.48 -13.52 4.53
N PRO D 92 -0.42 -13.54 3.68
CA PRO D 92 -0.22 -14.70 2.80
C PRO D 92 0.02 -15.99 3.59
N ILE D 93 -0.67 -17.07 3.22
CA ILE D 93 -0.51 -18.37 3.88
C ILE D 93 -0.30 -19.39 2.80
N LEU D 94 0.75 -20.20 2.93
CA LEU D 94 1.04 -21.25 1.95
C LEU D 94 0.83 -22.63 2.58
N GLY D 95 -0.13 -23.38 2.05
CA GLY D 95 -0.43 -24.75 2.49
C GLY D 95 0.44 -25.65 1.68
N ILE D 96 1.60 -26.00 2.23
CA ILE D 96 2.64 -26.69 1.48
C ILE D 96 2.52 -28.22 1.49
N HIS D 97 1.80 -28.81 2.49
CA HIS D 97 1.74 -30.25 2.66
C HIS D 97 0.65 -30.67 3.63
N GLY D 98 0.00 -31.80 3.35
CA GLY D 98 -1.04 -32.39 4.19
C GLY D 98 -2.40 -31.80 3.93
N GLY D 99 -3.18 -31.67 5.00
CA GLY D 99 -4.53 -31.11 5.00
C GLY D 99 -4.58 -29.69 4.49
N SER D 100 -3.52 -28.92 4.77
CA SER D 100 -3.38 -27.55 4.33
C SER D 100 -3.31 -27.42 2.80
N SER D 101 -2.75 -28.44 2.11
CA SER D 101 -2.60 -28.45 0.67
C SER D 101 -3.77 -29.09 -0.13
N MET D 102 -4.81 -29.59 0.59
CA MET D 102 -5.97 -30.25 -0.04
C MET D 102 -7.01 -29.32 -0.66
N ILE D 103 -7.60 -29.75 -1.81
CA ILE D 103 -8.66 -29.03 -2.54
C ILE D 103 -9.75 -28.59 -1.58
N MET D 104 -10.22 -27.37 -1.78
CA MET D 104 -11.24 -26.83 -0.88
C MET D 104 -12.38 -26.11 -1.62
N ALA D 105 -13.20 -25.41 -0.83
CA ALA D 105 -14.31 -24.59 -1.32
C ALA D 105 -13.76 -23.37 -2.14
N ASP D 106 -14.65 -22.52 -2.63
CA ASP D 106 -14.15 -21.36 -3.33
C ASP D 106 -13.44 -20.48 -2.27
N LYS D 107 -12.17 -20.12 -2.51
CA LYS D 107 -11.38 -19.26 -1.62
C LYS D 107 -12.05 -17.88 -1.55
N ASP D 108 -11.87 -17.17 -0.41
CA ASP D 108 -12.49 -15.85 -0.19
C ASP D 108 -12.12 -14.86 -1.27
N GLU D 109 -12.94 -13.80 -1.47
CA GLU D 109 -12.62 -12.77 -2.45
C GLU D 109 -11.31 -12.11 -2.01
N SER D 110 -11.15 -11.96 -0.68
CA SER D 110 -10.00 -11.33 -0.09
C SER D 110 -8.91 -12.29 0.36
N SER D 111 -8.92 -13.52 -0.16
CA SER D 111 -7.95 -14.53 0.24
C SER D 111 -6.54 -14.26 -0.29
N MET D 112 -5.55 -14.75 0.48
CA MET D 112 -4.12 -14.71 0.18
C MET D 112 -3.53 -16.10 0.47
N PHE D 113 -4.41 -17.15 0.39
CA PHE D 113 -4.10 -18.57 0.62
C PHE D 113 -3.75 -19.27 -0.68
N PHE D 114 -2.56 -19.88 -0.71
CA PHE D 114 -2.02 -20.59 -1.86
C PHE D 114 -1.57 -21.96 -1.41
N GLN D 115 -2.00 -23.02 -2.11
CA GLN D 115 -1.65 -24.39 -1.70
C GLN D 115 -0.81 -25.11 -2.75
N PHE D 116 0.06 -26.00 -2.29
CA PHE D 116 0.97 -26.77 -3.14
C PHE D 116 0.32 -27.94 -3.89
N GLY D 117 -0.91 -28.25 -3.57
CA GLY D 117 -1.61 -29.35 -4.23
C GLY D 117 -2.20 -29.04 -5.60
N PRO D 118 -2.63 -30.10 -6.34
CA PRO D 118 -3.31 -29.86 -7.63
C PRO D 118 -4.77 -29.45 -7.42
N SER D 119 -5.38 -28.79 -8.43
CA SER D 119 -6.78 -28.33 -8.38
C SER D 119 -7.77 -29.48 -8.63
N ILE D 120 -9.07 -29.18 -8.51
CA ILE D 120 -10.12 -30.17 -8.77
C ILE D 120 -10.09 -30.56 -10.28
N GLU D 121 -10.16 -29.56 -11.15
CA GLU D 121 -10.14 -29.68 -12.60
C GLU D 121 -8.86 -30.36 -13.14
N GLN D 122 -7.68 -30.10 -12.52
CA GLN D 122 -6.40 -30.73 -12.90
C GLN D 122 -6.47 -32.21 -12.67
N GLN D 123 -6.91 -32.59 -11.45
CA GLN D 123 -7.05 -33.99 -11.01
C GLN D 123 -8.04 -34.73 -11.89
N ALA D 124 -9.22 -34.14 -12.11
CA ALA D 124 -10.26 -34.68 -12.98
C ALA D 124 -9.71 -35.03 -14.37
N SER D 125 -8.79 -34.22 -14.93
CA SER D 125 -8.22 -34.47 -16.25
C SER D 125 -7.26 -35.64 -16.19
N VAL D 126 -6.41 -35.68 -15.14
CA VAL D 126 -5.45 -36.75 -14.87
C VAL D 126 -6.20 -38.10 -14.82
N MET D 127 -7.39 -38.12 -14.18
CA MET D 127 -8.24 -39.29 -14.06
C MET D 127 -8.72 -39.79 -15.42
N LEU D 128 -9.08 -38.88 -16.34
CA LEU D 128 -9.51 -39.21 -17.71
C LEU D 128 -8.32 -39.64 -18.55
N ASN D 129 -7.13 -39.07 -18.29
CA ASN D 129 -5.89 -39.46 -18.98
C ASN D 129 -5.57 -40.94 -18.71
N ILE D 130 -5.74 -41.38 -17.44
CA ILE D 130 -5.59 -42.77 -16.99
C ILE D 130 -6.59 -43.65 -17.79
N MET D 131 -7.86 -43.22 -17.84
CA MET D 131 -8.92 -43.92 -18.52
C MET D 131 -8.67 -44.06 -20.03
N GLU D 132 -8.21 -42.98 -20.70
CA GLU D 132 -7.92 -43.02 -22.14
C GLU D 132 -6.83 -44.04 -22.46
N GLU D 133 -5.80 -44.15 -21.58
CA GLU D 133 -4.65 -45.06 -21.68
C GLU D 133 -5.04 -46.57 -21.73
N TYR D 134 -5.93 -46.99 -20.82
CA TYR D 134 -6.36 -48.38 -20.74
C TYR D 134 -7.69 -48.62 -21.41
N ASP D 135 -8.17 -47.60 -22.15
CA ASP D 135 -9.43 -47.61 -22.91
C ASP D 135 -10.60 -47.95 -22.00
N TRP D 136 -10.74 -47.17 -20.95
CA TRP D 136 -11.76 -47.28 -19.92
C TRP D 136 -12.73 -46.15 -20.19
N TYR D 137 -13.51 -46.28 -21.29
CA TYR D 137 -14.43 -45.25 -21.77
C TYR D 137 -15.82 -45.29 -21.13
N ILE D 138 -16.22 -46.43 -20.55
CA ILE D 138 -17.52 -46.54 -19.90
C ILE D 138 -17.34 -46.42 -18.38
N PHE D 139 -17.99 -45.41 -17.78
CA PHE D 139 -17.84 -45.08 -16.37
C PHE D 139 -19.03 -44.34 -15.71
N SER D 140 -18.97 -44.19 -14.37
CA SER D 140 -19.93 -43.42 -13.55
C SER D 140 -19.16 -42.50 -12.55
N ILE D 141 -19.84 -41.46 -12.06
CA ILE D 141 -19.26 -40.53 -11.09
C ILE D 141 -20.10 -40.62 -9.83
N VAL D 142 -19.46 -40.58 -8.67
CA VAL D 142 -20.15 -40.61 -7.38
C VAL D 142 -19.50 -39.56 -6.57
N THR D 143 -20.24 -38.51 -6.22
CA THR D 143 -19.71 -37.44 -5.36
C THR D 143 -20.57 -37.26 -4.14
N THR D 144 -19.99 -36.62 -3.14
CA THR D 144 -20.71 -36.17 -1.96
C THR D 144 -20.93 -34.68 -2.23
N TYR D 145 -21.27 -33.90 -1.19
CA TYR D 145 -21.47 -32.46 -1.38
C TYR D 145 -20.17 -31.71 -1.14
N PHE D 146 -19.05 -32.41 -0.93
CA PHE D 146 -17.75 -31.79 -0.69
C PHE D 146 -17.49 -30.65 -1.69
N PRO D 147 -17.16 -29.44 -1.20
CA PRO D 147 -16.99 -28.31 -2.12
C PRO D 147 -16.20 -28.59 -3.40
N GLY D 148 -16.85 -28.28 -4.53
CA GLY D 148 -16.28 -28.40 -5.86
C GLY D 148 -16.75 -29.61 -6.62
N TYR D 149 -17.65 -30.39 -6.00
CA TYR D 149 -18.21 -31.58 -6.61
C TYR D 149 -18.80 -31.28 -7.97
N GLN D 150 -19.47 -30.13 -8.10
CA GLN D 150 -20.05 -29.68 -9.38
C GLN D 150 -18.94 -29.32 -10.37
N ASP D 151 -17.87 -28.65 -9.90
CA ASP D 151 -16.71 -28.30 -10.72
C ASP D 151 -16.02 -29.57 -11.25
N PHE D 152 -15.96 -30.62 -10.41
CA PHE D 152 -15.40 -31.91 -10.78
C PHE D 152 -16.23 -32.55 -11.90
N VAL D 153 -17.57 -32.72 -11.69
CA VAL D 153 -18.50 -33.29 -12.67
C VAL D 153 -18.46 -32.49 -13.98
N ASN D 154 -18.55 -31.16 -13.86
CA ASN D 154 -18.51 -30.25 -15.00
C ASN D 154 -17.22 -30.36 -15.82
N LYS D 155 -16.05 -30.54 -15.13
CA LYS D 155 -14.81 -30.73 -15.86
C LYS D 155 -14.86 -31.99 -16.70
N ILE D 156 -15.25 -33.14 -16.08
CA ILE D 156 -15.38 -34.42 -16.77
C ILE D 156 -16.31 -34.24 -17.97
N ARG D 157 -17.54 -33.76 -17.72
CA ARG D 157 -18.58 -33.52 -18.71
C ARG D 157 -18.12 -32.67 -19.88
N SER D 158 -17.44 -31.54 -19.60
CA SER D 158 -16.98 -30.67 -20.68
C SER D 158 -15.94 -31.38 -21.54
N THR D 159 -14.94 -32.04 -20.89
CA THR D 159 -13.87 -32.81 -21.51
C THR D 159 -14.43 -33.91 -22.44
N ILE D 160 -15.48 -34.61 -22.00
CA ILE D 160 -16.15 -35.66 -22.75
C ILE D 160 -16.91 -35.12 -23.97
N GLU D 161 -17.62 -33.99 -23.82
CA GLU D 161 -18.38 -33.34 -24.89
C GLU D 161 -17.38 -32.84 -25.97
N ASN D 162 -16.34 -32.10 -25.50
CA ASN D 162 -15.24 -31.53 -26.28
C ASN D 162 -14.20 -32.64 -26.65
N SER D 163 -14.68 -33.77 -27.25
CA SER D 163 -13.93 -34.98 -27.72
C SER D 163 -14.87 -36.11 -28.18
N PHE D 164 -14.42 -36.92 -29.14
CA PHE D 164 -15.23 -38.06 -29.56
C PHE D 164 -14.38 -39.32 -29.57
N VAL D 165 -14.12 -39.78 -28.33
CA VAL D 165 -13.30 -40.92 -27.93
C VAL D 165 -14.25 -42.06 -27.41
N GLY D 166 -15.53 -41.96 -27.76
CA GLY D 166 -16.59 -42.89 -27.39
C GLY D 166 -16.83 -43.05 -25.90
N TRP D 167 -16.68 -41.95 -25.13
CA TRP D 167 -16.88 -41.92 -23.67
C TRP D 167 -18.36 -42.10 -23.38
N GLU D 168 -18.69 -42.80 -22.31
CA GLU D 168 -20.07 -43.02 -21.91
C GLU D 168 -20.22 -42.90 -20.39
N LEU D 169 -20.68 -41.71 -19.94
CA LEU D 169 -20.92 -41.42 -18.53
C LEU D 169 -22.34 -41.92 -18.15
N GLU D 170 -22.39 -43.18 -17.66
CA GLU D 170 -23.60 -43.91 -17.32
C GLU D 170 -24.46 -43.30 -16.19
N GLU D 171 -23.83 -42.94 -15.06
CA GLU D 171 -24.53 -42.36 -13.91
C GLU D 171 -23.70 -41.32 -13.16
N VAL D 172 -24.37 -40.40 -12.46
CA VAL D 172 -23.72 -39.38 -11.64
C VAL D 172 -24.53 -39.36 -10.34
N LEU D 173 -23.95 -39.88 -9.25
CA LEU D 173 -24.66 -39.88 -7.97
C LEU D 173 -24.20 -38.76 -7.05
N LEU D 174 -25.16 -38.19 -6.29
CA LEU D 174 -24.90 -37.15 -5.28
C LEU D 174 -25.29 -37.75 -3.93
N LEU D 175 -24.30 -37.98 -3.08
CA LEU D 175 -24.55 -38.57 -1.78
C LEU D 175 -24.54 -37.49 -0.71
N ASP D 176 -25.65 -37.37 0.04
CA ASP D 176 -25.77 -36.37 1.10
C ASP D 176 -25.29 -37.02 2.41
N MET D 177 -24.07 -36.69 2.78
CA MET D 177 -23.40 -37.23 3.95
C MET D 177 -23.74 -36.49 5.24
N SER D 178 -24.35 -35.29 5.12
CA SER D 178 -24.75 -34.41 6.21
C SER D 178 -25.84 -34.99 7.14
N LEU D 179 -26.50 -36.09 6.71
CA LEU D 179 -27.55 -36.78 7.47
C LEU D 179 -27.10 -38.16 7.87
N ASP D 180 -27.75 -38.75 8.89
CA ASP D 180 -27.44 -40.11 9.32
C ASP D 180 -27.98 -41.08 8.26
N ASP D 181 -27.25 -42.19 8.00
CA ASP D 181 -27.73 -43.17 7.02
C ASP D 181 -28.27 -44.40 7.73
N GLY D 182 -29.47 -44.24 8.29
CA GLY D 182 -30.20 -45.31 8.98
C GLY D 182 -31.22 -45.97 8.07
N ASP D 183 -31.77 -45.14 7.17
CA ASP D 183 -32.77 -45.44 6.14
C ASP D 183 -32.19 -46.25 4.95
N SER D 184 -30.84 -46.38 4.89
CA SER D 184 -30.05 -47.04 3.84
C SER D 184 -30.25 -46.38 2.48
N LYS D 185 -30.26 -45.02 2.45
CA LYS D 185 -30.41 -44.25 1.21
C LYS D 185 -29.16 -44.38 0.34
N ILE D 186 -27.96 -44.21 0.94
CA ILE D 186 -26.69 -44.35 0.22
C ILE D 186 -26.60 -45.74 -0.45
N GLN D 187 -26.95 -46.82 0.30
CA GLN D 187 -26.95 -48.19 -0.20
C GLN D 187 -27.81 -48.36 -1.44
N ASN D 188 -29.01 -47.76 -1.41
CA ASN D 188 -29.95 -47.81 -2.52
C ASN D 188 -29.44 -47.01 -3.72
N GLN D 189 -28.74 -45.91 -3.47
CA GLN D 189 -28.15 -45.11 -4.54
C GLN D 189 -27.01 -45.90 -5.17
N LEU D 190 -26.12 -46.46 -4.35
CA LEU D 190 -24.97 -47.22 -4.84
C LEU D 190 -25.37 -48.44 -5.65
N LYS D 191 -26.57 -49.01 -5.38
CA LYS D 191 -27.10 -50.16 -6.12
C LYS D 191 -27.45 -49.77 -7.57
N LYS D 192 -27.64 -48.45 -7.83
CA LYS D 192 -27.92 -47.91 -9.15
C LYS D 192 -26.69 -48.08 -10.11
N LEU D 193 -25.46 -48.03 -9.55
CA LEU D 193 -24.19 -48.21 -10.29
C LEU D 193 -24.06 -49.56 -11.00
N GLN D 194 -23.67 -49.51 -12.29
CA GLN D 194 -23.49 -50.70 -13.17
C GLN D 194 -22.13 -50.66 -13.94
N SER D 195 -21.47 -49.48 -14.00
CA SER D 195 -20.20 -49.25 -14.72
C SER D 195 -18.99 -50.00 -14.18
N PRO D 196 -18.02 -50.41 -15.06
CA PRO D 196 -16.79 -51.03 -14.54
C PRO D 196 -15.84 -50.03 -13.87
N ILE D 197 -15.94 -48.72 -14.22
CA ILE D 197 -15.09 -47.67 -13.63
C ILE D 197 -15.92 -46.64 -12.88
N ILE D 198 -15.54 -46.34 -11.65
CA ILE D 198 -16.27 -45.34 -10.83
C ILE D 198 -15.29 -44.27 -10.35
N LEU D 199 -15.58 -43.00 -10.66
CA LEU D 199 -14.77 -41.86 -10.21
C LEU D 199 -15.45 -41.35 -8.95
N LEU D 200 -14.74 -41.41 -7.82
CA LEU D 200 -15.32 -41.00 -6.54
C LEU D 200 -14.69 -39.71 -6.04
N TYR D 201 -15.52 -38.66 -5.85
CA TYR D 201 -15.11 -37.34 -5.36
C TYR D 201 -15.79 -37.08 -4.00
N CYS D 202 -14.98 -37.06 -2.95
CA CYS D 202 -15.43 -36.89 -1.58
C CYS D 202 -14.18 -36.77 -0.71
N THR D 203 -14.33 -36.83 0.65
CA THR D 203 -13.23 -36.76 1.60
C THR D 203 -12.79 -38.16 1.98
N LYS D 204 -11.60 -38.31 2.59
CA LYS D 204 -11.10 -39.61 3.06
C LYS D 204 -12.07 -40.20 4.07
N GLU D 205 -12.65 -39.36 4.96
CA GLU D 205 -13.61 -39.80 5.97
C GLU D 205 -14.92 -40.31 5.33
N GLU D 206 -15.42 -39.59 4.33
CA GLU D 206 -16.63 -39.93 3.56
C GLU D 206 -16.41 -41.19 2.73
N ALA D 207 -15.24 -41.29 2.10
CA ALA D 207 -14.86 -42.41 1.27
C ALA D 207 -14.86 -43.72 2.06
N THR D 208 -14.42 -43.69 3.37
CA THR D 208 -14.40 -44.92 4.19
C THR D 208 -15.82 -45.46 4.35
N TYR D 209 -16.80 -44.54 4.60
CA TYR D 209 -18.21 -44.94 4.71
C TYR D 209 -18.72 -45.51 3.41
N ILE D 210 -18.62 -44.72 2.31
CA ILE D 210 -19.02 -45.06 0.93
C ILE D 210 -18.49 -46.43 0.51
N PHE D 211 -17.20 -46.72 0.76
CA PHE D 211 -16.56 -47.98 0.42
C PHE D 211 -17.14 -49.15 1.19
N GLU D 212 -17.41 -48.97 2.50
CA GLU D 212 -18.02 -49.98 3.37
C GLU D 212 -19.38 -50.35 2.79
N VAL D 213 -20.18 -49.33 2.44
CA VAL D 213 -21.50 -49.51 1.79
C VAL D 213 -21.30 -50.23 0.45
N ALA D 214 -20.40 -49.69 -0.43
CA ALA D 214 -20.08 -50.26 -1.76
C ALA D 214 -19.69 -51.77 -1.71
N ASN D 215 -18.95 -52.17 -0.66
CA ASN D 215 -18.49 -53.53 -0.49
C ASN D 215 -19.65 -54.45 -0.23
N SER D 216 -20.71 -53.94 0.45
CA SER D 216 -21.94 -54.69 0.78
C SER D 216 -22.71 -54.97 -0.47
N VAL D 217 -22.68 -54.04 -1.43
CA VAL D 217 -23.38 -54.16 -2.73
C VAL D 217 -22.46 -54.78 -3.86
N GLY D 218 -21.39 -55.46 -3.44
CA GLY D 218 -20.40 -56.10 -4.30
C GLY D 218 -19.90 -55.20 -5.40
N LEU D 219 -19.43 -54.02 -5.04
CA LEU D 219 -18.91 -53.08 -6.03
C LEU D 219 -17.41 -52.82 -5.87
N THR D 220 -16.76 -53.39 -4.85
CA THR D 220 -15.35 -53.14 -4.57
C THR D 220 -14.42 -54.20 -5.18
N GLY D 221 -14.96 -55.37 -5.54
CA GLY D 221 -14.20 -56.50 -6.10
C GLY D 221 -13.63 -56.34 -7.50
N TYR D 222 -13.34 -57.47 -8.18
CA TYR D 222 -12.85 -57.46 -9.57
C TYR D 222 -13.97 -56.97 -10.48
N GLY D 223 -13.58 -56.31 -11.57
CA GLY D 223 -14.55 -55.81 -12.54
C GLY D 223 -15.08 -54.45 -12.20
N TYR D 224 -14.68 -53.89 -11.04
CA TYR D 224 -15.04 -52.55 -10.59
C TYR D 224 -13.78 -51.87 -10.11
N THR D 225 -13.38 -50.82 -10.83
CA THR D 225 -12.21 -49.98 -10.55
C THR D 225 -12.67 -48.62 -10.08
N TRP D 226 -12.08 -48.17 -8.97
CA TRP D 226 -12.39 -46.87 -8.38
C TRP D 226 -11.22 -45.91 -8.52
N ILE D 227 -11.43 -44.82 -9.24
CA ILE D 227 -10.42 -43.77 -9.34
C ILE D 227 -10.87 -42.69 -8.37
N VAL D 228 -9.91 -42.19 -7.60
CA VAL D 228 -10.17 -41.24 -6.52
C VAL D 228 -9.19 -40.02 -6.53
N PRO D 229 -9.56 -38.82 -6.00
CA PRO D 229 -8.59 -37.71 -5.98
C PRO D 229 -7.68 -37.74 -4.73
N SER D 230 -6.57 -37.00 -4.81
CA SER D 230 -5.52 -36.81 -3.79
C SER D 230 -5.97 -36.86 -2.34
N LEU D 231 -7.04 -36.12 -2.01
CA LEU D 231 -7.55 -35.98 -0.65
C LEU D 231 -8.08 -37.31 -0.07
N VAL D 232 -8.63 -38.20 -0.92
CA VAL D 232 -9.10 -39.51 -0.43
C VAL D 232 -7.90 -40.39 -0.01
N ALA D 233 -6.79 -40.33 -0.77
CA ALA D 233 -5.61 -41.11 -0.41
C ALA D 233 -4.97 -40.47 0.83
N GLY D 234 -4.78 -39.14 0.78
CA GLY D 234 -4.20 -38.33 1.85
C GLY D 234 -2.88 -38.88 2.33
N ASP D 235 -2.74 -39.05 3.66
CA ASP D 235 -1.56 -39.63 4.28
C ASP D 235 -1.55 -41.08 3.81
N THR D 236 -0.61 -41.42 2.89
CA THR D 236 -0.52 -42.78 2.30
C THR D 236 -0.17 -43.84 3.33
N ASP D 237 0.26 -43.40 4.53
CA ASP D 237 0.62 -44.24 5.67
C ASP D 237 -0.59 -44.57 6.53
N THR D 238 -1.74 -43.92 6.26
CA THR D 238 -3.00 -44.22 6.93
C THR D 238 -3.92 -44.79 5.89
N VAL D 239 -4.02 -46.13 5.88
CA VAL D 239 -4.86 -46.83 4.89
C VAL D 239 -6.08 -47.43 5.56
N PRO D 240 -7.27 -46.78 5.46
CA PRO D 240 -8.48 -47.38 6.07
C PRO D 240 -8.74 -48.80 5.57
N ALA D 241 -9.11 -49.70 6.48
CA ALA D 241 -9.38 -51.08 6.14
C ALA D 241 -10.49 -51.21 5.06
N GLU D 242 -11.45 -50.25 5.07
CA GLU D 242 -12.58 -50.26 4.15
C GLU D 242 -12.21 -49.84 2.72
N PHE D 243 -10.97 -49.32 2.51
CA PHE D 243 -10.51 -48.96 1.16
C PHE D 243 -10.35 -50.25 0.32
N PRO D 244 -10.86 -50.28 -0.94
CA PRO D 244 -10.71 -51.52 -1.72
C PRO D 244 -9.33 -51.69 -2.32
N THR D 245 -8.81 -52.94 -2.28
CA THR D 245 -7.53 -53.27 -2.93
C THR D 245 -7.77 -53.06 -4.45
N GLY D 246 -6.87 -52.34 -5.10
CA GLY D 246 -6.98 -52.01 -6.51
C GLY D 246 -7.51 -50.60 -6.71
N LEU D 247 -7.54 -49.80 -5.61
CA LEU D 247 -7.99 -48.41 -5.63
C LEU D 247 -6.91 -47.57 -6.27
N ILE D 248 -7.28 -46.77 -7.29
CA ILE D 248 -6.35 -45.87 -8.00
C ILE D 248 -6.54 -44.47 -7.48
N SER D 249 -5.43 -43.77 -7.23
CA SER D 249 -5.49 -42.38 -6.76
C SER D 249 -4.37 -41.57 -7.37
N VAL D 250 -4.52 -40.25 -7.28
CA VAL D 250 -3.51 -39.27 -7.69
C VAL D 250 -2.92 -38.76 -6.36
N SER D 251 -1.60 -38.53 -6.30
CA SER D 251 -0.97 -38.02 -5.06
C SER D 251 0.10 -37.01 -5.39
N TYR D 252 0.24 -35.94 -4.56
CA TYR D 252 1.27 -34.93 -4.78
C TYR D 252 2.56 -35.50 -4.19
N ASP D 253 3.49 -35.94 -5.08
CA ASP D 253 4.75 -36.67 -4.81
C ASP D 253 5.51 -36.24 -3.54
N GLU D 254 5.09 -36.86 -2.42
CA GLU D 254 5.66 -36.77 -1.09
C GLU D 254 7.05 -37.43 -1.21
N TRP D 255 7.18 -38.27 -2.27
CA TRP D 255 8.35 -39.05 -2.68
C TRP D 255 9.58 -38.18 -3.07
N ASP D 256 9.46 -37.33 -4.13
CA ASP D 256 10.57 -36.51 -4.63
C ASP D 256 10.57 -35.04 -4.21
N TYR D 257 9.39 -34.50 -3.89
CA TYR D 257 9.25 -33.12 -3.42
C TYR D 257 9.04 -33.17 -1.90
N GLY D 258 10.16 -33.27 -1.20
CA GLY D 258 10.22 -33.39 0.25
C GLY D 258 9.77 -32.17 1.00
N LEU D 259 9.45 -32.36 2.29
CA LEU D 259 9.07 -31.23 3.14
C LEU D 259 10.15 -30.12 3.17
N PRO D 260 11.49 -30.40 3.34
CA PRO D 260 12.47 -29.30 3.34
C PRO D 260 12.51 -28.48 2.05
N ALA D 261 12.34 -29.14 0.88
CA ALA D 261 12.30 -28.46 -0.41
C ALA D 261 11.08 -27.54 -0.45
N ARG D 262 9.92 -28.05 0.00
CA ARG D 262 8.66 -27.32 0.06
C ARG D 262 8.76 -26.10 0.96
N VAL D 263 9.35 -26.24 2.16
CA VAL D 263 9.52 -25.12 3.09
C VAL D 263 10.39 -24.04 2.41
N ARG D 264 11.54 -24.43 1.84
CA ARG D 264 12.48 -23.55 1.12
C ARG D 264 11.73 -22.79 0.02
N ASP D 265 10.94 -23.52 -0.79
CA ASP D 265 10.16 -22.92 -1.87
C ASP D 265 9.07 -21.98 -1.34
N GLY D 266 8.46 -22.36 -0.22
CA GLY D 266 7.49 -21.51 0.47
C GLY D 266 8.14 -20.20 0.91
N ILE D 267 9.35 -20.27 1.53
CA ILE D 267 10.10 -19.09 1.99
C ILE D 267 10.51 -18.23 0.80
N ALA D 268 10.89 -18.88 -0.32
CA ALA D 268 11.29 -18.22 -1.57
C ALA D 268 10.14 -17.41 -2.15
N ILE D 269 8.90 -18.00 -2.16
CA ILE D 269 7.70 -17.39 -2.71
C ILE D 269 7.34 -16.07 -1.99
N ILE D 270 7.29 -16.07 -0.65
CA ILE D 270 6.98 -14.89 0.16
C ILE D 270 8.05 -13.81 0.00
N THR D 271 9.36 -14.20 0.08
CA THR D 271 10.51 -13.30 -0.05
C THR D 271 10.54 -12.64 -1.43
N THR D 272 10.45 -13.43 -2.52
CA THR D 272 10.47 -12.85 -3.85
C THR D 272 9.30 -11.93 -4.02
N ALA D 273 8.06 -12.40 -3.73
CA ALA D 273 6.86 -11.55 -3.80
C ALA D 273 7.07 -10.18 -3.13
N ALA D 274 7.54 -10.16 -1.86
CA ALA D 274 7.84 -8.95 -1.07
C ALA D 274 8.93 -8.09 -1.74
N SER D 275 10.06 -8.70 -2.17
CA SER D 275 11.14 -7.98 -2.88
C SER D 275 10.60 -7.28 -4.14
N ASP D 276 9.81 -8.02 -4.96
CA ASP D 276 9.19 -7.58 -6.20
C ASP D 276 8.27 -6.43 -5.95
N MET D 277 7.44 -6.51 -4.87
CA MET D 277 6.49 -5.43 -4.55
C MET D 277 7.23 -4.15 -4.16
N LEU D 278 8.24 -4.27 -3.27
CA LEU D 278 9.13 -3.22 -2.75
C LEU D 278 9.90 -2.55 -3.89
N SER D 279 10.53 -3.36 -4.77
CA SER D 279 11.30 -2.84 -5.90
C SER D 279 10.39 -2.38 -7.08
N GLU D 280 9.10 -2.10 -6.80
CA GLU D 280 8.14 -1.62 -7.79
C GLU D 280 7.24 -0.55 -7.26
N HIS D 281 6.84 -0.67 -5.99
CA HIS D 281 5.93 0.28 -5.35
C HIS D 281 6.55 1.09 -4.24
N SER D 282 7.85 0.84 -3.95
CA SER D 282 8.65 1.50 -2.91
C SER D 282 8.04 1.28 -1.50
N PHE D 283 7.34 0.14 -1.33
CA PHE D 283 6.70 -0.27 -0.09
C PHE D 283 6.21 -1.71 -0.15
N ILE D 284 5.97 -2.29 1.03
CA ILE D 284 5.42 -3.63 1.26
C ILE D 284 4.23 -3.49 2.24
N PRO D 285 3.31 -4.48 2.33
CA PRO D 285 2.21 -4.32 3.26
C PRO D 285 2.68 -4.53 4.68
N GLU D 286 2.17 -3.70 5.58
CA GLU D 286 2.57 -3.79 6.96
C GLU D 286 1.93 -4.95 7.69
N PRO D 287 2.76 -5.86 8.26
CA PRO D 287 2.21 -6.94 9.07
C PRO D 287 1.49 -6.37 10.29
N LYS D 288 0.18 -6.48 10.23
CA LYS D 288 -0.80 -6.12 11.24
C LYS D 288 -0.51 -6.98 12.47
N SER D 289 -0.41 -6.31 13.64
CA SER D 289 -0.03 -6.95 14.89
C SER D 289 -1.21 -7.49 15.70
N SER D 290 -2.41 -7.55 15.09
CA SER D 290 -3.59 -8.06 15.79
C SER D 290 -4.62 -8.70 14.86
N CYS D 291 -5.37 -9.66 15.42
CA CYS D 291 -6.48 -10.33 14.77
C CYS D 291 -7.76 -9.69 15.30
N TYR D 292 -7.63 -8.90 16.36
CA TYR D 292 -8.74 -8.30 17.10
C TYR D 292 -9.00 -6.84 16.69
N ASN D 293 -8.33 -6.37 15.62
CA ASN D 293 -8.44 -5.01 15.07
C ASN D 293 -8.81 -5.03 13.58
N THR D 294 -8.87 -6.23 12.96
CA THR D 294 -9.14 -6.45 11.52
C THR D 294 -10.23 -5.51 10.93
N HIS D 295 -11.34 -5.34 11.67
CA HIS D 295 -12.50 -4.51 11.32
C HIS D 295 -12.21 -3.00 11.10
N GLU D 296 -11.61 -2.24 12.05
CA GLU D 296 -11.35 -0.80 11.82
C GLU D 296 -9.87 -0.55 11.44
N LYS D 297 -9.47 -1.17 10.33
CA LYS D 297 -8.10 -1.19 9.84
C LYS D 297 -8.11 -1.65 8.39
N ARG D 298 -9.25 -2.19 7.90
CA ARG D 298 -9.37 -2.79 6.57
C ARG D 298 -9.26 -1.78 5.40
N ILE D 299 -9.67 -0.49 5.58
CA ILE D 299 -9.55 0.54 4.52
C ILE D 299 -8.09 0.81 4.17
N TYR D 300 -7.16 0.36 5.02
CA TYR D 300 -5.73 0.55 4.87
C TYR D 300 -5.03 -0.66 4.31
N GLN D 301 -5.72 -1.81 4.29
CA GLN D 301 -5.19 -3.11 3.83
C GLN D 301 -5.87 -3.57 2.54
N SER D 302 -5.21 -4.51 1.82
CA SER D 302 -5.66 -5.15 0.58
C SER D 302 -4.86 -6.45 0.31
N ASN D 303 -5.27 -7.22 -0.70
CA ASN D 303 -4.55 -8.45 -1.09
C ASN D 303 -3.57 -8.17 -2.27
N MET D 304 -2.99 -6.94 -2.31
CA MET D 304 -2.09 -6.47 -3.35
C MET D 304 -0.91 -7.42 -3.60
N LEU D 305 -0.34 -8.01 -2.52
CA LEU D 305 0.80 -8.91 -2.67
C LEU D 305 0.52 -10.11 -3.55
N ASN D 306 -0.79 -10.46 -3.73
CA ASN D 306 -1.17 -11.64 -4.51
C ASN D 306 -0.62 -11.64 -5.93
N ARG D 307 -0.59 -10.46 -6.59
CA ARG D 307 -0.06 -10.38 -7.96
C ARG D 307 1.41 -10.79 -8.05
N TYR D 308 2.12 -10.67 -6.93
CA TYR D 308 3.51 -11.06 -6.85
C TYR D 308 3.68 -12.53 -6.37
N LEU D 309 2.83 -12.99 -5.42
CA LEU D 309 2.90 -14.33 -4.85
C LEU D 309 2.54 -15.40 -5.88
N ILE D 310 1.66 -15.03 -6.83
CA ILE D 310 1.12 -15.89 -7.88
C ILE D 310 2.09 -16.19 -9.06
N ASN D 311 3.13 -15.38 -9.23
CA ASN D 311 4.04 -15.34 -10.36
C ASN D 311 5.52 -15.70 -10.05
N VAL D 312 5.82 -16.11 -8.80
CA VAL D 312 7.20 -16.40 -8.33
C VAL D 312 7.93 -17.44 -9.20
N THR D 313 9.15 -17.06 -9.62
CA THR D 313 10.06 -17.89 -10.41
C THR D 313 11.38 -18.03 -9.65
N PHE D 314 11.69 -19.26 -9.19
CA PHE D 314 12.90 -19.55 -8.43
C PHE D 314 14.00 -20.10 -9.35
N GLU D 315 13.73 -21.25 -10.00
CA GLU D 315 14.62 -21.92 -10.95
C GLU D 315 13.79 -22.62 -12.02
N ASP D 318 9.82 -22.25 -11.85
CA ASP D 318 8.47 -21.69 -11.98
C ASP D 318 7.50 -22.23 -10.91
N LEU D 319 7.47 -21.56 -9.73
CA LEU D 319 6.63 -21.94 -8.60
C LEU D 319 5.26 -21.24 -8.65
N SER D 320 4.83 -20.77 -9.84
CA SER D 320 3.57 -20.05 -9.99
C SER D 320 2.34 -20.84 -9.59
N PHE D 321 1.33 -20.11 -9.08
CA PHE D 321 0.03 -20.62 -8.67
C PHE D 321 -1.02 -20.29 -9.71
N SER D 322 -2.11 -21.04 -9.68
CA SER D 322 -3.29 -20.90 -10.51
C SER D 322 -4.05 -19.65 -10.04
N GLU D 323 -5.08 -19.21 -10.79
CA GLU D 323 -5.90 -18.07 -10.39
C GLU D 323 -6.69 -18.41 -9.11
N ASP D 324 -6.91 -19.71 -8.85
CA ASP D 324 -7.64 -20.23 -7.69
C ASP D 324 -6.72 -20.66 -6.55
N GLY D 325 -5.44 -20.36 -6.73
CA GLY D 325 -4.39 -20.63 -5.76
C GLY D 325 -4.08 -22.08 -5.48
N TYR D 326 -3.64 -22.82 -6.53
CA TYR D 326 -3.16 -24.22 -6.56
C TYR D 326 -1.89 -24.28 -7.42
N GLN D 327 -0.96 -25.22 -7.17
CA GLN D 327 0.26 -25.33 -7.98
C GLN D 327 -0.13 -25.47 -9.48
N MET D 328 0.36 -24.51 -10.33
CA MET D 328 0.11 -24.43 -11.78
C MET D 328 0.58 -25.69 -12.53
N HIS D 329 1.82 -26.11 -12.26
CA HIS D 329 2.37 -27.27 -12.94
C HIS D 329 2.89 -28.27 -11.91
N PRO D 330 2.00 -29.11 -11.38
CA PRO D 330 2.44 -30.06 -10.34
C PRO D 330 2.96 -31.35 -10.93
N LYS D 331 3.81 -32.03 -10.17
CA LYS D 331 4.32 -33.35 -10.52
C LYS D 331 3.44 -34.36 -9.74
N LEU D 332 2.38 -34.85 -10.40
CA LEU D 332 1.51 -35.80 -9.75
C LEU D 332 2.00 -37.22 -9.93
N VAL D 333 1.65 -38.08 -8.98
CA VAL D 333 2.04 -39.48 -8.97
C VAL D 333 0.77 -40.31 -8.91
N ILE D 334 0.66 -41.29 -9.82
CA ILE D 334 -0.50 -42.18 -9.83
C ILE D 334 -0.16 -43.35 -8.95
N ILE D 335 -1.04 -43.60 -7.98
CA ILE D 335 -0.78 -44.64 -7.00
C ILE D 335 -1.87 -45.70 -6.96
N LEU D 336 -1.47 -46.94 -6.67
CA LEU D 336 -2.37 -48.08 -6.60
C LEU D 336 -2.24 -48.74 -5.23
N LEU D 337 -3.38 -49.02 -4.59
CA LEU D 337 -3.43 -49.68 -3.28
C LEU D 337 -3.31 -51.19 -3.51
N ASN D 338 -2.11 -51.78 -3.29
CA ASN D 338 -1.84 -53.20 -3.56
C ASN D 338 -2.44 -54.20 -2.52
N LYS D 339 -2.18 -55.52 -2.76
CA LYS D 339 -2.64 -56.63 -1.92
C LYS D 339 -2.10 -56.54 -0.49
N GLU D 340 -0.84 -56.08 -0.33
CA GLU D 340 -0.20 -55.88 0.98
C GLU D 340 -0.70 -54.56 1.62
N ARG D 341 -1.88 -54.08 1.16
CA ARG D 341 -2.58 -52.87 1.62
C ARG D 341 -1.65 -51.64 1.80
N LYS D 342 -0.76 -51.46 0.80
CA LYS D 342 0.23 -50.39 0.71
C LYS D 342 0.09 -49.65 -0.61
N TRP D 343 0.32 -48.34 -0.59
CA TRP D 343 0.23 -47.53 -1.79
C TRP D 343 1.51 -47.68 -2.63
N GLU D 344 1.34 -48.03 -3.91
CA GLU D 344 2.39 -48.28 -4.87
C GLU D 344 2.37 -47.24 -5.97
N ARG D 345 3.54 -46.78 -6.47
CA ARG D 345 3.62 -45.85 -7.59
C ARG D 345 3.38 -46.65 -8.86
N VAL D 346 2.43 -46.23 -9.69
CA VAL D 346 2.07 -46.94 -10.93
C VAL D 346 2.13 -46.03 -12.18
N GLY D 347 2.50 -44.77 -11.97
CA GLY D 347 2.61 -43.76 -13.01
C GLY D 347 2.97 -42.39 -12.51
N LYS D 348 3.31 -41.50 -13.47
CA LYS D 348 3.74 -40.11 -13.25
C LYS D 348 2.96 -39.16 -14.15
N TRP D 349 2.49 -38.05 -13.57
CA TRP D 349 1.83 -36.99 -14.32
C TRP D 349 2.82 -35.85 -14.46
N LYS D 350 3.00 -35.37 -15.68
CA LYS D 350 3.97 -34.32 -15.92
C LYS D 350 3.36 -33.10 -16.61
N ASP D 351 3.92 -32.77 -17.78
CA ASP D 351 3.55 -31.66 -18.64
C ASP D 351 2.45 -32.15 -19.59
N LYS D 352 1.18 -32.11 -19.08
CA LYS D 352 -0.04 -32.57 -19.77
C LYS D 352 0.14 -34.00 -20.37
N SER D 353 1.20 -34.71 -19.89
CA SER D 353 1.58 -36.05 -20.30
C SER D 353 1.48 -36.99 -19.12
N LEU D 354 1.04 -38.22 -19.38
CA LEU D 354 0.90 -39.27 -18.40
C LEU D 354 1.76 -40.44 -18.84
N GLN D 355 2.71 -40.86 -17.98
CA GLN D 355 3.60 -42.00 -18.24
C GLN D 355 3.24 -43.08 -17.22
N MET D 356 2.75 -44.23 -17.73
CA MET D 356 2.28 -45.32 -16.86
C MET D 356 3.22 -46.50 -16.81
N LYS D 357 3.31 -47.16 -15.63
CA LYS D 357 4.19 -48.31 -15.39
C LYS D 357 3.79 -49.51 -16.27
N TYR D 358 2.49 -49.88 -16.24
CA TYR D 358 1.95 -51.03 -16.96
C TYR D 358 1.29 -50.66 -18.30
N TYR D 359 1.46 -51.52 -19.32
CA TYR D 359 0.76 -51.33 -20.60
C TYR D 359 -0.55 -52.09 -20.54
N VAL D 360 -0.54 -53.25 -19.84
CA VAL D 360 -1.71 -54.08 -19.54
C VAL D 360 -1.93 -53.93 -18.06
N TRP D 361 -3.11 -53.42 -17.71
CA TRP D 361 -3.46 -53.17 -16.33
C TRP D 361 -3.59 -54.47 -15.54
N PRO D 362 -2.85 -54.60 -14.43
CA PRO D 362 -2.89 -55.86 -13.67
C PRO D 362 -4.08 -55.99 -12.71
N ARG D 363 -4.56 -57.25 -12.57
CA ARG D 363 -5.68 -57.71 -11.74
C ARG D 363 -5.41 -57.59 -10.23
N MET D 364 -6.28 -56.81 -9.52
CA MET D 364 -6.16 -56.54 -8.08
C MET D 364 -7.36 -57.07 -7.30
C1 NAG E . 53.68 19.56 -0.92
C2 NAG E . 54.08 20.39 0.30
C3 NAG E . 54.66 21.73 -0.18
C4 NAG E . 55.80 21.49 -1.16
C5 NAG E . 55.37 20.54 -2.28
C6 NAG E . 56.51 20.14 -3.21
C7 NAG E . 52.67 19.86 2.26
C8 NAG E . 51.30 20.02 2.85
N2 NAG E . 52.92 20.61 1.16
O3 NAG E . 55.16 22.46 0.95
O4 NAG E . 56.23 22.72 -1.71
O5 NAG E . 54.85 19.33 -1.72
O6 NAG E . 57.71 19.87 -2.50
O7 NAG E . 53.50 19.08 2.72
C1 NAG E . 57.54 23.12 -1.47
C2 NAG E . 57.80 24.38 -2.30
C3 NAG E . 59.26 24.77 -2.09
C4 NAG E . 59.60 24.91 -0.61
C5 NAG E . 59.11 23.71 0.20
C6 NAG E . 59.22 23.88 1.70
C7 NAG E . 56.44 24.43 -4.35
C8 NAG E . 56.13 23.68 -5.61
N2 NAG E . 57.54 24.06 -3.69
O3 NAG E . 59.43 26.03 -2.75
O4 NAG E . 61.00 24.97 -0.45
O5 NAG E . 57.74 23.44 -0.10
O6 NAG E . 58.22 24.76 2.22
O7 NAG E . 55.71 25.33 -3.93
C1 BMA E . 61.61 26.24 -0.47
C2 BMA E . 62.91 26.19 0.32
C3 BMA E . 63.54 27.58 0.30
C4 BMA E . 63.73 28.10 -1.12
C5 BMA E . 62.45 27.97 -1.94
C6 BMA E . 62.64 28.19 -3.43
O2 BMA E . 63.78 25.20 -0.22
O3 BMA E . 64.76 27.57 1.06
O4 BMA E . 64.06 29.48 -1.09
O5 BMA E . 61.89 26.65 -1.81
O6 BMA E . 61.49 27.78 -4.17
C1 MAN E . 64.84 28.18 2.38
C2 MAN E . 66.33 28.18 2.80
C3 MAN E . 66.80 26.76 3.13
C4 MAN E . 65.89 26.03 4.09
C5 MAN E . 64.45 26.10 3.55
C6 MAN E . 63.40 25.47 4.45
O2 MAN E . 66.59 29.12 3.84
O3 MAN E . 68.14 26.75 3.64
O4 MAN E . 66.32 24.67 4.12
O5 MAN E . 64.06 27.47 3.35
O6 MAN E . 62.09 25.65 3.92
C1 MAN E . 61.54 28.03 -5.55
C2 MAN E . 60.13 28.39 -6.02
C3 MAN E . 59.20 27.18 -5.94
C4 MAN E . 59.79 25.95 -6.63
C5 MAN E . 61.21 25.69 -6.14
C6 MAN E . 61.91 24.60 -6.90
O2 MAN E . 60.18 28.95 -7.33
O3 MAN E . 57.90 27.46 -6.44
O4 MAN E . 58.99 24.81 -6.34
O5 MAN E . 62.01 26.88 -6.27
O6 MAN E . 62.28 25.01 -8.21
NA NA F . 29.42 26.76 1.21
C1 NAG G . 42.58 10.10 14.42
C2 NAG G . 43.76 9.14 14.49
C3 NAG G . 44.29 9.11 15.92
C4 NAG G . 44.56 10.50 16.49
C5 NAG G . 43.63 11.61 16.00
C6 NAG G . 44.34 12.95 15.97
C7 NAG G . 43.89 7.01 13.26
C8 NAG G . 43.11 5.81 12.81
N2 NAG G . 43.26 7.83 14.11
O3 NAG G . 45.54 8.41 15.90
O4 NAG G . 44.40 10.44 17.90
O5 NAG G . 43.16 11.38 14.66
O6 NAG G . 43.47 14.04 16.21
O7 NAG G . 45.04 7.23 12.85
N3 5SL H . 17.80 28.82 0.58
C4 5SL H . 14.00 24.52 8.33
N2 5SL H . 15.47 27.28 6.19
C7 5SL H . 13.47 22.24 6.90
C6 5SL H . 13.30 23.48 6.32
C9 5SL H . 14.66 26.41 5.70
C13 5SL H . 17.03 26.48 0.75
C20 5SL H . 16.38 31.93 1.35
C8 5SL H . 13.40 26.00 6.39
N5 5SL H . 19.09 33.07 -0.68
C18 5SL H . 19.58 31.00 -0.96
C16 5SL H . 17.58 30.15 0.58
C19 5SL H . 18.13 32.41 -0.01
C1 5SL H . 14.02 20.75 8.87
C2 5SL H . 13.90 22.11 8.21
C3 5SL H . 14.18 23.27 8.91
C5 5SL H . 13.56 24.65 7.03
N1 5SL H . 15.10 25.80 4.55
C10 5SL H . 16.25 26.35 4.35
O1 5SL H . 16.57 27.24 5.30
C11 5SL H . 17.22 26.20 3.18
C12 5SL H . 16.51 25.61 1.92
C14 5SL H . 17.04 27.85 1.35
C15 5SL H . 17.64 27.59 2.72
C17 5SL H . 18.43 31.03 -0.15
N4 5SL H . 19.98 32.22 -1.27
N6 5SL H . 17.09 32.87 0.73
N7 5SL H . 16.55 30.60 1.33
NA NA I . 43.26 31.00 28.13
NA NA J . 55.30 4.55 -6.09
C1 NAG K . -2.08 31.61 20.37
C2 NAG K . -1.90 30.87 21.69
C3 NAG K . -3.28 30.84 22.33
C4 NAG K . -3.87 32.24 22.46
C5 NAG K . -3.91 32.96 21.12
C6 NAG K . -4.29 34.44 21.23
C7 NAG K . -0.59 28.84 22.28
C8 NAG K . 0.05 27.61 21.72
N2 NAG K . -1.41 29.52 21.45
O3 NAG K . -3.20 30.20 23.60
O4 NAG K . -5.18 32.17 23.02
O5 NAG K . -2.61 32.93 20.50
O6 NAG K . -5.61 34.62 21.70
O7 NAG K . -0.37 29.22 23.42
C1 NAG L . -6.72 12.85 -14.82
C2 NAG L . -6.09 11.71 -15.63
C3 NAG L . -7.15 11.05 -16.52
C4 NAG L . -8.36 10.64 -15.69
C5 NAG L . -8.93 11.84 -14.93
C6 NAG L . -10.07 11.49 -14.00
C7 NAG L . -3.69 11.87 -16.27
C8 NAG L . -2.73 12.49 -17.23
N2 NAG L . -4.99 12.22 -16.43
O3 NAG L . -6.59 9.91 -17.18
O4 NAG L . -9.36 10.06 -16.54
O5 NAG L . -7.90 12.42 -14.12
O6 NAG L . -11.31 11.41 -14.67
O7 NAG L . -3.34 11.10 -15.38
NA NA M . -9.40 -2.69 1.86
NA NA N . 8.80 3.12 1.31
NA NA O . -28.38 -25.39 4.72
C1 NAG P . -42.81 -8.91 16.89
C2 NAG P . -42.71 -9.31 18.36
C3 NAG P . -43.90 -8.62 19.03
C4 NAG P . -43.90 -7.12 18.81
C5 NAG P . -43.81 -6.80 17.31
C6 NAG P . -43.55 -5.35 17.02
C7 NAG P . -42.31 -11.24 19.83
C8 NAG P . -42.66 -12.67 20.10
N2 NAG P . -42.73 -10.74 18.66
O3 NAG P . -43.87 -8.89 20.43
O4 NAG P . -45.08 -6.52 19.35
O5 NAG P . -42.69 -7.50 16.78
O6 NAG P . -43.32 -5.18 15.63
O7 NAG P . -41.71 -10.56 20.64
N3 5SL Q . -17.69 -28.51 3.78
C4 5SL Q . -13.69 -23.75 11.00
N2 5SL Q . -15.12 -26.78 9.09
C7 5SL Q . -13.18 -21.52 9.47
C6 5SL Q . -13.04 -22.79 8.92
C9 5SL Q . -14.44 -25.82 8.54
C13 5SL Q . -17.23 -26.09 3.87
C20 5SL Q . -16.08 -31.51 4.65
C8 5SL Q . -13.15 -25.30 9.10
N5 5SL Q . -18.76 -32.88 2.71
C18 5SL Q . -19.36 -30.86 2.34
C16 5SL Q . -17.39 -29.83 3.83
C19 5SL Q . -17.83 -32.15 3.38
C1 5SL Q . -13.68 -19.95 11.38
C2 5SL Q . -13.57 -21.33 10.78
C3 5SL Q . -13.82 -22.48 11.54
C5 5SL Q . -13.29 -23.92 9.69
N1 5SL Q . -15.04 -25.25 7.46
C10 5SL Q . -16.14 -25.90 7.34
O1 5SL Q . -16.28 -26.85 8.29
C11 5SL Q . -17.21 -25.80 6.32
C12 5SL Q . -16.76 -25.13 4.98
C14 5SL Q . -17.00 -27.43 4.47
C15 5SL Q . -17.55 -27.23 5.87
C17 5SL Q . -18.21 -30.79 3.16
N4 5SL Q . -19.68 -32.11 2.08
N6 5SL Q . -16.77 -32.53 4.11
N7 5SL Q . -16.31 -30.20 4.57
C1 NAG R . 2.34 -28.83 23.28
C2 NAG R . 3.59 -29.71 23.31
C3 NAG R . 4.02 -29.47 24.76
C4 NAG R . 4.38 -28.01 25.00
C5 NAG R . 3.23 -27.09 24.63
C6 NAG R . 3.60 -25.62 24.57
C7 NAG R . 4.08 -32.04 22.62
C8 NAG R . 3.43 -33.26 22.04
N2 NAG R . 3.24 -31.10 23.09
O3 NAG R . 5.11 -30.33 25.13
O4 NAG R . 4.75 -27.81 26.37
O5 NAG R . 2.70 -27.44 23.33
O6 NAG R . 4.00 -25.11 25.83
O7 NAG R . 5.30 -31.91 22.66
C1 NAG S . 4.44 -11.52 -13.61
C2 NAG S . 5.60 -11.93 -14.52
C3 NAG S . 5.53 -11.02 -15.74
C4 NAG S . 4.15 -11.07 -16.41
C5 NAG S . 3.06 -10.72 -15.39
C6 NAG S . 1.66 -10.86 -15.93
C7 NAG S . 7.72 -12.76 -13.54
C8 NAG S . 8.99 -12.36 -12.83
N2 NAG S . 6.86 -11.76 -13.82
O3 NAG S . 6.54 -11.38 -16.68
O4 NAG S . 4.11 -10.16 -17.50
O5 NAG S . 3.16 -11.61 -14.25
O6 NAG S . 1.25 -9.69 -16.64
O7 NAG S . 7.49 -13.92 -13.84
#